data_3DW4
# 
_entry.id   3DW4 
# 
_audit_conform.dict_name       mmcif_pdbx.dic 
_audit_conform.dict_version    5.377 
_audit_conform.dict_location   http://mmcif.pdb.org/dictionaries/ascii/mmcif_pdbx.dic 
# 
loop_
_database_2.database_id 
_database_2.database_code 
_database_2.pdbx_database_accession 
_database_2.pdbx_DOI 
PDB   3DW4         pdb_00003dw4 10.2210/pdb3dw4/pdb 
NDB   UR0162       ?            ?                   
RCSB  RCSB048562   ?            ?                   
WWPDB D_1000048562 ?            ?                   
# 
loop_
_pdbx_database_related.db_name 
_pdbx_database_related.db_id 
_pdbx_database_related.details 
_pdbx_database_related.content_type 
PDB 1q9a 'Crystal structure of the sarcin/ricin domain from E.coli 23S rRNA at 1.04 resolution' unspecified 
PDB 3DVZ .                                                                                      unspecified 
PDB 3DW5 .                                                                                      unspecified 
PDB 3DW6 .                                                                                      unspecified 
PDB 3DW7 .                                                                                      unspecified 
PDB 483D .                                                                                      unspecified 
# 
_pdbx_database_status.entry_id                        3DW4 
_pdbx_database_status.deposit_site                    RCSB 
_pdbx_database_status.process_site                    RCSB 
_pdbx_database_status.recvd_initial_deposition_date   2008-07-21 
_pdbx_database_status.status_code                     REL 
_pdbx_database_status.status_code_sf                  REL 
_pdbx_database_status.status_code_mr                  ? 
_pdbx_database_status.SG_entry                        ? 
_pdbx_database_status.pdb_format_compatible           Y 
_pdbx_database_status.status_code_cs                  ? 
_pdbx_database_status.methods_development_category    ? 
_pdbx_database_status.status_code_nmr_data            ? 
# 
loop_
_audit_author.name 
_audit_author.pdbx_ordinal 
'Olieric, V.'        1 
'Rieder, U.'         2 
'Lang, K.'           3 
'Serganov, A.'       4 
'Schulze-Briese, C.' 5 
'Micura, R.'         6 
'Dumas, P.'          7 
'Ennifar, E.'        8 
# 
_citation.id                        primary 
_citation.title                     'A fast selenium derivatization strategy for crystallization and phasing of RNA structures.' 
_citation.journal_abbrev            Rna 
_citation.journal_volume            15 
_citation.page_first                707 
_citation.page_last                 715 
_citation.year                      2009 
_citation.journal_id_ASTM           RNARFU 
_citation.country                   UK 
_citation.journal_id_ISSN           1355-8382 
_citation.journal_id_CSD            2122 
_citation.book_publisher            ? 
_citation.pdbx_database_id_PubMed   19228585 
_citation.pdbx_database_id_DOI      10.1261/rna.1499309 
# 
loop_
_citation_author.citation_id 
_citation_author.name 
_citation_author.ordinal 
_citation_author.identifier_ORCID 
primary 'Olieric, V.'        1 ? 
primary 'Rieder, U.'         2 ? 
primary 'Lang, K.'           3 ? 
primary 'Serganov, A.'       4 ? 
primary 'Schulze-Briese, C.' 5 ? 
primary 'Micura, R.'         6 ? 
primary 'Dumas, P.'          7 ? 
primary 'Ennifar, E.'        8 ? 
# 
_cell.entry_id           3DW4 
_cell.length_a           29.630 
_cell.length_b           29.630 
_cell.length_c           76.330 
_cell.angle_alpha        90.00 
_cell.angle_beta         90.00 
_cell.angle_gamma        90.00 
_cell.Z_PDB              4 
_cell.pdbx_unique_axis   ? 
# 
_symmetry.entry_id                         3DW4 
_symmetry.space_group_name_H-M             'P 43' 
_symmetry.pdbx_full_space_group_name_H-M   ? 
_symmetry.cell_setting                     ? 
_symmetry.Int_Tables_number                78 
# 
loop_
_entity.id 
_entity.type 
_entity.src_method 
_entity.pdbx_description 
_entity.formula_weight 
_entity.pdbx_number_of_molecules 
_entity.pdbx_ec 
_entity.pdbx_mutation 
_entity.pdbx_fragment 
_entity.details 
1 polymer     syn 'Sarcin/Ricin Domain from E. Coli 23 S rRNA' 8758.282 1   ? ? ? ? 
2 non-polymer syn GLYCEROL                                     92.094   1   ? ? ? ? 
3 water       nat water                                        18.015   178 ? ? ? ? 
# 
_entity_poly.entity_id                      1 
_entity_poly.type                           polyribonucleotide 
_entity_poly.nstd_linkage                   no 
_entity_poly.nstd_monomer                   yes 
_entity_poly.pdbx_seq_one_letter_code       'UGC(OMU)CCUAGUACGAGAGGACCGGAGUG' 
_entity_poly.pdbx_seq_one_letter_code_can   UGCUCCUAGUACGAGAGGACCGGAGUG 
_entity_poly.pdbx_strand_id                 A 
_entity_poly.pdbx_target_identifier         ? 
# 
loop_
_entity_poly_seq.entity_id 
_entity_poly_seq.num 
_entity_poly_seq.mon_id 
_entity_poly_seq.hetero 
1 1  U   n 
1 2  G   n 
1 3  C   n 
1 4  OMU n 
1 5  C   n 
1 6  C   n 
1 7  U   n 
1 8  A   n 
1 9  G   n 
1 10 U   n 
1 11 A   n 
1 12 C   n 
1 13 G   n 
1 14 A   n 
1 15 G   n 
1 16 A   n 
1 17 G   n 
1 18 G   n 
1 19 A   n 
1 20 C   n 
1 21 C   n 
1 22 G   n 
1 23 G   n 
1 24 A   n 
1 25 G   n 
1 26 U   n 
1 27 G   n 
# 
_struct_ref.id                         1 
_struct_ref.db_name                    PDB 
_struct_ref.db_code                    3DW4 
_struct_ref.pdbx_db_accession          3DW4 
_struct_ref.entity_id                  1 
_struct_ref.pdbx_align_begin           2647 
_struct_ref.pdbx_seq_one_letter_code   UGCUCCUAGUACGAGAGGACCGGAGUG 
_struct_ref.pdbx_db_isoform            ? 
# 
_struct_ref_seq.align_id                      1 
_struct_ref_seq.ref_id                        1 
_struct_ref_seq.pdbx_PDB_id_code              3DW4 
_struct_ref_seq.pdbx_strand_id                A 
_struct_ref_seq.seq_align_beg                 1 
_struct_ref_seq.pdbx_seq_align_beg_ins_code   ? 
_struct_ref_seq.seq_align_end                 27 
_struct_ref_seq.pdbx_seq_align_end_ins_code   ? 
_struct_ref_seq.pdbx_db_accession             3DW4 
_struct_ref_seq.db_align_beg                  2647 
_struct_ref_seq.pdbx_db_align_beg_ins_code    ? 
_struct_ref_seq.db_align_end                  2673 
_struct_ref_seq.pdbx_db_align_end_ins_code    ? 
_struct_ref_seq.pdbx_auth_seq_align_beg       2647 
_struct_ref_seq.pdbx_auth_seq_align_end       2673 
# 
loop_
_chem_comp.id 
_chem_comp.type 
_chem_comp.mon_nstd_flag 
_chem_comp.name 
_chem_comp.pdbx_synonyms 
_chem_comp.formula 
_chem_comp.formula_weight 
A   'RNA linking' y "ADENOSINE-5'-MONOPHOSPHATE"         ?                               'C10 H14 N5 O7 P' 347.221 
C   'RNA linking' y "CYTIDINE-5'-MONOPHOSPHATE"          ?                               'C9 H14 N3 O8 P'  323.197 
G   'RNA linking' y "GUANOSINE-5'-MONOPHOSPHATE"         ?                               'C10 H14 N5 O8 P' 363.221 
GOL non-polymer   . GLYCEROL                             'GLYCERIN; PROPANE-1,2,3-TRIOL' 'C3 H8 O3'        92.094  
HOH non-polymer   . WATER                                ?                               'H2 O'            18.015  
OMU 'RNA linking' n 
;O2'-METHYLURIDINE 5'-MONOPHOSPHATE
;
?                               'C10 H15 N2 O9 P' 338.208 
U   'RNA linking' y "URIDINE-5'-MONOPHOSPHATE"           ?                               'C9 H13 N2 O9 P'  324.181 
# 
_exptl.crystals_number   1 
_exptl.entry_id          3DW4 
_exptl.method            'X-RAY DIFFRACTION' 
# 
_exptl_crystal.id                    1 
_exptl_crystal.density_Matthews      1.91 
_exptl_crystal.density_meas          ? 
_exptl_crystal.density_percent_sol   35.70 
_exptl_crystal.description           ? 
_exptl_crystal.F_000                 ? 
_exptl_crystal.preparation           ? 
# 
_exptl_crystal_grow.crystal_id      1 
_exptl_crystal_grow.method          'VAPOR DIFFUSION, HANGING DROP' 
_exptl_crystal_grow.pH              7.0 
_exptl_crystal_grow.temp            293 
_exptl_crystal_grow.pdbx_details    
'3.2 M (NH4)2SO4, 50 mM K-MOPS pH 7.0, 10 mM MgCl2, 10 mM MnCl2, vapor diffusion, hanging drop, temperature 293K' 
_exptl_crystal_grow.temp_details    ? 
_exptl_crystal_grow.pdbx_pH_range   . 
# 
loop_
_exptl_crystal_grow_comp.crystal_id 
_exptl_crystal_grow_comp.id 
_exptl_crystal_grow_comp.sol_id 
_exptl_crystal_grow_comp.name 
_exptl_crystal_grow_comp.conc 
_exptl_crystal_grow_comp.volume 
_exptl_crystal_grow_comp.details 
1 1  1 '(NH4)2SO4' ? ? ? 
1 2  1 K-MOPS      ? ? ? 
1 3  1 MgCl2       ? ? ? 
1 4  1 MnCl2       ? ? ? 
1 5  1 H2O         ? ? ? 
1 6  2 '(NH4)2SO4' ? ? ? 
1 7  2 K-MOPS      ? ? ? 
1 8  2 MgCl2       ? ? ? 
1 9  2 MnCl2       ? ? ? 
1 10 2 H2O         ? ? ? 
# 
_diffrn.id                     1 
_diffrn.ambient_temp           90 
_diffrn.ambient_temp_details   ? 
_diffrn.crystal_id             1 
# 
_diffrn_detector.diffrn_id              1 
_diffrn_detector.detector               PIXEL 
_diffrn_detector.type                   'PSI PILATUS 6M' 
_diffrn_detector.pdbx_collection_date   2008-04-22 
_diffrn_detector.details                ? 
# 
_diffrn_radiation.diffrn_id                        1 
_diffrn_radiation.pdbx_diffrn_protocol             'SINGLE WAVELENGTH' 
_diffrn_radiation.monochromator                    ? 
_diffrn_radiation.wavelength_id                    1 
_diffrn_radiation.pdbx_monochromatic_or_laue_m_l   M 
_diffrn_radiation.pdbx_scattering_type             x-ray 
# 
_diffrn_radiation_wavelength.id           1 
_diffrn_radiation_wavelength.wavelength   0.85 
_diffrn_radiation_wavelength.wt           1.0 
# 
_diffrn_source.diffrn_id                   1 
_diffrn_source.source                      SYNCHROTRON 
_diffrn_source.type                        'SLS BEAMLINE X06SA' 
_diffrn_source.pdbx_wavelength_list        0.85 
_diffrn_source.pdbx_wavelength             ? 
_diffrn_source.pdbx_synchrotron_site       SLS 
_diffrn_source.pdbx_synchrotron_beamline   X06SA 
# 
_reflns.entry_id                     3DW4 
_reflns.d_resolution_high            0.970 
_reflns.number_obs                   38820 
_reflns.pdbx_Rmerge_I_obs            ? 
_reflns.pdbx_netI_over_sigmaI        31.950 
_reflns.percent_possible_obs         99.900 
_reflns.B_iso_Wilson_estimate        12.748 
_reflns.observed_criterion_sigma_I   ? 
_reflns.observed_criterion_sigma_F   ? 
_reflns.d_resolution_low             ? 
_reflns.number_all                   ? 
_reflns.pdbx_Rsym_value              0.036 
_reflns.pdbx_redundancy              12.7 
_reflns.R_free_details               ? 
_reflns.limit_h_max                  ? 
_reflns.limit_h_min                  ? 
_reflns.limit_k_max                  ? 
_reflns.limit_k_min                  ? 
_reflns.limit_l_max                  ? 
_reflns.limit_l_min                  ? 
_reflns.observed_criterion_F_max     ? 
_reflns.observed_criterion_F_min     ? 
_reflns.pdbx_chi_squared             ? 
_reflns.pdbx_scaling_rejects         ? 
_reflns.pdbx_ordinal                 1 
_reflns.pdbx_diffrn_id               1 
# 
_reflns_shell.d_res_high             0.97 
_reflns_shell.d_res_low              0.98 
_reflns_shell.number_measured_obs    12059 
_reflns_shell.number_measured_all    ? 
_reflns_shell.number_unique_obs      1194 
_reflns_shell.Rmerge_I_obs           ? 
_reflns_shell.meanI_over_sigI_obs    3.4 
_reflns_shell.pdbx_Rsym_value        0.637 
_reflns_shell.pdbx_chi_squared       ? 
_reflns_shell.pdbx_redundancy        ? 
_reflns_shell.percent_possible_obs   ? 
_reflns_shell.number_unique_all      ? 
_reflns_shell.percent_possible_all   98.60 
_reflns_shell.pdbx_ordinal           1 
_reflns_shell.pdbx_diffrn_id         1 
# 
_refine.entry_id                                 3DW4 
_refine.ls_d_res_high                            0.970 
_refine.ls_d_res_low                             27.622 
_refine.pdbx_ls_sigma_F                          1.99 
_refine.ls_percent_reflns_obs                    99.950 
_refine.ls_number_reflns_obs                     38820 
_refine.ls_R_factor_obs                          0.139 
_refine.ls_R_factor_R_work                       0.139 
_refine.ls_R_factor_R_free                       0.150 
_refine.ls_percent_reflns_R_free                 5.020 
_refine.ls_number_reflns_R_free                  1947 
_refine.B_iso_mean                               14.005 
_refine.solvent_model_param_bsol                 55.530 
_refine.solvent_model_param_ksol                 0.454 
_refine.aniso_B[1][1]                            -1.345 
_refine.aniso_B[2][2]                            -1.345 
_refine.aniso_B[3][3]                            2.691 
_refine.aniso_B[1][2]                            -0.000 
_refine.aniso_B[1][3]                            0.000 
_refine.aniso_B[2][3]                            -0.000 
_refine.overall_SU_ML                            0.100 
_refine.solvent_model_details                    'FLAT BULK SOLVENT MODEL' 
_refine.pdbx_solvent_vdw_probe_radii             1.110 
_refine.pdbx_solvent_shrinkage_radii             0.900 
_refine.pdbx_method_to_determine_struct          ? 
_refine.pdbx_stereochemistry_target_values       ML 
_refine.B_iso_max                                48.11 
_refine.B_iso_min                                7.49 
_refine.occupancy_max                            1.00 
_refine.occupancy_min                            0.00 
_refine.pdbx_ls_sigma_I                          ? 
_refine.ls_number_reflns_all                     ? 
_refine.ls_R_factor_all                          ? 
_refine.ls_redundancy_reflns_obs                 ? 
_refine.pdbx_data_cutoff_high_absF               ? 
_refine.pdbx_data_cutoff_low_absF                ? 
_refine.ls_number_parameters                     ? 
_refine.ls_number_restraints                     ? 
_refine.ls_R_factor_R_free_error                 ? 
_refine.ls_R_factor_R_free_error_details         ? 
_refine.pdbx_starting_model                      1q9a 
_refine.pdbx_ls_cross_valid_method               ? 
_refine.pdbx_R_Free_selection_details            random 
_refine.pdbx_stereochem_target_val_spec_case     ? 
_refine.pdbx_isotropic_thermal_model             ? 
_refine.details                                  ? 
_refine.correlation_coeff_Fo_to_Fc               ? 
_refine.correlation_coeff_Fo_to_Fc_free          ? 
_refine.pdbx_solvent_ion_probe_radii             ? 
_refine.overall_SU_R_Cruickshank_DPI             ? 
_refine.overall_SU_R_free                        ? 
_refine.overall_SU_B                             ? 
_refine.pdbx_overall_ESU_R_Free                  ? 
_refine.pdbx_data_cutoff_high_rms_absF           ? 
_refine.pdbx_overall_ESU_R                       ? 
_refine.ls_wR_factor_R_free                      ? 
_refine.ls_wR_factor_R_work                      ? 
_refine.overall_FOM_free_R_set                   ? 
_refine.overall_FOM_work_R_set                   ? 
_refine.pdbx_overall_phase_error                 ? 
_refine.pdbx_refine_id                           'X-RAY DIFFRACTION' 
_refine.pdbx_diffrn_id                           1 
_refine.pdbx_TLS_residual_ADP_flag               ? 
_refine.pdbx_overall_SU_R_free_Cruickshank_DPI   ? 
_refine.pdbx_overall_SU_R_Blow_DPI               ? 
_refine.pdbx_overall_SU_R_free_Blow_DPI          ? 
# 
_refine_hist.pdbx_refine_id                   'X-RAY DIFFRACTION' 
_refine_hist.cycle_id                         LAST 
_refine_hist.pdbx_number_atoms_protein        0 
_refine_hist.pdbx_number_atoms_nucleic_acid   580 
_refine_hist.pdbx_number_atoms_ligand         6 
_refine_hist.number_atoms_solvent             178 
_refine_hist.number_atoms_total               764 
_refine_hist.d_res_high                       0.970 
_refine_hist.d_res_low                        27.622 
# 
loop_
_refine_ls_restr.type 
_refine_ls_restr.number 
_refine_ls_restr.dev_ideal 
_refine_ls_restr.dev_ideal_target 
_refine_ls_restr.weight 
_refine_ls_restr.pdbx_refine_id 
_refine_ls_restr.pdbx_restraint_function 
f_bond_d           666  0.004  ? ? 'X-RAY DIFFRACTION' ? 
f_angle_d          1044 1.173  ? ? 'X-RAY DIFFRACTION' ? 
f_chiral_restr     131  0.054  ? ? 'X-RAY DIFFRACTION' ? 
f_plane_restr      27   0.011  ? ? 'X-RAY DIFFRACTION' ? 
f_dihedral_angle_d 293  28.932 ? ? 'X-RAY DIFFRACTION' ? 
# 
loop_
_refine_ls_shell.d_res_high 
_refine_ls_shell.d_res_low 
_refine_ls_shell.pdbx_total_number_of_bins_used 
_refine_ls_shell.percent_reflns_obs 
_refine_ls_shell.number_reflns_R_work 
_refine_ls_shell.R_factor_all 
_refine_ls_shell.R_factor_R_work 
_refine_ls_shell.R_factor_R_free 
_refine_ls_shell.percent_reflns_R_free 
_refine_ls_shell.number_reflns_R_free 
_refine_ls_shell.R_factor_R_free_error 
_refine_ls_shell.number_reflns_all 
_refine_ls_shell.number_reflns_obs 
_refine_ls_shell.redundancy_reflns_obs 
_refine_ls_shell.pdbx_refine_id 
0.970 0.994  14 99.000  2621 . 0.195 0.190 . 165 . 2786 . . 'X-RAY DIFFRACTION' 
0.994 1.021  14 100.000 2646 . 0.172 0.211 . 143 . 2789 . . 'X-RAY DIFFRACTION' 
1.021 1.051  14 100.000 2619 . 0.148 0.150 . 136 . 2755 . . 'X-RAY DIFFRACTION' 
1.051 1.085  14 100.000 2619 . 0.139 0.168 . 131 . 2750 . . 'X-RAY DIFFRACTION' 
1.085 1.124  14 100.000 2622 . 0.132 0.136 . 141 . 2763 . . 'X-RAY DIFFRACTION' 
1.124 1.169  14 100.000 2618 . 0.124 0.153 . 131 . 2749 . . 'X-RAY DIFFRACTION' 
1.169 1.222  14 100.000 2612 . 0.124 0.156 . 143 . 2755 . . 'X-RAY DIFFRACTION' 
1.222 1.287  14 100.000 2683 . 0.125 0.131 . 124 . 2807 . . 'X-RAY DIFFRACTION' 
1.287 1.367  14 100.000 2624 . 0.135 0.162 . 134 . 2758 . . 'X-RAY DIFFRACTION' 
1.367 1.473  14 100.000 2617 . 0.139 0.163 . 156 . 2773 . . 'X-RAY DIFFRACTION' 
1.473 1.621  14 100.000 2633 . 0.135 0.132 . 141 . 2774 . . 'X-RAY DIFFRACTION' 
1.621 1.855  14 100.000 2637 . 0.120 0.142 . 137 . 2774 . . 'X-RAY DIFFRACTION' 
1.855 2.338  14 100.000 2642 . 0.145 0.157 . 133 . 2775 . . 'X-RAY DIFFRACTION' 
2.338 27.633 14 100.000 2680 . 0.143 0.143 . 132 . 2812 . . 'X-RAY DIFFRACTION' 
# 
_struct.entry_id                  3DW4 
_struct.title                     'Crystal Structure of the Sarcin/Ricin Domain from E. COLI 23 S rRNA, U2650-OCH3 modified' 
_struct.pdbx_model_details        ? 
_struct.pdbx_CASP_flag            ? 
_struct.pdbx_model_type_details   ? 
# 
_struct_keywords.entry_id        3DW4 
_struct_keywords.text            'RNA, Sarcin Ricin Loop' 
_struct_keywords.pdbx_keywords   RNA 
# 
loop_
_struct_asym.id 
_struct_asym.pdbx_blank_PDB_chainid_flag 
_struct_asym.pdbx_modified 
_struct_asym.entity_id 
_struct_asym.details 
A N N 1 ? 
B N N 2 ? 
C N N 3 ? 
# 
_struct_biol.id        1 
_struct_biol.details   ? 
# 
loop_
_struct_conn.id 
_struct_conn.conn_type_id 
_struct_conn.pdbx_leaving_atom_flag 
_struct_conn.pdbx_PDB_id 
_struct_conn.ptnr1_label_asym_id 
_struct_conn.ptnr1_label_comp_id 
_struct_conn.ptnr1_label_seq_id 
_struct_conn.ptnr1_label_atom_id 
_struct_conn.pdbx_ptnr1_label_alt_id 
_struct_conn.pdbx_ptnr1_PDB_ins_code 
_struct_conn.pdbx_ptnr1_standard_comp_id 
_struct_conn.ptnr1_symmetry 
_struct_conn.ptnr2_label_asym_id 
_struct_conn.ptnr2_label_comp_id 
_struct_conn.ptnr2_label_seq_id 
_struct_conn.ptnr2_label_atom_id 
_struct_conn.pdbx_ptnr2_label_alt_id 
_struct_conn.pdbx_ptnr2_PDB_ins_code 
_struct_conn.ptnr1_auth_asym_id 
_struct_conn.ptnr1_auth_comp_id 
_struct_conn.ptnr1_auth_seq_id 
_struct_conn.ptnr2_auth_asym_id 
_struct_conn.ptnr2_auth_comp_id 
_struct_conn.ptnr2_auth_seq_id 
_struct_conn.ptnr2_symmetry 
_struct_conn.pdbx_ptnr3_label_atom_id 
_struct_conn.pdbx_ptnr3_label_seq_id 
_struct_conn.pdbx_ptnr3_label_comp_id 
_struct_conn.pdbx_ptnr3_label_asym_id 
_struct_conn.pdbx_ptnr3_label_alt_id 
_struct_conn.pdbx_ptnr3_PDB_ins_code 
_struct_conn.details 
_struct_conn.pdbx_dist_value 
_struct_conn.pdbx_value_order 
_struct_conn.pdbx_role 
covale1  covale both ? A C   3  "O3'" ? ? ? 1_555 A OMU 4  P  ? ? A C   2649 A OMU 2650 1_555 ? ? ? ? ? ? ?                    
1.596 ? ? 
covale2  covale both ? A OMU 4  "O3'" ? ? ? 1_555 A C   5  P  ? ? A OMU 2650 A C   2651 1_555 ? ? ? ? ? ? ?                    
1.601 ? ? 
hydrog1  hydrog ?    ? A G   2  N1    ? ? ? 1_555 A U   26 O2 ? ? A G   2648 A U   2672 1_555 ? ? ? ? ? ? TYPE_28_PAIR         ? ? 
? 
hydrog2  hydrog ?    ? A G   2  O6    ? ? ? 1_555 A U   26 N3 ? ? A G   2648 A U   2672 1_555 ? ? ? ? ? ? TYPE_28_PAIR         ? ? 
? 
hydrog3  hydrog ?    ? A C   3  N3    ? ? ? 1_555 A G   25 N1 ? ? A C   2649 A G   2671 1_555 ? ? ? ? ? ? WATSON-CRICK         ? ? 
? 
hydrog4  hydrog ?    ? A C   3  N4    ? ? ? 1_555 A G   25 O6 ? ? A C   2649 A G   2671 1_555 ? ? ? ? ? ? WATSON-CRICK         ? ? 
? 
hydrog5  hydrog ?    ? A C   3  O2    ? ? ? 1_555 A G   25 N2 ? ? A C   2649 A G   2671 1_555 ? ? ? ? ? ? WATSON-CRICK         ? ? 
? 
hydrog6  hydrog ?    ? A OMU 4  N3    ? ? ? 1_555 A A   24 N1 ? ? A OMU 2650 A A   2670 1_555 ? ? ? ? ? ? WATSON-CRICK         ? ? 
? 
hydrog7  hydrog ?    ? A OMU 4  O4    ? ? ? 1_555 A A   24 N6 ? ? A OMU 2650 A A   2670 1_555 ? ? ? ? ? ? WATSON-CRICK         ? ? 
? 
hydrog8  hydrog ?    ? A C   5  N3    ? ? ? 1_555 A G   23 N1 ? ? A C   2651 A G   2669 1_555 ? ? ? ? ? ? WATSON-CRICK         ? ? 
? 
hydrog9  hydrog ?    ? A C   5  N4    ? ? ? 1_555 A G   23 O6 ? ? A C   2651 A G   2669 1_555 ? ? ? ? ? ? WATSON-CRICK         ? ? 
? 
hydrog10 hydrog ?    ? A C   5  O2    ? ? ? 1_555 A G   23 N2 ? ? A C   2651 A G   2669 1_555 ? ? ? ? ? ? WATSON-CRICK         ? ? 
? 
hydrog11 hydrog ?    ? A C   6  N3    ? ? ? 1_555 A G   22 N1 ? ? A C   2652 A G   2668 1_555 ? ? ? ? ? ? WATSON-CRICK         ? ? 
? 
hydrog12 hydrog ?    ? A C   6  N4    ? ? ? 1_555 A G   22 O6 ? ? A C   2652 A G   2668 1_555 ? ? ? ? ? ? WATSON-CRICK         ? ? 
? 
hydrog13 hydrog ?    ? A C   6  O2    ? ? ? 1_555 A G   22 N2 ? ? A C   2652 A G   2668 1_555 ? ? ? ? ? ? WATSON-CRICK         ? ? 
? 
hydrog14 hydrog ?    ? A U   7  O2    ? ? ? 1_555 A C   21 N4 ? ? A U   2653 A C   2667 1_555 ? ? ? ? ? ? 'U-C MISPAIR'        ? ? 
? 
hydrog15 hydrog ?    ? A G   9  N2    ? ? ? 1_555 A U   10 O4 ? ? A G   2655 A U   2656 1_555 ? ? ? ? ? ? 'G-U MISPAIR'        ? ? 
? 
hydrog16 hydrog ?    ? A U   10 N3    ? ? ? 1_555 A A   19 N7 ? ? A U   2656 A A   2665 1_555 ? ? ? ? ? ? 'REVERSED HOOGSTEEN' ? ? 
? 
hydrog17 hydrog ?    ? A U   10 O2    ? ? ? 1_555 A A   19 N6 ? ? A U   2656 A A   2665 1_555 ? ? ? ? ? ? 'REVERSED HOOGSTEEN' ? ? 
? 
hydrog18 hydrog ?    ? A A   11 N6    ? ? ? 1_555 A G   18 N3 ? ? A A   2657 A G   2664 1_555 ? ? ? ? ? ? TYPE_11_PAIR         ? ? 
? 
hydrog19 hydrog ?    ? A A   11 N7    ? ? ? 1_555 A G   18 N2 ? ? A A   2657 A G   2664 1_555 ? ? ? ? ? ? TYPE_11_PAIR         ? ? 
? 
hydrog20 hydrog ?    ? A C   12 N3    ? ? ? 1_555 A G   17 N1 ? ? A C   2658 A G   2663 1_555 ? ? ? ? ? ? WATSON-CRICK         ? ? 
? 
hydrog21 hydrog ?    ? A C   12 N4    ? ? ? 1_555 A G   17 O6 ? ? A C   2658 A G   2663 1_555 ? ? ? ? ? ? WATSON-CRICK         ? ? 
? 
hydrog22 hydrog ?    ? A C   12 O2    ? ? ? 1_555 A G   17 N2 ? ? A C   2658 A G   2663 1_555 ? ? ? ? ? ? WATSON-CRICK         ? ? 
? 
hydrog23 hydrog ?    ? A G   13 N2    ? ? ? 1_555 A A   16 N7 ? ? A G   2659 A A   2662 1_555 ? ? ? ? ? ? 'G-A MISPAIR'        ? ? 
? 
# 
loop_
_struct_conn_type.id 
_struct_conn_type.criteria 
_struct_conn_type.reference 
covale ? ? 
hydrog ? ? 
# 
_struct_site.id                   AC1 
_struct_site.pdbx_evidence_code   Software 
_struct_site.pdbx_auth_asym_id    A 
_struct_site.pdbx_auth_comp_id    GOL 
_struct_site.pdbx_auth_seq_id     1 
_struct_site.pdbx_auth_ins_code   ? 
_struct_site.pdbx_num_residues    9 
_struct_site.details              'BINDING SITE FOR RESIDUE GOL A 1' 
# 
loop_
_struct_site_gen.id 
_struct_site_gen.site_id 
_struct_site_gen.pdbx_num_res 
_struct_site_gen.label_comp_id 
_struct_site_gen.label_asym_id 
_struct_site_gen.label_seq_id 
_struct_site_gen.pdbx_auth_ins_code 
_struct_site_gen.auth_comp_id 
_struct_site_gen.auth_asym_id 
_struct_site_gen.auth_seq_id 
_struct_site_gen.label_atom_id 
_struct_site_gen.label_alt_id 
_struct_site_gen.symmetry 
_struct_site_gen.details 
1 AC1 9 U   A 1  ? U   A 2647 . ? 1_545 ? 
2 AC1 9 U   A 7  ? U   A 2653 . ? 1_555 ? 
3 AC1 9 A   A 8  ? A   A 2654 . ? 1_555 ? 
4 AC1 9 U   A 10 ? U   A 2656 . ? 1_555 ? 
5 AC1 9 A   A 14 ? A   A 2660 . ? 1_455 ? 
6 AC1 9 C   A 20 ? C   A 2666 . ? 1_555 ? 
7 AC1 9 HOH C .  ? HOH A 2719 . ? 1_555 ? 
8 AC1 9 HOH C .  ? HOH A 2757 . ? 1_545 ? 
9 AC1 9 HOH C .  ? HOH A 2802 . ? 1_555 ? 
# 
_atom_sites.entry_id                    3DW4 
_atom_sites.fract_transf_matrix[1][1]   -0.01007177 
_atom_sites.fract_transf_matrix[1][2]   -0.01927672 
_atom_sites.fract_transf_matrix[1][3]   0.02580756 
_atom_sites.fract_transf_matrix[2][1]   0.01061872 
_atom_sites.fract_transf_matrix[2][2]   -0.02751511 
_atom_sites.fract_transf_matrix[2][3]   -0.01640805 
_atom_sites.fract_transf_matrix[3][1]   0.01180510 
_atom_sites.fract_transf_matrix[3][2]   0.00125120 
_atom_sites.fract_transf_matrix[3][3]   0.00554168 
_atom_sites.fract_transf_vector[1]      0.330792 
_atom_sites.fract_transf_vector[2]      0.334627 
_atom_sites.fract_transf_vector[3]      -0.000666 
# 
loop_
_atom_type.symbol 
C 
H 
N 
O 
P 
# 
loop_
_atom_site.group_PDB 
_atom_site.id 
_atom_site.type_symbol 
_atom_site.label_atom_id 
_atom_site.label_alt_id 
_atom_site.label_comp_id 
_atom_site.label_asym_id 
_atom_site.label_entity_id 
_atom_site.label_seq_id 
_atom_site.pdbx_PDB_ins_code 
_atom_site.Cartn_x 
_atom_site.Cartn_y 
_atom_site.Cartn_z 
_atom_site.occupancy 
_atom_site.B_iso_or_equiv 
_atom_site.pdbx_formal_charge 
_atom_site.auth_seq_id 
_atom_site.auth_comp_id 
_atom_site.auth_asym_id 
_atom_site.auth_atom_id 
_atom_site.pdbx_PDB_model_num 
ATOM   1   O "O5'" . U   A 1 1  ? 1.123   -14.337 -13.537 1.00 19.37 ? 2647 U   A "O5'" 1 
ATOM   2   C "C5'" . U   A 1 1  ? 2.214   -13.804 -12.796 1.00 18.62 ? 2647 U   A "C5'" 1 
ATOM   3   C "C4'" . U   A 1 1  ? 2.344   -12.306 -13.022 1.00 17.62 ? 2647 U   A "C4'" 1 
ATOM   4   O "O4'" . U   A 1 1  ? 2.738   -12.020 -14.389 1.00 17.22 ? 2647 U   A "O4'" 1 
ATOM   5   C "C3'" . U   A 1 1  ? 1.079   -11.494 -12.774 1.00 16.76 ? 2647 U   A "C3'" 1 
ATOM   6   O "O3'" . U   A 1 1  ? 1.441   -10.271 -12.162 1.00 17.04 ? 2647 U   A "O3'" 1 
ATOM   7   C "C2'" . U   A 1 1  ? 0.547   -11.267 -14.181 1.00 15.61 ? 2647 U   A "C2'" 1 
ATOM   8   O "O2'" . U   A 1 1  ? -0.279  -10.124 -14.287 1.00 14.72 ? 2647 U   A "O2'" 1 
ATOM   9   C "C1'" . U   A 1 1  ? 1.860   -11.048 -14.916 1.00 16.00 ? 2647 U   A "C1'" 1 
ATOM   10  N N1    . U   A 1 1  ? 1.695   -11.285 -16.354 1.00 15.52 ? 2647 U   A N1    1 
ATOM   11  C C2    . U   A 1 1  ? 1.650   -10.209 -17.210 1.00 14.86 ? 2647 U   A C2    1 
ATOM   12  O O2    . U   A 1 1  ? 1.758   -9.051  -16.844 1.00 15.58 ? 2647 U   A O2    1 
ATOM   13  N N3    . U   A 1 1  ? 1.477   -10.545 -18.526 1.00 14.90 ? 2647 U   A N3    1 
ATOM   14  C C4    . U   A 1 1  ? 1.347   -11.819 -19.046 1.00 14.71 ? 2647 U   A C4    1 
ATOM   15  O O4    . U   A 1 1  ? 1.200   -11.967 -20.252 1.00 15.24 ? 2647 U   A O4    1 
ATOM   16  C C5    . U   A 1 1  ? 1.398   -12.887 -18.084 1.00 15.85 ? 2647 U   A C5    1 
ATOM   17  C C6    . U   A 1 1  ? 1.564   -12.582 -16.797 1.00 15.99 ? 2647 U   A C6    1 
ATOM   18  P P     . G   A 1 2  ? 0.884   -9.917  -10.709 1.00 16.89 ? 2648 G   A P     1 
ATOM   19  O OP1   . G   A 1 2  ? -0.227  -10.844 -10.405 1.00 17.87 ? 2648 G   A OP1   1 
ATOM   20  O OP2   . G   A 1 2  ? 0.673   -8.454  -10.640 1.00 17.55 ? 2648 G   A OP2   1 
ATOM   21  O "O5'" . G   A 1 2  ? 2.131   -10.242 -9.761  1.00 16.35 ? 2648 G   A "O5'" 1 
ATOM   22  C "C5'" . G   A 1 2  ? 2.509   -11.583 -9.468  1.00 15.78 ? 2648 G   A "C5'" 1 
ATOM   23  C "C4'" . G   A 1 2  ? 3.991   -11.660 -9.146  1.00 14.91 ? 2648 G   A "C4'" 1 
ATOM   24  O "O4'" . G   A 1 2  ? 4.765   -11.418 -10.349 1.00 14.77 ? 2648 G   A "O4'" 1 
ATOM   25  C "C3'" . G   A 1 2  ? 4.512   -10.611 -8.176  1.00 14.47 ? 2648 G   A "C3'" 1 
ATOM   26  O "O3'" . G   A 1 2  ? 4.221   -10.959 -6.826  1.00 14.74 ? 2648 G   A "O3'" 1 
ATOM   27  C "C2'" . G   A 1 2  ? 6.002   -10.706 -8.471  1.00 14.70 ? 2648 G   A "C2'" 1 
ATOM   28  O "O2'" . G   A 1 2  ? 6.580   -11.883 -7.942  1.00 15.44 ? 2648 G   A "O2'" 1 
ATOM   29  C "C1'" . G   A 1 2  ? 5.979   -10.778 -9.994  1.00 14.13 ? 2648 G   A "C1'" 1 
ATOM   30  N N9    . G   A 1 2  ? 6.039   -9.464  -10.631 1.00 12.89 ? 2648 G   A N9    1 
ATOM   31  C C8    . G   A 1 2  ? 5.016   -8.776  -11.240 1.00 12.63 ? 2648 G   A C8    1 
ATOM   32  N N7    . G   A 1 2  ? 5.382   -7.617  -11.717 1.00 12.50 ? 2648 G   A N7    1 
ATOM   33  C C5    . G   A 1 2  ? 6.734   -7.529  -11.410 1.00 11.63 ? 2648 G   A C5    1 
ATOM   34  C C6    . G   A 1 2  ? 7.677   -6.503  -11.677 1.00 11.48 ? 2648 G   A C6    1 
ATOM   35  O O6    . G   A 1 2  ? 7.506   -5.426  -12.263 1.00 11.33 ? 2648 G   A O6    1 
ATOM   36  N N1    . G   A 1 2  ? 8.938   -6.823  -11.186 1.00 11.36 ? 2648 G   A N1    1 
ATOM   37  C C2    . G   A 1 2  ? 9.255   -7.985  -10.525 1.00 12.04 ? 2648 G   A C2    1 
ATOM   38  N N2    . G   A 1 2  ? 10.530  -8.116  -10.131 1.00 12.27 ? 2648 G   A N2    1 
ATOM   39  N N3    . G   A 1 2  ? 8.385   -8.953  -10.272 1.00 12.24 ? 2648 G   A N3    1 
ATOM   40  C C4    . G   A 1 2  ? 7.150   -8.658  -10.740 1.00 12.23 ? 2648 G   A C4    1 
ATOM   41  P P     . C   A 1 3  ? 3.933   -9.818  -5.738  1.00 15.06 ? 2649 C   A P     1 
ATOM   42  O OP1   . C   A 1 3  ? 3.488   -10.490 -4.497  1.00 16.17 ? 2649 C   A OP1   1 
ATOM   43  O OP2   . C   A 1 3  ? 3.069   -8.795  -6.365  1.00 16.38 ? 2649 C   A OP2   1 
ATOM   44  O "O5'" . C   A 1 3  ? 5.373   -9.159  -5.508  1.00 14.62 ? 2649 C   A "O5'" 1 
ATOM   45  C "C5'" . C   A 1 3  ? 6.469   -9.959  -5.082  1.00 14.26 ? 2649 C   A "C5'" 1 
ATOM   46  C "C4'" . C   A 1 3  ? 7.779   -9.217  -5.282  1.00 13.67 ? 2649 C   A "C4'" 1 
ATOM   47  O "O4'" . C   A 1 3  ? 7.983   -8.945  -6.688  1.00 13.08 ? 2649 C   A "O4'" 1 
ATOM   48  C "C3'" . C   A 1 3  ? 7.854   -7.843  -4.639  1.00 12.41 ? 2649 C   A "C3'" 1 
ATOM   49  O "O3'" . C   A 1 3  ? 8.186   -7.977  -3.277  1.00 11.76 ? 2649 C   A "O3'" 1 
ATOM   50  C "C2'" . C   A 1 3  ? 8.996   -7.224  -5.428  1.00 12.65 ? 2649 C   A "C2'" 1 
ATOM   51  O "O2'" . C   A 1 3  ? 10.249  -7.778  -5.082  1.00 13.72 ? 2649 C   A "O2'" 1 
ATOM   52  C "C1'" . C   A 1 3  ? 8.629   -7.692  -6.827  1.00 11.99 ? 2649 C   A "C1'" 1 
ATOM   53  N N1    . C   A 1 3  ? 7.738   -6.783  -7.599  1.00 10.75 ? 2649 C   A N1    1 
ATOM   54  C C2    . C   A 1 3  ? 8.298   -5.657  -8.202  1.00 10.28 ? 2649 C   A C2    1 
ATOM   55  O O2    . C   A 1 3  ? 9.508   -5.452  -8.051  1.00 11.22 ? 2649 C   A O2    1 
ATOM   56  N N3    . C   A 1 3  ? 7.504   -4.832  -8.926  1.00 10.11 ? 2649 C   A N3    1 
ATOM   57  C C4    . C   A 1 3  ? 6.205   -5.105  -9.054  1.00 10.38 ? 2649 C   A C4    1 
ATOM   58  N N4    . C   A 1 3  ? 5.460   -4.268  -9.783  1.00 11.02 ? 2649 C   A N4    1 
ATOM   59  C C5    . C   A 1 3  ? 5.615   -6.250  -8.444  1.00 10.69 ? 2649 C   A C5    1 
ATOM   60  C C6    . C   A 1 3  ? 6.411   -7.058  -7.734  1.00 10.99 ? 2649 C   A C6    1 
HETATM 61  N N1    . OMU A 1 4  ? 9.264   -2.762  -5.193  1.00 8.84  ? 2650 OMU A N1    1 
HETATM 62  C C2    . OMU A 1 4  ? 9.075   -1.540  -6.037  1.00 8.60  ? 2650 OMU A C2    1 
HETATM 63  N N3    . OMU A 1 4  ? 7.863   -1.340  -6.806  1.00 8.81  ? 2650 OMU A N3    1 
HETATM 64  C C4    . OMU A 1 4  ? 6.824   -2.365  -6.733  1.00 8.67  ? 2650 OMU A C4    1 
HETATM 65  C C5    . OMU A 1 4  ? 6.975   -3.596  -5.895  1.00 9.13  ? 2650 OMU A C5    1 
HETATM 66  C C6    . OMU A 1 4  ? 8.235   -3.793  -5.116  1.00 9.76  ? 2650 OMU A C6    1 
HETATM 67  O O2    . OMU A 1 4  ? 10.048  -0.579  -6.072  1.00 9.51  ? 2650 OMU A O2    1 
HETATM 68  O O4    . OMU A 1 4  ? 5.715   -2.158  -7.517  1.00 10.10 ? 2650 OMU A O4    1 
HETATM 69  C "C1'" . OMU A 1 4  ? 10.541  -2.967  -4.557  1.00 9.15  ? 2650 OMU A "C1'" 1 
HETATM 70  C "C2'" . OMU A 1 4  ? 10.737  -2.139  -3.291  1.00 8.77  ? 2650 OMU A "C2'" 1 
HETATM 71  O "O2'" . OMU A 1 4  ? 12.120  -1.941  -3.094  1.00 9.71  ? 2650 OMU A "O2'" 1 
HETATM 72  C CM2   . OMU A 1 4  ? 12.781  -0.934  -3.813  1.00 10.53 ? 2650 OMU A CM2   1 
HETATM 73  C "C3'" . OMU A 1 4  ? 10.214  -3.108  -2.265  1.00 9.20  ? 2650 OMU A "C3'" 1 
HETATM 74  C "C4'" . OMU A 1 4  ? 10.814  -4.420  -2.773  1.00 9.77  ? 2650 OMU A "C4'" 1 
HETATM 75  O "O3'" . OMU A 1 4  ? 10.665  -2.821  -0.968  1.00 9.68  ? 2650 OMU A "O3'" 1 
HETATM 76  O "O4'" . OMU A 1 4  ? 10.640  -4.373  -4.216  1.00 9.49  ? 2650 OMU A "O4'" 1 
HETATM 77  C "C5'" . OMU A 1 4  ? 10.097  -5.649  -2.199  1.00 10.74 ? 2650 OMU A "C5'" 1 
HETATM 78  O "O5'" . OMU A 1 4  ? 8.753   -5.575  -2.594  1.00 10.46 ? 2650 OMU A "O5'" 1 
HETATM 79  P P     . OMU A 1 4  ? 7.756   -6.832  -2.253  1.00 11.68 ? 2650 OMU A P     1 
HETATM 80  O OP1   . OMU A 1 4  ? 7.998   -7.361  -0.717  1.00 13.88 ? 2650 OMU A OP1   1 
HETATM 81  O OP2   . OMU A 1 4  ? 6.380   -6.413  -2.496  1.00 12.40 ? 2650 OMU A OP2   1 
ATOM   82  P P     . C   A 1 5  ? 9.671   -2.149  0.092   1.00 9.94  ? 2651 C   A P     1 
ATOM   83  O OP1   . C   A 1 5  ? 10.367  -2.168  1.398   1.00 10.81 ? 2651 C   A OP1   1 
ATOM   84  O OP2   . C   A 1 5  ? 8.334   -2.771  -0.033  1.00 11.07 ? 2651 C   A OP2   1 
ATOM   85  O "O5'" . C   A 1 5  ? 9.549   -0.642  -0.425  1.00 9.13  ? 2651 C   A "O5'" 1 
ATOM   86  C "C5'" . C   A 1 5  ? 10.682  0.216   -0.378  1.00 9.30  ? 2651 C   A "C5'" 1 
ATOM   87  C "C4'" . C   A 1 5  ? 10.491  1.415   -1.286  1.00 8.91  ? 2651 C   A "C4'" 1 
ATOM   88  O "O4'" . C   A 1 5  ? 10.225  0.939   -2.624  1.00 8.99  ? 2651 C   A "O4'" 1 
ATOM   89  C "C3'" . C   A 1 5  ? 9.295   2.301   -0.970  1.00 8.57  ? 2651 C   A "C3'" 1 
ATOM   90  O "O3'" . C   A 1 5  ? 9.587   3.224   0.071   1.00 8.92  ? 2651 C   A "O3'" 1 
ATOM   91  C "C2'" . C   A 1 5  ? 9.066   2.989   -2.316  1.00 8.66  ? 2651 C   A "C2'" 1 
ATOM   92  O "O2'" . C   A 1 5  ? 9.922   4.087   -2.571  1.00 9.25  ? 2651 C   A "O2'" 1 
ATOM   93  C "C1'" . C   A 1 5  ? 9.367   1.849   -3.280  1.00 8.57  ? 2651 C   A "C1'" 1 
ATOM   94  N N1    . C   A 1 5  ? 8.129   1.158   -3.711  1.00 8.35  ? 2651 C   A N1    1 
ATOM   95  C C2    . C   A 1 5  ? 7.388   1.786   -4.704  1.00 8.37  ? 2651 C   A C2    1 
ATOM   96  O O2    . C   A 1 5  ? 7.809   2.859   -5.149  1.00 8.88  ? 2651 C   A O2    1 
ATOM   97  N N3    . C   A 1 5  ? 6.248   1.204   -5.142  1.00 8.50  ? 2651 C   A N3    1 
ATOM   98  C C4    . C   A 1 5  ? 5.846   0.047   -4.618  1.00 8.58  ? 2651 C   A C4    1 
ATOM   99  N N4    . C   A 1 5  ? 4.715   -0.487  -5.090  1.00 9.35  ? 2651 C   A N4    1 
ATOM   100 C C5    . C   A 1 5  ? 6.590   -0.610  -3.591  1.00 9.06  ? 2651 C   A C5    1 
ATOM   101 C C6    . C   A 1 5  ? 7.718   -0.024  -3.167  1.00 8.93  ? 2651 C   A C6    1 
ATOM   102 P P     . C   A 1 6  ? 8.384   3.877   0.905   1.00 8.95  ? 2652 C   A P     1 
ATOM   103 O OP1   . C   A 1 6  ? 9.009   4.636   2.010   1.00 10.14 ? 2652 C   A OP1   1 
ATOM   104 O OP2   . C   A 1 6  ? 7.377   2.837   1.208   1.00 10.25 ? 2652 C   A OP2   1 
ATOM   105 O "O5'" . C   A 1 6  ? 7.707   4.890   -0.122  1.00 8.29  ? 2652 C   A "O5'" 1 
ATOM   106 C "C5'" . C   A 1 6  ? 8.404   6.057   -0.533  1.00 8.41  ? 2652 C   A "C5'" 1 
ATOM   107 C "C4'" . C   A 1 6  ? 7.558   6.844   -1.514  1.00 8.27  ? 2652 C   A "C4'" 1 
ATOM   108 O "O4'" . C   A 1 6  ? 7.278   6.050   -2.689  1.00 8.19  ? 2652 C   A "O4'" 1 
ATOM   109 C "C3'" . C   A 1 6  ? 6.175   7.217   -1.005  1.00 7.98  ? 2652 C   A "C3'" 1 
ATOM   110 O "O3'" . C   A 1 6  ? 6.263   8.362   -0.179  1.00 7.99  ? 2652 C   A "O3'" 1 
ATOM   111 C "C2'" . C   A 1 6  ? 5.464   7.532   -2.309  1.00 7.82  ? 2652 C   A "C2'" 1 
ATOM   112 O "O2'" . C   A 1 6  ? 5.889   8.780   -2.815  1.00 8.90  ? 2652 C   A "O2'" 1 
ATOM   113 C "C1'" . C   A 1 6  ? 6.000   6.414   -3.186  1.00 7.83  ? 2652 C   A "C1'" 1 
ATOM   114 N N1    . C   A 1 6  ? 5.152   5.193   -3.258  1.00 7.59  ? 2652 C   A N1    1 
ATOM   115 C C2    . C   A 1 6  ? 4.056   5.212   -4.120  1.00 7.70  ? 2652 C   A C2    1 
ATOM   116 O O2    . C   A 1 6  ? 3.809   6.243   -4.755  1.00 8.05  ? 2652 C   A O2    1 
ATOM   117 N N3    . C   A 1 6  ? 3.290   4.103   -4.228  1.00 7.56  ? 2652 C   A N3    1 
ATOM   118 C C4    . C   A 1 6  ? 3.588   3.014   -3.516  1.00 7.49  ? 2652 C   A C4    1 
ATOM   119 N N4    . C   A 1 6  ? 2.809   1.938   -3.655  1.00 8.82  ? 2652 C   A N4    1 
ATOM   120 C C5    . C   A 1 6  ? 4.701   2.975   -2.627  1.00 8.01  ? 2652 C   A C5    1 
ATOM   121 C C6    . C   A 1 6  ? 5.453   4.077   -2.533  1.00 7.94  ? 2652 C   A C6    1 
ATOM   122 P P     . U   A 1 7  ? 5.252   8.538   1.051   1.00 8.48  ? 2653 U   A P     1 
ATOM   123 O OP1   . U   A 1 7  ? 5.559   9.861   1.646   1.00 10.35 ? 2653 U   A OP1   1 
ATOM   124 O OP2   . U   A 1 7  ? 5.300   7.323   1.891   1.00 9.31  ? 2653 U   A OP2   1 
ATOM   125 O "O5'" . U   A 1 7  ? 3.804   8.574   0.373   1.00 8.13  ? 2653 U   A "O5'" 1 
ATOM   126 C "C5'" . U   A 1 7  ? 3.414   9.647   -0.471  1.00 8.24  ? 2653 U   A "C5'" 1 
ATOM   127 C "C4'" . U   A 1 7  ? 2.086   9.321   -1.126  1.00 7.75  ? 2653 U   A "C4'" 1 
ATOM   128 O "O4'" . U   A 1 7  ? 2.246   8.164   -1.982  1.00 7.80  ? 2653 U   A "O4'" 1 
ATOM   129 C "C3'" . U   A 1 7  ? 0.996   8.907   -0.154  1.00 7.77  ? 2653 U   A "C3'" 1 
ATOM   130 O "O3'" . U   A 1 7  ? 0.391   10.069  0.393   1.00 8.49  ? 2653 U   A "O3'" 1 
ATOM   131 C "C2'" . U   A 1 7  ? 0.060   8.128   -1.072  1.00 7.74  ? 2653 U   A "C2'" 1 
ATOM   132 O "O2'" . U   A 1 7  ? -0.739  8.975   -1.868  1.00 8.52  ? 2653 U   A "O2'" 1 
ATOM   133 C "C1'" . U   A 1 7  ? 1.058   7.398   -1.967  1.00 7.63  ? 2653 U   A "C1'" 1 
ATOM   134 N N1    . U   A 1 7  ? 1.367   6.021   -1.495  1.00 7.62  ? 2653 U   A N1    1 
ATOM   135 C C2    . U   A 1 7  ? 0.646   4.982   -2.035  1.00 8.09  ? 2653 U   A C2    1 
ATOM   136 O O2    . U   A 1 7  ? -0.218  5.152   -2.874  1.00 9.01  ? 2653 U   A O2    1 
ATOM   137 N N3    . U   A 1 7  ? 0.972   3.737   -1.563  1.00 8.63  ? 2653 U   A N3    1 
ATOM   138 C C4    . U   A 1 7  ? 1.927   3.436   -0.609  1.00 8.50  ? 2653 U   A C4    1 
ATOM   139 O O4    . U   A 1 7  ? 2.106   2.267   -0.280  1.00 9.69  ? 2653 U   A O4    1 
ATOM   140 C C5    . U   A 1 7  ? 2.635   4.576   -0.082  1.00 8.40  ? 2653 U   A C5    1 
ATOM   141 C C6    . U   A 1 7  ? 2.336   5.802   -0.534  1.00 7.73  ? 2653 U   A C6    1 
ATOM   142 P P     . A   A 1 8  ? -0.371  9.995   1.798   1.00 9.19  ? 2654 A   A P     1 
ATOM   143 O OP1   . A   A 1 8  ? -1.398  8.933   1.734   1.00 9.54  ? 2654 A   A OP1   1 
ATOM   144 O OP2   . A   A 1 8  ? -0.750  11.389  2.141   1.00 9.97  ? 2654 A   A OP2   1 
ATOM   145 O "O5'" . A   A 1 8  ? 0.794   9.509   2.778   1.00 8.80  ? 2654 A   A "O5'" 1 
ATOM   146 C "C5'" . A   A 1 8  ? 0.593   9.496   4.189   1.00 9.48  ? 2654 A   A "C5'" 1 
ATOM   147 C "C4'" . A   A 1 8  ? 1.115   8.208   4.804   1.00 9.25  ? 2654 A   A "C4'" 1 
ATOM   148 O "O4'" . A   A 1 8  ? 0.273   7.098   4.394   1.00 8.99  ? 2654 A   A "O4'" 1 
ATOM   149 C "C3'" . A   A 1 8  ? 2.543   7.816   4.430   1.00 10.07 ? 2654 A   A "C3'" 1 
ATOM   150 O "O3'" . A   A 1 8  ? 3.186   7.179   5.524   1.00 11.70 ? 2654 A   A "O3'" 1 
ATOM   151 C "C2'" . A   A 1 8  ? 2.310   6.806   3.317   1.00 9.08  ? 2654 A   A "C2'" 1 
ATOM   152 O "O2'" . A   A 1 8  ? 3.397   5.915   3.146   1.00 9.98  ? 2654 A   A "O2'" 1 
ATOM   153 C "C1'" . A   A 1 8  ? 1.095   6.077   3.881   1.00 9.03  ? 2654 A   A "C1'" 1 
ATOM   154 N N9    . A   A 1 8  ? 0.337   5.348   2.873   1.00 8.38  ? 2654 A   A N9    1 
ATOM   155 C C8    . A   A 1 8  ? -0.474  5.886   1.913   1.00 8.38  ? 2654 A   A C8    1 
ATOM   156 N N7    . A   A 1 8  ? -1.027  4.992   1.128   1.00 8.39  ? 2654 A   A N7    1 
ATOM   157 C C5    . A   A 1 8  ? -0.541  3.788   1.607   1.00 8.29  ? 2654 A   A C5    1 
ATOM   158 C C6    . A   A 1 8  ? -0.754  2.460   1.199   1.00 8.65  ? 2654 A   A C6    1 
ATOM   159 N N6    . A   A 1 8  ? -1.541  2.133   0.170   1.00 9.31  ? 2654 A   A N6    1 
ATOM   160 N N1    . A   A 1 8  ? -0.121  1.487   1.888   1.00 9.12  ? 2654 A   A N1    1 
ATOM   161 C C2    . A   A 1 8  ? 0.667   1.829   2.912   1.00 9.34  ? 2654 A   A C2    1 
ATOM   162 N N3    . A   A 1 8  ? 0.945   3.043   3.387   1.00 8.95  ? 2654 A   A N3    1 
ATOM   163 C C4    . A   A 1 8  ? 0.300   3.987   2.684   1.00 8.25  ? 2654 A   A C4    1 
ATOM   164 P P     . G   A 1 9  ? 4.011   7.991   6.623   1.00 11.53 ? 2655 G   A P     1 
ATOM   165 O OP1   . G   A 1 9  ? 3.295   9.248   6.934   1.00 14.68 ? 2655 G   A OP1   1 
ATOM   166 O OP2   . G   A 1 9  ? 5.435   8.011   6.240   1.00 13.85 ? 2655 G   A OP2   1 
ATOM   167 O "O5'" . G   A 1 9  ? 3.949   6.977   7.865   1.00 13.60 ? 2655 G   A "O5'" 1 
ATOM   168 C "C5'" . G   A 1 9  ? 2.937   6.979   8.857   1.00 13.53 ? 2655 G   A "C5'" 1 
ATOM   169 C "C4'" . G   A 1 9  ? 1.667   6.258   8.457   1.00 12.36 ? 2655 G   A "C4'" 1 
ATOM   170 O "O4'" . G   A 1 9  ? 1.858   4.825   8.271   1.00 12.21 ? 2655 G   A "O4'" 1 
ATOM   171 C "C3'" . G   A 1 9  ? 0.628   6.370   9.554   1.00 11.68 ? 2655 G   A "C3'" 1 
ATOM   172 O "O3'" . G   A 1 9  ? -0.626  6.304   8.930   1.00 10.94 ? 2655 G   A "O3'" 1 
ATOM   173 C "C2'" . G   A 1 9  ? 0.926   5.116   10.364  1.00 11.80 ? 2655 G   A "C2'" 1 
ATOM   174 O "O2'" . G   A 1 9  ? -0.130  4.776   11.240  1.00 12.77 ? 2655 G   A "O2'" 1 
ATOM   175 C "C1'" . G   A 1 9  ? 1.023   4.146   9.196   1.00 11.19 ? 2655 G   A "C1'" 1 
ATOM   176 N N9    . G   A 1 9  ? 1.560   2.814   9.483   1.00 11.30 ? 2655 G   A N9    1 
ATOM   177 C C8    . G   A 1 9  ? 2.412   2.406   10.482  1.00 12.20 ? 2655 G   A C8    1 
ATOM   178 N N7    . G   A 1 9  ? 2.684   1.127   10.433  1.00 12.90 ? 2655 G   A N7    1 
ATOM   179 C C5    . G   A 1 9  ? 1.968   0.660   9.335   1.00 12.12 ? 2655 G   A C5    1 
ATOM   180 C C6    . G   A 1 9  ? 1.860   -0.637  8.773   1.00 12.59 ? 2655 G   A C6    1 
ATOM   181 O O6    . G   A 1 9  ? 2.396   -1.687  9.146   1.00 14.49 ? 2655 G   A O6    1 
ATOM   182 N N1    . G   A 1 9  ? 1.025   -0.653  7.658   1.00 11.08 ? 2655 G   A N1    1 
ATOM   183 C C2    . G   A 1 9  ? 0.375   0.444   7.148   1.00 10.18 ? 2655 G   A C2    1 
ATOM   184 N N2    . G   A 1 9  ? -0.390  0.238   6.067   1.00 10.33 ? 2655 G   A N2    1 
ATOM   185 N N3    . G   A 1 9  ? 0.466   1.659   7.665   1.00 10.08 ? 2655 G   A N3    1 
ATOM   186 C C4    . G   A 1 9  ? 1.274   1.690   8.748   1.00 10.92 ? 2655 G   A C4    1 
ATOM   187 P P     . U   A 1 10 ? -1.968  6.676   9.706   1.00 11.27 ? 2656 U   A P     1 
ATOM   188 O OP1   . U   A 1 10 ? -1.644  7.610   10.808  1.00 12.54 ? 2656 U   A OP1   1 
ATOM   189 O OP2   . U   A 1 10 ? -2.697  5.421   9.989   1.00 11.19 ? 2656 U   A OP2   1 
ATOM   190 O "O5'" . U   A 1 10 ? -2.801  7.423   8.568   1.00 11.04 ? 2656 U   A "O5'" 1 
ATOM   191 C "C5'" . U   A 1 10 ? -2.459  8.734   8.152   1.00 10.70 ? 2656 U   A "C5'" 1 
ATOM   192 C "C4'" . U   A 1 10 ? -2.986  8.955   6.748   1.00 10.47 ? 2656 U   A "C4'" 1 
ATOM   193 O "O4'" . U   A 1 10 ? -2.117  8.275   5.814   1.00 10.41 ? 2656 U   A "O4'" 1 
ATOM   194 C "C3'" . U   A 1 10 ? -4.366  8.367   6.499   1.00 10.22 ? 2656 U   A "C3'" 1 
ATOM   195 O "O3'" . U   A 1 10 ? -5.359  9.326   6.814   1.00 10.88 ? 2656 U   A "O3'" 1 
ATOM   196 C "C2'" . U   A 1 10 ? -4.336  8.087   5.005   1.00 9.93  ? 2656 U   A "C2'" 1 
ATOM   197 O "O2'" . U   A 1 10 ? -4.595  9.262   4.260   1.00 10.64 ? 2656 U   A "O2'" 1 
ATOM   198 C "C1'" . U   A 1 10 ? -2.888  7.647   4.811   1.00 9.92  ? 2656 U   A "C1'" 1 
ATOM   199 N N1    . U   A 1 10 ? -2.652  6.170   4.874   1.00 9.52  ? 2656 U   A N1    1 
ATOM   200 C C2    . U   A 1 10 ? -3.234  5.384   3.907   1.00 9.00  ? 2656 U   A C2    1 
ATOM   201 O O2    . U   A 1 10 ? -3.947  5.843   3.031   1.00 9.31  ? 2656 U   A O2    1 
ATOM   202 N N3    . U   A 1 10 ? -2.955  4.044   4.008   1.00 9.11  ? 2656 U   A N3    1 
ATOM   203 C C4    . U   A 1 10 ? -2.163  3.428   4.958   1.00 9.37  ? 2656 U   A C4    1 
ATOM   204 O O4    . U   A 1 10 ? -2.010  2.212   4.919   1.00 9.85  ? 2656 U   A O4    1 
ATOM   205 C C5    . U   A 1 10 ? -1.577  4.316   5.931   1.00 9.46  ? 2656 U   A C5    1 
ATOM   206 C C6    . U   A 1 10 ? -1.837  5.627   5.850   1.00 9.55  ? 2656 U   A C6    1 
ATOM   207 P P     . A   A 1 11 ? -6.719  8.873   7.516   1.00 11.06 ? 2657 A   A P     1 
ATOM   208 O OP1   . A   A 1 11 ? -7.529  10.100  7.696   1.00 11.96 ? 2657 A   A OP1   1 
ATOM   209 O OP2   . A   A 1 11 ? -6.396  8.023   8.680   1.00 11.62 ? 2657 A   A OP2   1 
ATOM   210 O "O5'" . A   A 1 11 ? -7.418  7.924   6.440   1.00 10.29 ? 2657 A   A "O5'" 1 
ATOM   211 C "C5'" . A   A 1 11 ? -7.930  8.494   5.251   1.00 10.44 ? 2657 A   A "C5'" 1 
ATOM   212 C "C4'" . A   A 1 11 ? -8.492  7.404   4.367   1.00 9.71  ? 2657 A   A "C4'" 1 
ATOM   213 O "O4'" . A   A 1 11 ? -7.422  6.528   3.944   1.00 9.65  ? 2657 A   A "O4'" 1 
ATOM   214 C "C3'" . A   A 1 11 ? -9.472  6.453   5.039   1.00 9.79  ? 2657 A   A "C3'" 1 
ATOM   215 O "O3'" . A   A 1 11 ? -10.762 7.027   5.135   1.00 10.59 ? 2657 A   A "O3'" 1 
ATOM   216 C "C2'" . A   A 1 11 ? -9.458  5.303   4.046   1.00 9.92  ? 2657 A   A "C2'" 1 
ATOM   217 O "O2'" . A   A 1 11 ? -10.166 5.617   2.865   1.00 11.53 ? 2657 A   A "O2'" 1 
ATOM   218 C "C1'" . A   A 1 11 ? -7.969  5.237   3.739   1.00 9.06  ? 2657 A   A "C1'" 1 
ATOM   219 N N9    . A   A 1 11 ? -7.224  4.260   4.525   1.00 8.39  ? 2657 A   A N9    1 
ATOM   220 C C8    . A   A 1 11 ? -6.255  4.485   5.464   1.00 8.62  ? 2657 A   A C8    1 
ATOM   221 N N7    . A   A 1 11 ? -5.759  3.382   5.972   1.00 8.76  ? 2657 A   A N7    1 
ATOM   222 C C5    . A   A 1 11 ? -6.446  2.372   5.319   1.00 8.09  ? 2657 A   A C5    1 
ATOM   223 C C6    . A   A 1 11 ? -6.388  0.968   5.396   1.00 8.46  ? 2657 A   A C6    1 
ATOM   224 N N6    . A   A 1 11 ? -5.562  0.309   6.211   1.00 9.18  ? 2657 A   A N6    1 
ATOM   225 N N1    . A   A 1 11 ? -7.216  0.265   4.599   1.00 8.93  ? 2657 A   A N1    1 
ATOM   226 C C2    . A   A 1 11 ? -8.043  0.922   3.781   1.00 8.77  ? 2657 A   A C2    1 
ATOM   227 N N3    . A   A 1 11 ? -8.188  2.232   3.619   1.00 8.50  ? 2657 A   A N3    1 
ATOM   228 C C4    . A   A 1 11 ? -7.351  2.901   4.425   1.00 8.02  ? 2657 A   A C4    1 
ATOM   229 P P     . C   A 1 12 ? -11.622 6.805   6.464   1.00 11.19 ? 2658 C   A P     1 
ATOM   230 O OP1   . C   A 1 12 ? -12.978 7.336   6.195   1.00 12.67 ? 2658 C   A OP1   1 
ATOM   231 O OP2   . C   A 1 12 ? -10.857 7.313   7.620   1.00 12.22 ? 2658 C   A OP2   1 
ATOM   232 O "O5'" . C   A 1 12 ? -11.675 5.213   6.616   1.00 9.85  ? 2658 C   A "O5'" 1 
ATOM   233 C "C5'" . C   A 1 12 ? -12.421 4.425   5.706   1.00 8.95  ? 2658 C   A "C5'" 1 
ATOM   234 C "C4'" . C   A 1 12 ? -12.165 2.955   5.969   1.00 8.42  ? 2658 C   A "C4'" 1 
ATOM   235 O "O4'" . C   A 1 12 ? -10.768 2.665   5.726   1.00 8.65  ? 2658 C   A "O4'" 1 
ATOM   236 C "C3'" . C   A 1 12 ? -12.374 2.517   7.409   1.00 8.25  ? 2658 C   A "C3'" 1 
ATOM   237 O "O3'" . C   A 1 12 ? -13.753 2.317   7.679   1.00 8.60  ? 2658 C   A "O3'" 1 
ATOM   238 C "C2'" . C   A 1 12 ? -11.578 1.216   7.415   1.00 8.31  ? 2658 C   A "C2'" 1 
ATOM   239 O "O2'" . C   A 1 12 ? -12.264 0.164   6.768   1.00 9.11  ? 2658 C   A "O2'" 1 
ATOM   240 C "C1'" . C   A 1 12 ? -10.356 1.632   6.599   1.00 8.44  ? 2658 C   A "C1'" 1 
ATOM   241 N N1    . C   A 1 12 ? -9.272  2.113   7.494   1.00 8.29  ? 2658 C   A N1    1 
ATOM   242 C C2    . C   A 1 12 ? -8.514  1.146   8.152   1.00 8.10  ? 2658 C   A C2    1 
ATOM   243 O O2    . C   A 1 12 ? -8.770  -0.046  7.936   1.00 8.54  ? 2658 C   A O2    1 
ATOM   244 N N3    . C   A 1 12 ? -7.526  1.540   8.994   1.00 8.24  ? 2658 C   A N3    1 
ATOM   245 C C4    . C   A 1 12 ? -7.297  2.842   9.186   1.00 8.44  ? 2658 C   A C4    1 
ATOM   246 N N4    . C   A 1 12 ? -6.316  3.185   10.025  1.00 9.47  ? 2658 C   A N4    1 
ATOM   247 C C5    . C   A 1 12 ? -8.067  3.851   8.529   1.00 8.84  ? 2658 C   A C5    1 
ATOM   248 C C6    . C   A 1 12 ? -9.038  3.445   7.700   1.00 8.56  ? 2658 C   A C6    1 
ATOM   249 P P     . G   A 1 13 ? -14.300 2.550   9.169   1.00 9.02  ? 2659 G   A P     1 
ATOM   250 O OP1   . G   A 1 13 ? -15.755 2.286   9.116   1.00 10.06 ? 2659 G   A OP1   1 
ATOM   251 O OP2   . G   A 1 13 ? -13.797 3.841   9.691   1.00 9.31  ? 2659 G   A OP2   1 
ATOM   252 O "O5'" . G   A 1 13 ? -13.574 1.413   10.021  1.00 9.03  ? 2659 G   A "O5'" 1 
ATOM   253 C "C5'" . G   A 1 13 ? -13.939 0.049   9.899   1.00 9.06  ? 2659 G   A "C5'" 1 
ATOM   254 C "C4'" . G   A 1 13 ? -13.055 -0.788  10.802  1.00 8.83  ? 2659 G   A "C4'" 1 
ATOM   255 O "O4'" . G   A 1 13 ? -11.683 -0.681  10.349  1.00 8.69  ? 2659 G   A "O4'" 1 
ATOM   256 C "C3'" . G   A 1 13 ? -12.988 -0.331  12.251  1.00 8.72  ? 2659 G   A "C3'" 1 
ATOM   257 O "O3'" . G   A 1 13 ? -14.137 -0.779  12.971  1.00 9.61  ? 2659 G   A "O3'" 1 
ATOM   258 C "C2'" . G   A 1 13 ? -11.686 -1.001  12.689  1.00 8.70  ? 2659 G   A "C2'" 1 
ATOM   259 O "O2'" . G   A 1 13 ? -11.869 -2.364  13.016  1.00 9.32  ? 2659 G   A "O2'" 1 
ATOM   260 C "C1'" . G   A 1 13 ? -10.801 -0.806  11.444  1.00 8.77  ? 2659 G   A "C1'" 1 
ATOM   261 N N9    . G   A 1 13 ? -10.062 0.429   11.644  1.00 8.44  ? 2659 G   A N9    1 
ATOM   262 C C8    . G   A 1 13 ? -10.295 1.695   11.163  1.00 8.63  ? 2659 G   A C8    1 
ATOM   263 N N7    . G   A 1 13 ? -9.448  2.579   11.627  1.00 8.90  ? 2659 G   A N7    1 
ATOM   264 C C5    . G   A 1 13 ? -8.621  1.855   12.477  1.00 8.78  ? 2659 G   A C5    1 
ATOM   265 C C6    . G   A 1 13 ? -7.527  2.248   13.282  1.00 9.37  ? 2659 G   A C6    1 
ATOM   266 O O6    . G   A 1 13 ? -7.027  3.372   13.412  1.00 10.41 ? 2659 G   A O6    1 
ATOM   267 N N1    . G   A 1 13 ? -7.001  1.171   13.992  1.00 8.69  ? 2659 G   A N1    1 
ATOM   268 C C2    . G   A 1 13 ? -7.460  -0.121  13.935  1.00 8.34  ? 2659 G   A C2    1 
ATOM   269 N N2    . G   A 1 13 ? -6.831  -1.032  14.691  1.00 8.25  ? 2659 G   A N2    1 
ATOM   270 N N3    . G   A 1 13 ? -8.477  -0.500  13.185  1.00 8.61  ? 2659 G   A N3    1 
ATOM   271 C C4    . G   A 1 13 ? -9.002  0.537   12.498  1.00 8.54  ? 2659 G   A C4    1 
ATOM   272 P P     . A   A 1 14 ? -14.942 0.262   13.883  1.00 10.32 ? 2660 A   A P     1 
ATOM   273 O OP1   . A   A 1 14 ? -16.047 -0.475  14.533  1.00 11.79 ? 2660 A   A OP1   1 
ATOM   274 O OP2   . A   A 1 14 ? -15.249 1.482   13.103  1.00 11.26 ? 2660 A   A OP2   1 
ATOM   275 O "O5'" . A   A 1 14 ? -13.828 0.623   14.970  1.00 10.33 ? 2660 A   A "O5'" 1 
ATOM   276 C "C5'" . A   A 1 14 ? -13.990 1.761   15.800  1.00 10.78 ? 2660 A   A "C5'" 1 
ATOM   277 C "C4'" . A   A 1 14 ? -13.631 1.418   17.233  1.00 10.54 ? 2660 A   A "C4'" 1 
ATOM   278 O "O4'" . A   A 1 14 ? -14.491 0.345   17.687  1.00 10.86 ? 2660 A   A "O4'" 1 
ATOM   279 C "C3'" . A   A 1 14 ? -12.228 0.874   17.463  1.00 10.05 ? 2660 A   A "C3'" 1 
ATOM   280 O "O3'" . A   A 1 14 ? -11.285 1.930   17.560  1.00 10.54 ? 2660 A   A "O3'" 1 
ATOM   281 C "C2'" . A   A 1 14 ? -12.422 0.191   18.809  1.00 10.43 ? 2660 A   A "C2'" 1 
ATOM   282 O "O2'" . A   A 1 14 ? -12.563 1.122   19.862  1.00 11.03 ? 2660 A   A "O2'" 1 
ATOM   283 C "C1'" . A   A 1 14 ? -13.768 -0.479  18.584  1.00 10.62 ? 2660 A   A "C1'" 1 
ATOM   284 N N9    . A   A 1 14 ? -13.725 -1.851  18.077  1.00 11.14 ? 2660 A   A N9    1 
ATOM   285 C C8    . A   A 1 14 ? -14.040 -2.303  16.822  1.00 11.64 ? 2660 A   A C8    1 
ATOM   286 N N7    . A   A 1 14 ? -13.929 -3.606  16.692  1.00 12.11 ? 2660 A   A N7    1 
ATOM   287 C C5    . A   A 1 14 ? -13.523 -4.036  17.946  1.00 11.99 ? 2660 A   A C5    1 
ATOM   288 C C6    . A   A 1 14 ? -13.232 -5.310  18.476  1.00 12.39 ? 2660 A   A C6    1 
ATOM   289 N N6    . A   A 1 14 ? -13.310 -6.438  17.764  1.00 13.34 ? 2660 A   A N6    1 
ATOM   290 N N1    . A   A 1 14 ? -12.856 -5.380  19.770  1.00 12.34 ? 2660 A   A N1    1 
ATOM   291 C C2    . A   A 1 14 ? -12.778 -4.255  20.485  1.00 12.54 ? 2660 A   A C2    1 
ATOM   292 N N3    . A   A 1 14 ? -13.028 -3.008  20.098  1.00 12.38 ? 2660 A   A N3    1 
ATOM   293 C C4    . A   A 1 14 ? -13.399 -2.967  18.809  1.00 11.45 ? 2660 A   A C4    1 
ATOM   294 P P     . G   A 1 15 ? -10.039 2.034   16.553  1.00 9.63  ? 2661 G   A P     1 
ATOM   295 O OP1   . G   A 1 15 ? -9.453  3.375   16.781  1.00 11.01 ? 2661 G   A OP1   1 
ATOM   296 O OP2   . G   A 1 15 ? -10.458 1.633   15.194  1.00 10.31 ? 2661 G   A OP2   1 
ATOM   297 O "O5'" . G   A 1 15 ? -9.016  0.926   17.079  1.00 9.21  ? 2661 G   A "O5'" 1 
ATOM   298 C "C5'" . G   A 1 15 ? -8.447  1.072   18.367  1.00 9.65  ? 2661 G   A "C5'" 1 
ATOM   299 C "C4'" . G   A 1 15 ? -8.304  -0.275  19.047  1.00 8.71  ? 2661 G   A "C4'" 1 
ATOM   300 O "O4'" . G   A 1 15 ? -9.554  -0.995  18.950  1.00 8.84  ? 2661 G   A "O4'" 1 
ATOM   301 C "C3'" . G   A 1 15 ? -7.282  -1.229  18.448  1.00 8.47  ? 2661 G   A "C3'" 1 
ATOM   302 O "O3'" . G   A 1 15 ? -6.005  -0.910  18.959  1.00 8.39  ? 2661 G   A "O3'" 1 
ATOM   303 C "C2'" . G   A 1 15 ? -7.777  -2.556  18.999  1.00 8.74  ? 2661 G   A "C2'" 1 
ATOM   304 O "O2'" . G   A 1 15 ? -7.500  -2.675  20.380  1.00 9.05  ? 2661 G   A "O2'" 1 
ATOM   305 C "C1'" . G   A 1 15 ? -9.270  -2.375  18.796  1.00 8.77  ? 2661 G   A "C1'" 1 
ATOM   306 N N9    . G   A 1 15 ? -9.806  -2.831  17.514  1.00 8.43  ? 2661 G   A N9    1 
ATOM   307 C C8    . G   A 1 15 ? -10.206 -2.075  16.437  1.00 8.74  ? 2661 G   A C8    1 
ATOM   308 N N7    . G   A 1 15 ? -10.677 -2.791  15.451  1.00 8.76  ? 2661 G   A N7    1 
ATOM   309 C C5    . G   A 1 15 ? -10.593 -4.101  15.903  1.00 8.15  ? 2661 G   A C5    1 
ATOM   310 C C6    . G   A 1 15 ? -10.957 -5.319  15.279  1.00 8.81  ? 2661 G   A C6    1 
ATOM   311 O O6    . G   A 1 15 ? -11.454 -5.495  14.158  1.00 10.05 ? 2661 G   A O6    1 
ATOM   312 N N1    . G   A 1 15 ? -10.694 -6.417  16.095  1.00 8.26  ? 2661 G   A N1    1 
ATOM   313 C C2    . G   A 1 15 ? -10.153 -6.349  17.357  1.00 8.24  ? 2661 G   A C2    1 
ATOM   314 N N2    . G   A 1 15 ? -9.969  -7.517  17.989  1.00 9.11  ? 2661 G   A N2    1 
ATOM   315 N N3    . G   A 1 15 ? -9.812  -5.216  17.956  1.00 8.03  ? 2661 G   A N3    1 
ATOM   316 C C4    . G   A 1 15 ? -10.060 -4.138  17.173  1.00 8.05  ? 2661 G   A C4    1 
ATOM   317 P P     . A   A 1 16 ? -4.692  -1.266  18.126  1.00 8.55  ? 2662 A   A P     1 
ATOM   318 O OP1   . A   A 1 16 ? -3.544  -0.869  18.969  1.00 9.70  ? 2662 A   A OP1   1 
ATOM   319 O OP2   . A   A 1 16 ? -4.804  -0.737  16.747  1.00 8.71  ? 2662 A   A OP2   1 
ATOM   320 O "O5'" . A   A 1 16 ? -4.751  -2.861  17.991  1.00 8.48  ? 2662 A   A "O5'" 1 
ATOM   321 C "C5'" . A   A 1 16 ? -4.532  -3.711  19.112  1.00 8.75  ? 2662 A   A "C5'" 1 
ATOM   322 C "C4'" . A   A 1 16 ? -4.682  -5.152  18.667  1.00 8.42  ? 2662 A   A "C4'" 1 
ATOM   323 O "O4'" . A   A 1 16 ? -6.067  -5.412  18.326  1.00 8.23  ? 2662 A   A "O4'" 1 
ATOM   324 C "C3'" . A   A 1 16 ? -3.914  -5.498  17.403  1.00 8.30  ? 2662 A   A "C3'" 1 
ATOM   325 O "O3'" . A   A 1 16 ? -2.566  -5.793  17.746  1.00 8.93  ? 2662 A   A "O3'" 1 
ATOM   326 C "C2'" . A   A 1 16 ? -4.698  -6.710  16.903  1.00 8.60  ? 2662 A   A "C2'" 1 
ATOM   327 O "O2'" . A   A 1 16 ? -4.342  -7.898  17.578  1.00 9.34  ? 2662 A   A "O2'" 1 
ATOM   328 C "C1'" . A   A 1 16 ? -6.138  -6.305  17.231  1.00 8.27  ? 2662 A   A "C1'" 1 
ATOM   329 N N9    . A   A 1 16 ? -6.737  -5.627  16.087  1.00 7.85  ? 2662 A   A N9    1 
ATOM   330 C C8    . A   A 1 16 ? -6.628  -4.297  15.782  1.00 7.90  ? 2662 A   A C8    1 
ATOM   331 N N7    . A   A 1 16 ? -7.230  -3.957  14.670  1.00 8.18  ? 2662 A   A N7    1 
ATOM   332 C C5    . A   A 1 16 ? -7.760  -5.148  14.216  1.00 8.50  ? 2662 A   A C5    1 
ATOM   333 C C6    . A   A 1 16 ? -8.515  -5.443  13.074  1.00 9.30  ? 2662 A   A C6    1 
ATOM   334 N N6    . A   A 1 16 ? -8.856  -4.505  12.185  1.00 10.56 ? 2662 A   A N6    1 
ATOM   335 N N1    . A   A 1 16 ? -8.891  -6.723  12.888  1.00 9.52  ? 2662 A   A N1    1 
ATOM   336 C C2    . A   A 1 16 ? -8.536  -7.640  13.799  1.00 9.11  ? 2662 A   A C2    1 
ATOM   337 N N3    . A   A 1 16 ? -7.826  -7.480  14.916  1.00 8.28  ? 2662 A   A N3    1 
ATOM   338 C C4    . A   A 1 16 ? -7.466  -6.194  15.066  1.00 7.96  ? 2662 A   A C4    1 
ATOM   339 P P     . G   A 1 17 ? -1.381  -5.332  16.781  1.00 9.27  ? 2663 G   A P     1 
ATOM   340 O OP1   . G   A 1 17 ? -0.123  -5.784  17.417  1.00 11.48 ? 2663 G   A OP1   1 
ATOM   341 O OP2   . G   A 1 17 ? -1.537  -3.904  16.410  1.00 9.83  ? 2663 G   A OP2   1 
ATOM   342 O "O5'" . G   A 1 17 ? -1.684  -6.234  15.503  1.00 9.15  ? 2663 G   A "O5'" 1 
ATOM   343 C "C5'" . G   A 1 17 ? -1.415  -5.729  14.209  1.00 9.58  ? 2663 G   A "C5'" 1 
ATOM   344 C "C4'" . G   A 1 17 ? -2.590  -5.996  13.292  1.00 9.01  ? 2663 G   A "C4'" 1 
ATOM   345 O "O4'" . G   A 1 17 ? -3.768  -5.315  13.796  1.00 9.21  ? 2663 G   A "O4'" 1 
ATOM   346 C "C3'" . G   A 1 17 ? -2.403  -5.424  11.901  1.00 9.11  ? 2663 G   A "C3'" 1 
ATOM   347 O "O3'" . G   A 1 17 ? -1.615  -6.303  11.100  1.00 9.27  ? 2663 G   A "O3'" 1 
ATOM   348 C "C2'" . G   A 1 17 ? -3.858  -5.314  11.448  1.00 8.99  ? 2663 G   A "C2'" 1 
ATOM   349 O "O2'" . G   A 1 17 ? -4.394  -6.560  11.051  1.00 9.75  ? 2663 G   A "O2'" 1 
ATOM   350 C "C1'" . G   A 1 17 ? -4.521  -4.782  12.724  1.00 9.02  ? 2663 G   A "C1'" 1 
ATOM   351 N N9    . G   A 1 17 ? -4.411  -3.328  12.718  1.00 8.75  ? 2663 G   A N9    1 
ATOM   352 C C8    . G   A 1 17 ? -3.573  -2.525  13.452  1.00 9.04  ? 2663 G   A C8    1 
ATOM   353 N N7    . G   A 1 17 ? -3.691  -1.253  13.174  1.00 9.19  ? 2663 G   A N7    1 
ATOM   354 C C5    . G   A 1 17 ? -4.664  -1.209  12.180  1.00 8.42  ? 2663 G   A C5    1 
ATOM   355 C C6    . G   A 1 17 ? -5.221  -0.110  11.478  1.00 8.50  ? 2663 G   A C6    1 
ATOM   356 O O6    . G   A 1 17 ? -4.951  1.096   11.583  1.00 9.01  ? 2663 G   A O6    1 
ATOM   357 N N1    . G   A 1 17 ? -6.179  -0.524  10.553  1.00 8.43  ? 2663 G   A N1    1 
ATOM   358 C C2    . G   A 1 17 ? -6.563  -1.828  10.347  1.00 8.33  ? 2663 G   A C2    1 
ATOM   359 N N2    . G   A 1 17 ? -7.512  -2.035  9.421   1.00 9.31  ? 2663 G   A N2    1 
ATOM   360 N N3    . G   A 1 17 ? -6.051  -2.863  10.997  1.00 8.51  ? 2663 G   A N3    1 
ATOM   361 C C4    . G   A 1 17 ? -5.110  -2.480  11.891  1.00 8.25  ? 2663 G   A C4    1 
ATOM   362 P P     . G   A 1 18 ? -0.480  -5.689  10.150  1.00 9.86  ? 2664 G   A P     1 
ATOM   363 O OP1   . G   A 1 18 ? 0.133   -6.822  9.421   1.00 11.33 ? 2664 G   A OP1   1 
ATOM   364 O OP2   . G   A 1 18 ? 0.369   -4.773  10.948  1.00 10.82 ? 2664 G   A OP2   1 
ATOM   365 O "O5'" . G   A 1 18 ? -1.311  -4.772  9.137   1.00 9.36  ? 2664 G   A "O5'" 1 
ATOM   366 C "C5'" . G   A 1 18 ? -2.292  -5.334  8.281   1.00 9.42  ? 2664 G   A "C5'" 1 
ATOM   367 C "C4'" . G   A 1 18 ? -3.045  -4.228  7.563   1.00 8.84  ? 2664 G   A "C4'" 1 
ATOM   368 O "O4'" . G   A 1 18 ? -3.729  -3.387  8.526   1.00 8.59  ? 2664 G   A "O4'" 1 
ATOM   369 C "C3'" . G   A 1 18 ? -2.173  -3.250  6.792   1.00 8.51  ? 2664 G   A "C3'" 1 
ATOM   370 O "O3'" . G   A 1 18 ? -1.794  -3.801  5.533   1.00 8.78  ? 2664 G   A "O3'" 1 
ATOM   371 C "C2'" . G   A 1 18 ? -3.128  -2.068  6.671   1.00 8.56  ? 2664 G   A "C2'" 1 
ATOM   372 O "O2'" . G   A 1 18 ? -4.196  -2.317  5.783   1.00 8.86  ? 2664 G   A "O2'" 1 
ATOM   373 C "C1'" . G   A 1 18 ? -3.676  -2.037  8.092   1.00 8.39  ? 2664 G   A "C1'" 1 
ATOM   374 N N9    . G   A 1 18 ? -2.851  -1.277  9.026   1.00 8.36  ? 2664 G   A N9    1 
ATOM   375 C C8    . G   A 1 18 ? -1.979  -1.779  9.963   1.00 8.72  ? 2664 G   A C8    1 
ATOM   376 N N7    . G   A 1 18 ? -1.376  -0.856  10.657  1.00 9.30  ? 2664 G   A N7    1 
ATOM   377 C C5    . G   A 1 18 ? -1.878  0.336   10.149  1.00 8.94  ? 2664 G   A C5    1 
ATOM   378 C C6    . G   A 1 18 ? -1.585  1.671   10.517  1.00 9.71  ? 2664 G   A C6    1 
ATOM   379 O O6    . G   A 1 18 ? -0.805  2.067   11.394  1.00 11.02 ? 2664 G   A O6    1 
ATOM   380 N N1    . G   A 1 18 ? -2.304  2.588   9.756   1.00 9.14  ? 2664 G   A N1    1 
ATOM   381 C C2    . G   A 1 18 ? -3.193  2.255   8.763   1.00 8.79  ? 2664 G   A C2    1 
ATOM   382 N N2    . G   A 1 18 ? -3.788  3.284   8.139   1.00 9.25  ? 2664 G   A N2    1 
ATOM   383 N N3    . G   A 1 18 ? -3.474  1.006   8.408   1.00 8.43  ? 2664 G   A N3    1 
ATOM   384 C C4    . G   A 1 18 ? -2.784  0.097   9.141   1.00 8.41  ? 2664 G   A C4    1 
ATOM   385 P P     . A   A 1 19 ? -0.489  -3.241  4.786   1.00 9.05  ? 2665 A   A P     1 
ATOM   386 O OP1   . A   A 1 19 ? -0.122  -4.210  3.733   1.00 10.25 ? 2665 A   A OP1   1 
ATOM   387 O OP2   . A   A 1 19 ? 0.509   -2.853  5.808   1.00 10.04 ? 2665 A   A OP2   1 
ATOM   388 O "O5'" . A   A 1 19 ? -1.027  -1.878  4.140   1.00 9.01  ? 2665 A   A "O5'" 1 
ATOM   389 C "C5'" . A   A 1 19 ? -1.224  -1.713  2.737   1.00 9.35  ? 2665 A   A "C5'" 1 
ATOM   390 C "C4'" . A   A 1 19 ? -2.553  -2.262  2.251   1.00 9.22  ? 2665 A   A "C4'" 1 
ATOM   391 O "O4'" . A   A 1 19 ? -3.653  -1.789  3.073   1.00 9.45  ? 2665 A   A "O4'" 1 
ATOM   392 C "C3'" . A   A 1 19 ? -2.922  -1.787  0.855   1.00 9.58  ? 2665 A   A "C3'" 1 
ATOM   393 O "O3'" . A   A 1 19 ? -2.243  -2.543  -0.139  1.00 9.52  ? 2665 A   A "O3'" 1 
ATOM   394 C "C2'" . A   A 1 19 ? -4.421  -2.045  0.882   1.00 10.09 ? 2665 A   A "C2'" 1 
ATOM   395 O "O2'" . A   A 1 19 ? -4.732  -3.422  0.852   1.00 11.34 ? 2665 A   A "O2'" 1 
ATOM   396 C "C1'" . A   A 1 19 ? -4.750  -1.442  2.242   1.00 9.40  ? 2665 A   A "C1'" 1 
ATOM   397 N N9    . A   A 1 19 ? -4.828  0.013   2.151   1.00 9.08  ? 2665 A   A N9    1 
ATOM   398 C C8    . A   A 1 19 ? -3.949  0.915   2.686   1.00 9.15  ? 2665 A   A C8    1 
ATOM   399 N N7    . A   A 1 19 ? -4.253  2.163   2.426   1.00 9.31  ? 2665 A   A N7    1 
ATOM   400 C C5    . A   A 1 19 ? -5.408  2.080   1.667   1.00 9.27  ? 2665 A   A C5    1 
ATOM   401 C C6    . A   A 1 19 ? -6.221  3.072   1.085   1.00 9.71  ? 2665 A   A C6    1 
ATOM   402 N N6    . A   A 1 19 ? -5.964  4.381   1.193   1.00 10.71 ? 2665 A   A N6    1 
ATOM   403 N N1    . A   A 1 19 ? -7.304  2.657   0.394   1.00 10.79 ? 2665 A   A N1    1 
ATOM   404 C C2    . A   A 1 19 ? -7.543  1.342   0.299   1.00 10.93 ? 2665 A   A C2    1 
ATOM   405 N N3    . A   A 1 19 ? -6.847  0.320   0.800   1.00 10.04 ? 2665 A   A N3    1 
ATOM   406 C C4    . A   A 1 19 ? -5.777  0.761   1.482   1.00 9.48  ? 2665 A   A C4    1 
ATOM   407 P P     . C   A 1 20 ? -1.863  -1.853  -1.536  1.00 9.88  ? 2666 C   A P     1 
ATOM   408 O OP1   . C   A 1 20 ? -0.889  -2.744  -2.204  1.00 11.42 ? 2666 C   A OP1   1 
ATOM   409 O OP2   . C   A 1 20 ? -1.510  -0.436  -1.291  1.00 9.75  ? 2666 C   A OP2   1 
ATOM   410 O "O5'" . C   A 1 20 ? -3.243  -1.858  -2.337  1.00 10.14 ? 2666 C   A "O5'" 1 
ATOM   411 C "C5'" . C   A 1 20 ? -3.945  -3.076  -2.552  1.00 11.22 ? 2666 C   A "C5'" 1 
ATOM   412 C "C4'" . C   A 1 20 ? -5.323  -2.773  -3.106  1.00 12.17 ? 2666 C   A "C4'" 1 
ATOM   413 O "O4'" . C   A 1 20 ? -6.004  -1.866  -2.206  1.00 12.07 ? 2666 C   A "O4'" 1 
ATOM   414 C "C3'" . C   A 1 20 ? -5.337  -2.041  -4.441  1.00 12.60 ? 2666 C   A "C3'" 1 
ATOM   415 O "O3'" . C   A 1 20 ? -5.191  -2.945  -5.526  1.00 13.28 ? 2666 C   A "O3'" 1 
ATOM   416 C "C2'" . C   A 1 20 ? -6.736  -1.446  -4.413  1.00 13.05 ? 2666 C   A "C2'" 1 
ATOM   417 O "O2'" . C   A 1 20 ? -7.721  -2.426  -4.670  1.00 14.46 ? 2666 C   A "O2'" 1 
ATOM   418 C "C1'" . C   A 1 20 ? -6.818  -0.987  -2.960  1.00 12.07 ? 2666 C   A "C1'" 1 
ATOM   419 N N1    . C   A 1 20 ? -6.369  0.427   -2.755  1.00 11.01 ? 2666 C   A N1    1 
ATOM   420 C C2    . C   A 1 20 ? -7.210  1.442   -3.213  1.00 11.46 ? 2666 C   A C2    1 
ATOM   421 O O2    . C   A 1 20 ? -8.270  1.120   -3.764  1.00 12.82 ? 2666 C   A O2    1 
ATOM   422 N N3    . C   A 1 20 ? -6.836  2.734   -3.042  1.00 11.02 ? 2666 C   A N3    1 
ATOM   423 C C4    . C   A 1 20 ? -5.682  3.022   -2.437  1.00 10.35 ? 2666 C   A C4    1 
ATOM   424 N N4    . C   A 1 20 ? -5.365  4.315   -2.295  1.00 10.56 ? 2666 C   A N4    1 
ATOM   425 C C5    . C   A 1 20 ? -4.808  1.998   -1.961  1.00 10.03 ? 2666 C   A C5    1 
ATOM   426 C C6    . C   A 1 20 ? -5.188  0.725   -2.136  1.00 10.11 ? 2666 C   A C6    1 
ATOM   427 P P     . C   A 1 21 ? -4.147  -2.632  -6.701  1.00 13.85 ? 2667 C   A P     1 
ATOM   428 O OP1   . C   A 1 21 ? -4.134  -3.813  -7.595  1.00 15.37 ? 2667 C   A OP1   1 
ATOM   429 O OP2   . C   A 1 21 ? -2.887  -2.150  -6.095  1.00 14.11 ? 2667 C   A OP2   1 
ATOM   430 O "O5'" . C   A 1 21 ? -4.793  -1.388  -7.466  1.00 13.65 ? 2667 C   A "O5'" 1 
ATOM   431 C "C5'" . C   A 1 21 ? -6.025  -1.502  -8.156  1.00 13.92 ? 2667 C   A "C5'" 1 
ATOM   432 C "C4'" . C   A 1 21 ? -6.594  -0.116  -8.379  1.00 13.84 ? 2667 C   A "C4'" 1 
ATOM   433 O "O4'" . C   A 1 21 ? -6.766  0.529   -7.095  1.00 13.98 ? 2667 C   A "O4'" 1 
ATOM   434 C "C3'" . C   A 1 21 ? -5.695  0.841   -9.146  1.00 13.62 ? 2667 C   A "C3'" 1 
ATOM   435 O "O3'" . C   A 1 21 ? -5.873  0.668   -10.532 1.00 13.53 ? 2667 C   A "O3'" 1 
ATOM   436 C "C2'" . C   A 1 21 ? -6.257  2.183   -8.704  1.00 14.32 ? 2667 C   A "C2'" 1 
ATOM   437 O "O2'" . C   A 1 21 ? -7.457  2.500   -9.382  1.00 15.35 ? 2667 C   A "O2'" 1 
ATOM   438 C "C1'" . C   A 1 21 ? -6.521  1.916   -7.226  1.00 13.99 ? 2667 C   A "C1'" 1 
ATOM   439 N N1    . C   A 1 21 ? -5.356  2.308   -6.391  1.00 13.40 ? 2667 C   A N1    1 
ATOM   440 C C2    . C   A 1 21 ? -5.138  3.669   -6.174  1.00 13.85 ? 2667 C   A C2    1 
ATOM   441 O O2    . C   A 1 21 ? -5.923  4.486   -6.672  1.00 15.36 ? 2667 C   A O2    1 
ATOM   442 N N3    . C   A 1 21 ? -4.079  4.052   -5.422  1.00 13.44 ? 2667 C   A N3    1 
ATOM   443 C C4    . C   A 1 21 ? -3.259  3.137   -4.906  1.00 12.95 ? 2667 C   A C4    1 
ATOM   444 N N4    . C   A 1 21 ? -2.228  3.565   -4.170  1.00 13.83 ? 2667 C   A N4    1 
ATOM   445 C C5    . C   A 1 21 ? -3.463  1.740   -5.117  1.00 12.69 ? 2667 C   A C5    1 
ATOM   446 C C6    . C   A 1 21 ? -4.513  1.373   -5.863  1.00 12.82 ? 2667 C   A C6    1 
ATOM   447 P P     . G   A 1 22 ? -4.624  0.784   -11.517 1.00 13.64 ? 2668 G   A P     1 
ATOM   448 O OP1   . G   A 1 22 ? -5.167  0.749   -12.894 1.00 14.04 ? 2668 G   A OP1   1 
ATOM   449 O OP2   . G   A 1 22 ? -3.611  -0.208  -11.098 1.00 15.13 ? 2668 G   A OP2   1 
ATOM   450 O "O5'" . G   A 1 22 ? -4.020  2.233   -11.209 1.00 12.48 ? 2668 G   A "O5'" 1 
ATOM   451 C "C5'" . G   A 1 22 ? -4.638  3.400   -11.721 1.00 12.30 ? 2668 G   A "C5'" 1 
ATOM   452 C "C4'" . G   A 1 22 ? -3.926  4.632   -11.195 1.00 12.01 ? 2668 G   A "C4'" 1 
ATOM   453 O "O4'" . G   A 1 22 ? -4.035  4.673   -9.747  1.00 11.17 ? 2668 G   A "O4'" 1 
ATOM   454 C "C3'" . G   A 1 22 ? -2.421  4.676   -11.430 1.00 12.20 ? 2668 G   A "C3'" 1 
ATOM   455 O "O3'" . G   A 1 22 ? -2.088  5.030   -12.779 1.00 13.31 ? 2668 G   A "O3'" 1 
ATOM   456 C "C2'" . G   A 1 22 ? -2.057  5.757   -10.419 1.00 11.94 ? 2668 G   A "C2'" 1 
ATOM   457 O "O2'" . G   A 1 22 ? -2.501  7.043   -10.806 1.00 13.22 ? 2668 G   A "O2'" 1 
ATOM   458 C "C1'" . G   A 1 22 ? -2.862  5.268   -9.220  1.00 10.61 ? 2668 G   A "C1'" 1 
ATOM   459 N N9    . G   A 1 22 ? -2.125  4.264   -8.462  1.00 9.66  ? 2668 G   A N9    1 
ATOM   460 C C8    . G   A 1 22 ? -2.357  2.911   -8.453  1.00 9.56  ? 2668 G   A C8    1 
ATOM   461 N N7    . G   A 1 22 ? -1.531  2.250   -7.693  1.00 9.42  ? 2668 G   A N7    1 
ATOM   462 C C5    . G   A 1 22 ? -0.696  3.224   -7.165  1.00 8.65  ? 2668 G   A C5    1 
ATOM   463 C C6    . G   A 1 22 ? 0.395   3.101   -6.273  1.00 8.60  ? 2668 G   A C6    1 
ATOM   464 O O6    . G   A 1 22 ? 0.845   2.072   -5.751  1.00 9.24  ? 2668 G   A O6    1 
ATOM   465 N N1    . G   A 1 22 ? 0.978   4.335   -5.994  1.00 8.27  ? 2668 G   A N1    1 
ATOM   466 C C2    . G   A 1 22 ? 0.557   5.537   -6.512  1.00 8.30  ? 2668 G   A C2    1 
ATOM   467 N N2    . G   A 1 22 ? 1.245   6.623   -6.130  1.00 8.58  ? 2668 G   A N2    1 
ATOM   468 N N3    . G   A 1 22 ? -0.466  5.662   -7.347  1.00 8.45  ? 2668 G   A N3    1 
ATOM   469 C C4    . G   A 1 22 ? -1.045  4.471   -7.630  1.00 8.86  ? 2668 G   A C4    1 
ATOM   470 P P     . G   A 1 23 ? -0.734  4.503   -13.465 1.00 13.90 ? 2669 G   A P     1 
ATOM   471 O OP1   . G   A 1 23 ? -0.773  4.938   -14.879 1.00 14.92 ? 2669 G   A OP1   1 
ATOM   472 O OP2   . G   A 1 23 ? -0.556  3.073   -13.130 1.00 15.02 ? 2669 G   A OP2   1 
ATOM   473 O "O5'" . G   A 1 23 ? 0.423   5.299   -12.700 1.00 13.11 ? 2669 G   A "O5'" 1 
ATOM   474 C "C5'" . G   A 1 23 ? 0.453   6.718   -12.693 1.00 12.33 ? 2669 G   A "C5'" 1 
ATOM   475 C "C4'" . G   A 1 23 ? 1.459   7.195   -11.664 1.00 10.81 ? 2669 G   A "C4'" 1 
ATOM   476 O "O4'" . G   A 1 23 ? 1.141   6.596   -10.389 1.00 9.85  ? 2669 G   A "O4'" 1 
ATOM   477 C "C3'" . G   A 1 23 ? 2.896   6.765   -11.908 1.00 11.16 ? 2669 G   A "C3'" 1 
ATOM   478 O "O3'" . G   A 1 23 ? 3.502   7.667   -12.813 1.00 12.86 ? 2669 G   A "O3'" 1 
ATOM   479 C "C2'" . G   A 1 23 ? 3.490   6.880   -10.512 1.00 9.78  ? 2669 G   A "C2'" 1 
ATOM   480 O "O2'" . G   A 1 23 ? 3.684   8.222   -10.108 1.00 9.87  ? 2669 G   A "O2'" 1 
ATOM   481 C "C1'" . G   A 1 23 ? 2.344   6.316   -9.694  1.00 9.46  ? 2669 G   A "C1'" 1 
ATOM   482 N N9    . G   A 1 23 ? 2.381   4.895   -9.362  1.00 9.13  ? 2669 G   A N9    1 
ATOM   483 C C8    . G   A 1 23 ? 1.522   3.903   -9.771  1.00 9.90  ? 2669 G   A C8    1 
ATOM   484 N N7    . G   A 1 23 ? 1.802   2.735   -9.258  1.00 9.90  ? 2669 G   A N7    1 
ATOM   485 C C5    . G   A 1 23 ? 2.908   2.974   -8.448  1.00 8.94  ? 2669 G   A C5    1 
ATOM   486 C C6    . G   A 1 23 ? 3.665   2.102   -7.627  1.00 9.04  ? 2669 G   A C6    1 
ATOM   487 O O6    . G   A 1 23 ? 3.500   0.891   -7.437  1.00 9.69  ? 2669 G   A O6    1 
ATOM   488 N N1    . G   A 1 23 ? 4.706   2.764   -6.980  1.00 8.72  ? 2669 G   A N1    1 
ATOM   489 C C2    . G   A 1 23 ? 4.984   4.103   -7.108  1.00 8.43  ? 2669 G   A C2    1 
ATOM   490 N N2    . G   A 1 23 ? 6.034   4.560   -6.411  1.00 8.92  ? 2669 G   A N2    1 
ATOM   491 N N3    . G   A 1 23 ? 4.284   4.933   -7.868  1.00 8.61  ? 2669 G   A N3    1 
ATOM   492 C C4    . G   A 1 23 ? 3.269   4.301   -8.502  1.00 8.83  ? 2669 G   A C4    1 
ATOM   493 P P     . A   A 1 24 ? 4.409   7.111   -14.002 1.00 15.12 ? 2670 A   A P     1 
ATOM   494 O OP1   . A   A 1 24 ? 4.645   8.240   -14.930 1.00 16.02 ? 2670 A   A OP1   1 
ATOM   495 O OP2   . A   A 1 24 ? 3.802   5.860   -14.505 1.00 16.55 ? 2670 A   A OP2   1 
ATOM   496 O "O5'" . A   A 1 24 ? 5.780   6.738   -13.275 1.00 13.69 ? 2670 A   A "O5'" 1 
ATOM   497 C "C5'" . A   A 1 24 ? 6.585   7.791   -12.769 1.00 12.50 ? 2670 A   A "C5'" 1 
ATOM   498 C "C4'" . A   A 1 24 ? 7.636   7.273   -11.806 1.00 11.55 ? 2670 A   A "C4'" 1 
ATOM   499 O "O4'" . A   A 1 24 ? 6.994   6.674   -10.653 1.00 10.26 ? 2670 A   A "O4'" 1 
ATOM   500 C "C3'" . A   A 1 24 ? 8.527   6.160   -12.332 1.00 12.68 ? 2670 A   A "C3'" 1 
ATOM   501 O "O3'" . A   A 1 24 ? 9.561   6.687   -13.152 1.00 15.58 ? 2670 A   A "O3'" 1 
ATOM   502 C "C2'" . A   A 1 24 ? 9.082   5.633   -11.019 1.00 11.54 ? 2670 A   A "C2'" 1 
ATOM   503 O "O2'" . A   A 1 24 ? 10.028  6.515   -10.451 1.00 11.83 ? 2670 A   A "O2'" 1 
ATOM   504 C "C1'" . A   A 1 24 ? 7.817   5.626   -10.170 1.00 10.51 ? 2670 A   A "C1'" 1 
ATOM   505 N N9    . A   A 1 24 ? 7.081   4.366   -10.230 1.00 10.00 ? 2670 A   A N9    1 
ATOM   506 C C8    . A   A 1 24 ? 5.988   4.057   -10.994 1.00 10.37 ? 2670 A   A C8    1 
ATOM   507 N N7    . A   A 1 24 ? 5.549   2.832   -10.819 1.00 10.12 ? 2670 A   A N7    1 
ATOM   508 C C5    . A   A 1 24 ? 6.411   2.295   -9.875  1.00 9.34  ? 2670 A   A C5    1 
ATOM   509 C C6    . A   A 1 24 ? 6.487   1.031   -9.257  1.00 9.31  ? 2670 A   A C6    1 
ATOM   510 N N6    . A   A 1 24 ? 5.641   0.025   -9.506  1.00 9.80  ? 2670 A   A N6    1 
ATOM   511 N N1    . A   A 1 24 ? 7.479   0.836   -8.364  1.00 9.02  ? 2670 A   A N1    1 
ATOM   512 C C2    . A   A 1 24 ? 8.327   1.838   -8.107  1.00 9.10  ? 2670 A   A C2    1 
ATOM   513 N N3    . A   A 1 24 ? 8.352   3.066   -8.622  1.00 9.58  ? 2670 A   A N3    1 
ATOM   514 C C4    . A   A 1 24 ? 7.359   3.231   -9.506  1.00 9.47  ? 2670 A   A C4    1 
ATOM   515 P P     . G   A 1 25 ? 10.206  5.776   -14.297 1.00 18.28 ? 2671 G   A P     1 
ATOM   516 O OP1   . G   A 1 25 ? 11.312  6.545   -14.906 1.00 19.44 ? 2671 G   A OP1   1 
ATOM   517 O OP2   . G   A 1 25 ? 9.113   5.253   -15.143 1.00 20.10 ? 2671 G   A OP2   1 
ATOM   518 O "O5'" . G   A 1 25 ? 10.792  4.521   -13.494 1.00 18.91 ? 2671 G   A "O5'" 1 
ATOM   519 C "C5'" . G   A 1 25 ? 12.145  4.469   -13.073 1.00 18.13 ? 2671 G   A "C5'" 1 
ATOM   520 C "C4'" . G   A 1 25 ? 12.358  3.388   -12.025 1.00 15.57 ? 2671 G   A "C4'" 1 
ATOM   521 O "O4'" . G   A 1 25 ? 11.113  3.113   -11.335 1.00 14.20 ? 2671 G   A "O4'" 1 
ATOM   522 C "C3'" . G   A 1 25 ? 12.769  2.003   -12.500 1.00 13.91 ? 2671 G   A "C3'" 1 
ATOM   523 O "O3'" . G   A 1 25 ? 14.142  1.993   -12.867 1.00 13.47 ? 2671 G   A "O3'" 1 
ATOM   524 C "C2'" . G   A 1 25 ? 12.550  1.251   -11.195 1.00 13.30 ? 2671 G   A "C2'" 1 
ATOM   525 O "O2'" . G   A 1 25 ? 13.558  1.579   -10.259 1.00 13.46 ? 2671 G   A "O2'" 1 
ATOM   526 C "C1'" . G   A 1 25 ? 11.216  1.833   -10.737 1.00 13.20 ? 2671 G   A "C1'" 1 
ATOM   527 N N9    . G   A 1 25 ? 10.057  1.023   -11.104 1.00 12.16 ? 2671 G   A N9    1 
ATOM   528 C C8    . G   A 1 25 ? 9.074   1.318   -12.019 1.00 12.39 ? 2671 G   A C8    1 
ATOM   529 N N7    . G   A 1 25 ? 8.167   0.386   -12.122 1.00 12.36 ? 2671 G   A N7    1 
ATOM   530 C C5    . G   A 1 25 ? 8.571   -0.586  -11.217 1.00 11.79 ? 2671 G   A C5    1 
ATOM   531 C C6    . G   A 1 25 ? 7.982   -1.828  -10.886 1.00 10.81 ? 2671 G   A C6    1 
ATOM   532 O O6    . G   A 1 25 ? 6.948   -2.334  -11.344 1.00 11.34 ? 2671 G   A O6    1 
ATOM   533 N N1    . G   A 1 25 ? 8.723   -2.503  -9.917  1.00 10.51 ? 2671 G   A N1    1 
ATOM   534 C C2    . G   A 1 25 ? 9.883   -2.039  -9.343  1.00 10.34 ? 2671 G   A C2    1 
ATOM   535 N N2    . G   A 1 25 ? 10.455  -2.838  -8.431  1.00 10.67 ? 2671 G   A N2    1 
ATOM   536 N N3    . G   A 1 25 ? 10.445  -0.875  -9.644  1.00 10.87 ? 2671 G   A N3    1 
ATOM   537 C C4    . G   A 1 25 ? 9.733   -0.208  -10.584 1.00 11.25 ? 2671 G   A C4    1 
ATOM   538 P P     . U   A 1 26 ? 14.702  0.988   -13.982 1.00 13.68 ? 2672 U   A P     1 
ATOM   539 O OP1   . U   A 1 26 ? 16.120  1.338   -14.214 1.00 14.55 ? 2672 U   A OP1   1 
ATOM   540 O OP2   . U   A 1 26 ? 13.748  0.981   -15.110 1.00 15.48 ? 2672 U   A OP2   1 
ATOM   541 O "O5'" . U   A 1 26 ? 14.628  -0.444  -13.286 1.00 12.41 ? 2672 U   A "O5'" 1 
ATOM   542 C "C5'" . U   A 1 26 ? 15.458  -0.763  -12.187 1.00 11.90 ? 2672 U   A "C5'" 1 
ATOM   543 C "C4'" . U   A 1 26 ? 15.006  -2.097  -11.635 1.00 11.31 ? 2672 U   A "C4'" 1 
ATOM   544 O "O4'" . U   A 1 26 ? 13.657  -1.968  -11.118 1.00 11.23 ? 2672 U   A "O4'" 1 
ATOM   545 C "C3'" . U   A 1 26 ? 14.880  -3.196  -12.677 1.00 11.09 ? 2672 U   A "C3'" 1 
ATOM   546 O "O3'" . U   A 1 26 ? 16.148  -3.766  -12.960 1.00 10.76 ? 2672 U   A "O3'" 1 
ATOM   547 C "C2'" . U   A 1 26 ? 13.968  -4.167  -11.944 1.00 11.22 ? 2672 U   A "C2'" 1 
ATOM   548 O "O2'" . U   A 1 26 ? 14.653  -4.872  -10.929 1.00 11.97 ? 2672 U   A "O2'" 1 
ATOM   549 C "C1'" . U   A 1 26 ? 12.974  -3.191  -11.321 1.00 11.24 ? 2672 U   A "C1'" 1 
ATOM   550 N N1    . U   A 1 26 ? 11.766  -2.951  -12.164 1.00 11.18 ? 2672 U   A N1    1 
ATOM   551 C C2    . U   A 1 26 ? 10.739  -3.866  -12.085 1.00 10.75 ? 2672 U   A C2    1 
ATOM   552 O O2    . U   A 1 26 ? 10.794  -4.850  -11.371 1.00 11.31 ? 2672 U   A O2    1 
ATOM   553 N N3    . U   A 1 26 ? 9.653   -3.592  -12.875 1.00 11.15 ? 2672 U   A N3    1 
ATOM   554 C C4    . U   A 1 26 ? 9.495   -2.514  -13.723 1.00 11.62 ? 2672 U   A C4    1 
ATOM   555 O O4    . U   A 1 26 ? 8.457   -2.405  -14.369 1.00 12.54 ? 2672 U   A O4    1 
ATOM   556 C C5    . U   A 1 26 ? 10.611  -1.599  -13.753 1.00 11.63 ? 2672 U   A C5    1 
ATOM   557 C C6    . U   A 1 26 ? 11.684  -1.846  -12.987 1.00 11.72 ? 2672 U   A C6    1 
ATOM   558 P P     . G   A 1 27 ? 16.406  -4.464  -14.375 1.00 10.87 ? 2673 G   A P     1 
ATOM   559 O OP1   . G   A 1 27 ? 17.850  -4.782  -14.420 1.00 11.72 ? 2673 G   A OP1   1 
ATOM   560 O OP2   . G   A 1 27 ? 15.803  -3.633  -15.438 1.00 12.27 ? 2673 G   A OP2   1 
ATOM   561 O "O5'" . G   A 1 27 ? 15.554  -5.811  -14.299 1.00 10.92 ? 2673 G   A "O5'" 1 
ATOM   562 C "C5'" . G   A 1 27 ? 16.003  -6.868  -13.471 1.00 10.96 ? 2673 G   A "C5'" 1 
ATOM   563 C "C4'" . G   A 1 27 ? 15.000  -8.002  -13.471 1.00 10.65 ? 2673 G   A "C4'" 1 
ATOM   564 O "O4'" . G   A 1 27 ? 13.757  -7.544  -12.887 1.00 10.01 ? 2673 G   A "O4'" 1 
ATOM   565 C "C3'" . G   A 1 27 ? 14.571  -8.517  -14.836 1.00 11.16 ? 2673 G   A "C3'" 1 
ATOM   566 O "O3'" . G   A 1 27 ? 15.549  -9.388  -15.384 1.00 12.75 ? 2673 G   A "O3'" 1 
ATOM   567 C "C2'" . G   A 1 27 ? 13.306  -9.271  -14.440 1.00 11.12 ? 2673 G   A "C2'" 1 
ATOM   568 O "O2'" . G   A 1 27 ? 13.607  -10.542 -13.899 1.00 12.58 ? 2673 G   A "O2'" 1 
ATOM   569 C "C1'" . G   A 1 27 ? 12.702  -8.341  -13.382 1.00 10.20 ? 2673 G   A "C1'" 1 
ATOM   570 N N9    . G   A 1 27 ? 11.693  -7.472  -13.970 1.00 9.42  ? 2673 G   A N9    1 
ATOM   571 C C8    . G   A 1 27 ? 11.870  -6.229  -14.529 1.00 9.02  ? 2673 G   A C8    1 
ATOM   572 N N7    . G   A 1 27 ? 10.764  -5.711  -14.993 1.00 9.00  ? 2673 G   A N7    1 
ATOM   573 C C5    . G   A 1 27 ? 9.801   -6.679  -14.730 1.00 9.25  ? 2673 G   A C5    1 
ATOM   574 C C6    . G   A 1 27 ? 8.414   -6.695  -15.009 1.00 9.49  ? 2673 G   A C6    1 
ATOM   575 O O6    . G   A 1 27 ? 7.735   -5.819  -15.566 1.00 10.34 ? 2673 G   A O6    1 
ATOM   576 N N1    . G   A 1 27 ? 7.815   -7.878  -14.576 1.00 9.64  ? 2673 G   A N1    1 
ATOM   577 C C2    . G   A 1 27 ? 8.470   -8.917  -13.953 1.00 9.07  ? 2673 G   A C2    1 
ATOM   578 N N2    . G   A 1 27 ? 7.733   -9.981  -13.604 1.00 10.07 ? 2673 G   A N2    1 
ATOM   579 N N3    . G   A 1 27 ? 9.770   -8.910  -13.684 1.00 9.48  ? 2673 G   A N3    1 
ATOM   580 C C4    . G   A 1 27 ? 10.361  -7.767  -14.104 1.00 9.40  ? 2673 G   A C4    1 
HETATM 581 C C1    . GOL B 2 .  ? -4.565  7.559   -1.884  0.88 19.66 ? 1    GOL A C1    1 
HETATM 582 O O1    . GOL B 2 .  ? -4.951  8.106   -3.125  0.88 19.66 ? 1    GOL A O1    1 
HETATM 583 C C2    . GOL B 2 .  ? -4.369  8.673   -0.861  0.88 19.18 ? 1    GOL A C2    1 
HETATM 584 O O2    . GOL B 2 .  ? -3.227  9.437   -1.184  0.88 18.58 ? 1    GOL A O2    1 
HETATM 585 C C3    . GOL B 2 .  ? -4.226  8.063   0.530   0.88 19.43 ? 1    GOL A C3    1 
HETATM 586 O O3    . GOL B 2 .  ? -4.058  9.082   1.489   0.88 19.38 ? 1    GOL A O3    1 
HETATM 587 H H11   . GOL B 2 .  ? -5.334  6.871   -1.533  0.00 19.91 ? 1    GOL A H11   1 
HETATM 588 H H12   . GOL B 2 .  ? -3.637  7.000   -2.002  0.00 19.91 ? 1    GOL A H12   1 
HETATM 589 H HO1   . GOL B 2 .  ? -5.143  7.381   -3.756  0.00 19.91 ? 1    GOL A HO1   1 
HETATM 590 H H2    . GOL B 2 .  ? -5.252  9.313   -0.870  0.00 19.91 ? 1    GOL A H2    1 
HETATM 591 H HO2   . GOL B 2 .  ? -3.114  10.153  -0.524  0.00 19.91 ? 1    GOL A HO2   1 
HETATM 592 H H31   . GOL B 2 .  ? -5.115  7.479   0.766   0.00 19.91 ? 1    GOL A H31   1 
HETATM 593 H H32   . GOL B 2 .  ? -3.367  7.394   0.550   0.00 19.91 ? 1    GOL A H32   1 
HETATM 594 H HO3   . GOL B 2 .  ? -3.635  8.704   2.288   0.00 19.91 ? 1    GOL A HO3   1 
HETATM 595 O O     . HOH C 3 .  ? -4.104  -9.244  15.179  1.00 9.80  ? 2674 HOH A O     1 
HETATM 596 O O     . HOH C 3 .  ? -9.076  -4.867  20.818  1.00 9.51  ? 2675 HOH A O     1 
HETATM 597 O O     . HOH C 3 .  ? -0.506  1.595   -2.939  1.00 11.31 ? 2676 HOH A O     1 
HETATM 598 O O     . HOH C 3 .  ? -5.021  1.804   15.895  1.00 11.12 ? 2677 HOH A O     1 
HETATM 599 O O     . HOH C 3 .  ? -16.790 1.733   6.603   1.00 11.38 ? 2678 HOH A O     1 
HETATM 600 O O     . HOH C 3 .  ? -11.171 -9.124  15.672  1.00 11.48 ? 2679 HOH A O     1 
HETATM 601 O O     . HOH C 3 .  ? -2.670  4.653   -1.094  1.00 12.09 ? 2680 HOH A O     1 
HETATM 602 O O     . HOH C 3 .  ? 7.441   7.195   -6.613  1.00 11.23 ? 2681 HOH A O     1 
HETATM 603 O O     . HOH C 3 .  ? -5.465  5.915   10.095  1.00 13.67 ? 2682 HOH A O     1 
HETATM 604 O O     . HOH C 3 .  ? 2.540   3.086   5.730   1.00 14.76 ? 2683 HOH A O     1 
HETATM 605 O O     . HOH C 3 .  ? -3.526  2.375   13.543  1.00 13.21 ? 2684 HOH A O     1 
HETATM 606 O O     . HOH C 3 .  ? -13.784 3.685   12.502  1.00 13.35 ? 2685 HOH A O     1 
HETATM 607 O O     . HOH C 3 .  ? 3.235   -0.262  -1.791  1.00 16.55 ? 2686 HOH A O     1 
HETATM 608 O O     . HOH C 3 .  ? -11.493 3.904   13.991  1.00 14.77 ? 2687 HOH A O     1 
HETATM 609 O O     . HOH C 3 .  ? -1.148  -0.574  -7.573  1.00 14.12 ? 2688 HOH A O     1 
HETATM 610 O O     . HOH C 3 .  ? 1.025   -0.850  -3.809  1.00 15.15 ? 2689 HOH A O     1 
HETATM 611 O O     . HOH C 3 .  ? 11.551  1.603   -6.179  1.00 9.95  ? 2690 HOH A O     1 
HETATM 612 O O     . HOH C 3 .  ? 10.524  4.038   -7.112  1.00 10.89 ? 2691 HOH A O     1 
HETATM 613 O O     . HOH C 3 .  ? -8.691  1.119   -11.676 1.00 17.77 ? 2692 HOH A O     1 
HETATM 614 O O     . HOH C 3 .  ? 1.439   -0.868  -6.530  1.00 13.83 ? 2693 HOH A O     1 
HETATM 615 O O     . HOH C 3 .  ? 3.197   -2.892  -7.494  1.00 13.72 ? 2694 HOH A O     1 
HETATM 616 O O     . HOH C 3 .  ? 5.214   -8.630  -14.775 1.00 12.13 ? 2695 HOH A O     1 
HETATM 617 O O     . HOH C 3 .  ? -8.955  7.178   9.595   1.00 13.49 ? 2696 HOH A O     1 
HETATM 618 O O     . HOH C 3 .  ? -7.503  6.646   0.000   1.00 24.94 ? 2697 HOH A O     1 
HETATM 619 O O     . HOH C 3 .  ? 1.133   -0.631  0.111   1.00 17.45 ? 2698 HOH A O     1 
HETATM 620 O O     . HOH C 3 .  ? 0.828   0.207   -9.926  1.00 15.61 ? 2699 HOH A O     1 
HETATM 621 O O     . HOH C 3 .  ? -1.028  -3.508  -4.846  1.00 19.41 ? 2700 HOH A O     1 
HETATM 622 O O     . HOH C 3 .  ? 7.962   10.507  -2.278  0.50 11.08 ? 2701 HOH A O     1 
HETATM 623 O O     . HOH C 3 .  ? -14.160 -4.044  13.666  1.00 18.01 ? 2702 HOH A O     1 
HETATM 624 O O     . HOH C 3 .  ? -15.494 6.391   6.571   1.00 16.98 ? 2703 HOH A O     1 
HETATM 625 O O     . HOH C 3 .  ? 3.687   1.259   1.590   1.00 16.94 ? 2704 HOH A O     1 
HETATM 626 O O     . HOH C 3 .  ? -9.491  5.348   11.790  1.00 18.07 ? 2705 HOH A O     1 
HETATM 627 O O     . HOH C 3 .  ? -7.814  5.145   -9.536  1.00 22.40 ? 2706 HOH A O     1 
HETATM 628 O O     . HOH C 3 .  ? 0.376   -2.354  12.312  1.00 16.78 ? 2707 HOH A O     1 
HETATM 629 O O     . HOH C 3 .  ? 0.919   9.870   7.839   1.00 15.47 ? 2708 HOH A O     1 
HETATM 630 O O     . HOH C 3 .  ? -18.269 3.101   9.435   1.00 20.33 ? 2709 HOH A O     1 
HETATM 631 O O     . HOH C 3 .  ? 13.139  -6.831  -9.767  1.00 15.38 ? 2710 HOH A O     1 
HETATM 632 O O     . HOH C 3 .  ? 13.076  -2.316  1.812   1.00 14.85 ? 2711 HOH A O     1 
HETATM 633 O O     . HOH C 3 .  ? -11.941 5.874   9.997   1.00 19.30 ? 2712 HOH A O     1 
HETATM 634 O O     . HOH C 3 .  ? 5.836   0.901   -0.110  1.00 16.56 ? 2713 HOH A O     1 
HETATM 635 O O     . HOH C 3 .  ? -7.477  -2.501  4.212   1.00 14.50 ? 2714 HOH A O     1 
HETATM 636 O O     . HOH C 3 .  ? 11.115  -11.355 -13.460 1.00 18.54 ? 2715 HOH A O     1 
HETATM 637 O O     . HOH C 3 .  ? -15.598 6.001   9.453   1.00 22.47 ? 2716 HOH A O     1 
HETATM 638 O O     . HOH C 3 .  ? -3.056  -5.635  0.495   1.00 27.31 ? 2717 HOH A O     1 
HETATM 639 O O     . HOH C 3 .  ? -10.963 -7.074  10.998  1.00 20.68 ? 2718 HOH A O     1 
HETATM 640 O O     . HOH C 3 .  ? -2.916  6.531   -4.585  0.50 13.31 ? 2719 HOH A O     1 
HETATM 641 O O     . HOH C 3 .  ? 13.480  -2.096  -16.025 1.00 17.66 ? 2720 HOH A O     1 
HETATM 642 O O     . HOH C 3 .  ? 5.051   4.485   5.000   1.00 19.46 ? 2721 HOH A O     1 
HETATM 643 O O     . HOH C 3 .  ? 6.689   11.950  0.165   1.00 19.05 ? 2722 HOH A O     1 
HETATM 644 O O     . HOH C 3 .  ? 7.532   6.642   3.366   1.00 20.05 ? 2723 HOH A O     1 
HETATM 645 O O     . HOH C 3 .  ? 0.491   -7.594  6.848   1.00 24.18 ? 2724 HOH A O     1 
HETATM 646 O O     . HOH C 3 .  ? -2.707  4.936   12.860  1.00 23.43 ? 2725 HOH A O     1 
HETATM 647 O O     . HOH C 3 .  ? 0.182   -2.224  15.051  1.00 18.25 ? 2726 HOH A O     1 
HETATM 648 O O     . HOH C 3 .  ? 0.975   -8.268  -20.036 1.00 17.24 ? 2727 HOH A O     1 
HETATM 649 O O     . HOH C 3 .  ? -6.031  6.866   -8.393  1.00 24.43 ? 2728 HOH A O     1 
HETATM 650 O O     . HOH C 3 .  ? 0.466   0.739   13.407  1.00 21.92 ? 2729 HOH A O     1 
HETATM 651 O O     . HOH C 3 .  ? 5.944   -3.787  -13.958 1.00 20.55 ? 2730 HOH A O     1 
HETATM 652 O O     . HOH C 3 .  ? -5.896  9.268   11.172  1.00 27.11 ? 2731 HOH A O     1 
HETATM 653 O O     . HOH C 3 .  ? -15.947 -2.570  11.349  1.00 16.91 ? 2732 HOH A O     1 
HETATM 654 O O     . HOH C 3 .  ? 2.931   -1.683  4.914   1.00 34.54 ? 2733 HOH A O     1 
HETATM 655 O O     . HOH C 3 .  ? -8.598  -4.035  -2.386  1.00 23.98 ? 2734 HOH A O     1 
HETATM 656 O O     . HOH C 3 .  ? -1.064  0.556   -11.975 1.00 20.78 ? 2735 HOH A O     1 
HETATM 657 O O     . HOH C 3 .  ? 3.639   -3.047  -4.233  1.00 17.64 ? 2736 HOH A O     1 
HETATM 658 O O     . HOH C 3 .  ? -3.172  1.928   19.227  1.00 19.68 ? 2737 HOH A O     1 
HETATM 659 O O     . HOH C 3 .  ? 6.314   -3.589  -1.859  1.00 14.32 ? 2738 HOH A O     1 
HETATM 660 O O     . HOH C 3 .  ? 2.747   -4.429  9.303   1.00 23.47 ? 2739 HOH A O     1 
HETATM 661 O O     . HOH C 3 .  ? -12.099 -4.389  11.189  1.00 20.40 ? 2740 HOH A O     1 
HETATM 662 O O     . HOH C 3 .  ? -7.438  -1.035  -13.145 1.00 22.44 ? 2741 HOH A O     1 
HETATM 663 O O     . HOH C 3 .  ? -1.494  -0.989  17.157  1.00 27.54 ? 2742 HOH A O     1 
HETATM 664 O O     . HOH C 3 .  ? 1.598   -10.540 -22.563 1.00 18.20 ? 2743 HOH A O     1 
HETATM 665 O O     . HOH C 3 .  ? -5.407  3.389   18.105  1.00 20.66 ? 2744 HOH A O     1 
HETATM 666 O O     . HOH C 3 .  ? 8.605   3.898   4.668   1.00 29.06 ? 2745 HOH A O     1 
HETATM 667 O O     . HOH C 3 .  ? -10.626 -1.809  7.196   1.00 13.71 ? 2746 HOH A O     1 
HETATM 668 O O     . HOH C 3 .  ? -14.588 -7.039  15.223  1.00 25.84 ? 2747 HOH A O     1 
HETATM 669 O O     . HOH C 3 .  ? 4.816   -5.522  -4.618  1.00 16.27 ? 2748 HOH A O     1 
HETATM 670 O O     . HOH C 3 .  ? -6.817  6.065   12.521  1.00 26.38 ? 2749 HOH A O     1 
HETATM 671 O O     . HOH C 3 .  ? 2.468   -4.900  17.302  1.00 26.19 ? 2750 HOH A O     1 
HETATM 672 O O     . HOH C 3 .  ? 1.219   -4.363  -6.156  1.00 28.13 ? 2751 HOH A O     1 
HETATM 673 O O     . HOH C 3 .  ? 3.987   -5.467  -12.775 1.00 20.85 ? 2752 HOH A O     1 
HETATM 674 O O     . HOH C 3 .  ? -1.991  0.327   14.980  1.00 20.33 ? 2753 HOH A O     1 
HETATM 675 O O     . HOH C 3 .  ? -12.732 -7.852  13.276  1.00 28.73 ? 2754 HOH A O     1 
HETATM 676 O O     . HOH C 3 .  ? -7.544  -2.945  -11.122 1.00 27.97 ? 2755 HOH A O     1 
HETATM 677 O O     . HOH C 3 .  ? -13.286 9.962   5.189   1.00 22.40 ? 2756 HOH A O     1 
HETATM 678 O O     . HOH C 3 .  ? 5.796   -12.181 -13.237 1.00 17.29 ? 2757 HOH A O     1 
HETATM 679 O O     . HOH C 3 .  ? -3.952  1.387   -15.180 0.50 12.52 ? 2758 HOH A O     1 
HETATM 680 O O     . HOH C 3 .  ? 12.045  1.945   2.772   1.00 18.81 ? 2759 HOH A O     1 
HETATM 681 O O     . HOH C 3 .  ? -9.158  3.852   -1.688  1.00 42.17 ? 2760 HOH A O     1 
HETATM 682 O O     . HOH C 3 .  ? 2.165   -7.340  -8.536  1.00 21.00 ? 2761 HOH A O     1 
HETATM 683 O O     . HOH C 3 .  ? 13.423  0.511   -7.625  1.00 20.44 ? 2762 HOH A O     1 
HETATM 684 O O     . HOH C 3 .  ? 3.751   0.684   6.146   1.00 23.93 ? 2763 HOH A O     1 
HETATM 685 O O     . HOH C 3 .  ? -6.688  -4.743  -0.460  1.00 20.76 ? 2764 HOH A O     1 
HETATM 686 O O     . HOH C 3 .  ? 11.131  -3.519  -16.715 1.00 14.84 ? 2765 HOH A O     1 
HETATM 687 O O     . HOH C 3 .  ? -1.393  -13.093 -9.553  1.00 23.65 ? 2766 HOH A O     1 
HETATM 688 O O     . HOH C 3 .  ? 3.552   0.731   -11.715 1.00 29.52 ? 2767 HOH A O     1 
HETATM 689 O O     . HOH C 3 .  ? 2.360   -4.918  6.581   1.00 30.10 ? 2768 HOH A O     1 
HETATM 690 O O     . HOH C 3 .  ? -9.889  9.193   11.425  1.00 35.35 ? 2769 HOH A O     1 
HETATM 691 O O     . HOH C 3 .  ? 13.341  -2.768  -7.177  0.50 15.12 ? 2770 HOH A O     1 
HETATM 692 O O     . HOH C 3 .  ? 5.486   2.564   3.151   1.00 26.69 ? 2771 HOH A O     1 
HETATM 693 O O     . HOH C 3 .  ? 2.281   -5.861  12.890  1.00 28.98 ? 2772 HOH A O     1 
HETATM 694 O O     . HOH C 3 .  ? 2.560   -4.802  -9.510  1.00 20.94 ? 2773 HOH A O     1 
HETATM 695 O O     . HOH C 3 .  ? -1.120  -14.284 -11.936 1.00 21.86 ? 2774 HOH A O     1 
HETATM 696 O O     . HOH C 3 .  ? 3.621   -10.016 -1.730  1.00 38.38 ? 2775 HOH A O     1 
HETATM 697 O O     . HOH C 3 .  ? -9.003  -4.488  9.061   1.00 16.70 ? 2776 HOH A O     1 
HETATM 698 O O     . HOH C 3 .  ? -9.103  -3.262  -8.866  1.00 35.86 ? 2777 HOH A O     1 
HETATM 699 O O     . HOH C 3 .  ? 2.798   -1.415  2.170   1.00 35.98 ? 2778 HOH A O     1 
HETATM 700 O O     . HOH C 3 .  ? 7.793   0.081   -15.621 1.00 32.52 ? 2779 HOH A O     1 
HETATM 701 O O     . HOH C 3 .  ? -12.265 5.546   16.260  1.00 34.95 ? 2780 HOH A O     1 
HETATM 702 O O     . HOH C 3 .  ? -15.060 2.152   20.639  1.00 22.37 ? 2781 HOH A O     1 
HETATM 703 O O     . HOH C 3 .  ? 7.345   3.080   -14.245 1.00 31.33 ? 2782 HOH A O     1 
HETATM 704 O O     . HOH C 3 .  ? 7.702   0.955   3.338   1.00 32.89 ? 2783 HOH A O     1 
HETATM 705 O O     . HOH C 3 .  ? 10.163  -0.188  3.346   1.00 38.43 ? 2784 HOH A O     1 
HETATM 706 O O     . HOH C 3 .  ? 18.697  -0.245  -14.470 1.00 32.30 ? 2785 HOH A O     1 
HETATM 707 O O     . HOH C 3 .  ? 3.741   -2.902  -1.370  1.00 28.98 ? 2786 HOH A O     1 
HETATM 708 O O     . HOH C 3 .  ? 2.961   -1.147  12.482  1.00 28.30 ? 2787 HOH A O     1 
HETATM 709 O O     . HOH C 3 .  ? 18.823  -5.536  -16.849 1.00 40.59 ? 2788 HOH A O     1 
HETATM 710 O O     . HOH C 3 .  ? -1.785  2.588   16.861  1.00 39.71 ? 2789 HOH A O     1 
HETATM 711 O O     . HOH C 3 .  ? -5.794  -4.929  4.320   1.00 31.98 ? 2790 HOH A O     1 
HETATM 712 O O     . HOH C 3 .  ? 10.871  1.306   -15.692 1.00 40.26 ? 2791 HOH A O     1 
HETATM 713 O O     . HOH C 3 .  ? 7.417   6.069   -17.198 1.00 37.12 ? 2792 HOH A O     1 
HETATM 714 O O     . HOH C 3 .  ? -7.778  11.736  9.843   1.00 24.45 ? 2793 HOH A O     1 
HETATM 715 O O     . HOH C 3 .  ? 1.560   -6.400  -2.287  1.00 34.93 ? 2794 HOH A O     1 
HETATM 716 O O     . HOH C 3 .  ? -2.252  -6.173  -4.777  1.00 30.90 ? 2795 HOH A O     1 
HETATM 717 O O     . HOH C 3 .  ? -6.597  -5.308  -8.387  1.00 36.29 ? 2796 HOH A O     1 
HETATM 718 O O     . HOH C 3 .  ? -17.184 1.071   19.021  1.00 24.13 ? 2797 HOH A O     1 
HETATM 719 O O     . HOH C 3 .  ? 1.728   3.249   14.291  1.00 36.83 ? 2798 HOH A O     1 
HETATM 720 O O     . HOH C 3 .  ? -9.658  4.553   19.526  1.00 31.64 ? 2799 HOH A O     1 
HETATM 721 O O     . HOH C 3 .  ? 4.622   10.866  4.061   1.00 21.82 ? 2800 HOH A O     1 
HETATM 722 O O     A HOH C 3 .  ? -6.512  -5.434  9.724   0.00 10.52 ? 2801 HOH A O     1 
HETATM 723 O O     B HOH C 3 .  ? -5.511  -6.408  8.604   0.50 15.96 ? 2801 HOH A O     1 
HETATM 724 O O     . HOH C 3 .  ? -7.685  7.776   -3.419  1.00 43.43 ? 2802 HOH A O     1 
HETATM 725 O O     . HOH C 3 .  ? 12.800  -6.956  -4.952  1.00 34.73 ? 2803 HOH A O     1 
HETATM 726 O O     . HOH C 3 .  ? 1.405   -0.017  16.467  1.00 31.30 ? 2804 HOH A O     1 
HETATM 727 O O     . HOH C 3 .  ? 17.714  -11.009 -15.954 1.00 25.31 ? 2805 HOH A O     1 
HETATM 728 O O     . HOH C 3 .  ? -10.325 10.085  7.542   1.00 27.62 ? 2806 HOH A O     1 
HETATM 729 O O     . HOH C 3 .  ? -0.599  9.854   -14.535 1.00 33.86 ? 2807 HOH A O     1 
HETATM 730 O O     . HOH C 3 .  ? -9.285  -1.697  -6.587  1.00 14.61 ? 2808 HOH A O     1 
HETATM 731 O O     . HOH C 3 .  ? 12.123  -5.932  -7.401  1.00 17.37 ? 2809 HOH A O     1 
HETATM 732 O O     . HOH C 3 .  ? 6.334   -1.467  1.257   1.00 19.69 ? 2810 HOH A O     1 
HETATM 733 O O     . HOH C 3 .  ? 9.273   -11.948 -7.524  1.00 22.56 ? 2811 HOH A O     1 
HETATM 734 O O     . HOH C 3 .  ? 15.425  -3.670  -8.570  1.00 21.61 ? 2812 HOH A O     1 
HETATM 735 O O     . HOH C 3 .  ? 11.391  5.779   2.534   1.00 19.38 ? 2813 HOH A O     1 
HETATM 736 O O     . HOH C 3 .  ? 12.712  6.442   -10.813 1.00 19.75 ? 2814 HOH A O     1 
HETATM 737 O O     . HOH C 3 .  ? -11.506 7.626   1.575   1.00 22.10 ? 2815 HOH A O     1 
HETATM 738 O O     . HOH C 3 .  ? 14.181  -9.378  -9.575  1.00 30.59 ? 2816 HOH A O     1 
HETATM 739 O O     . HOH C 3 .  ? 2.282   -6.587  -4.929  1.00 22.58 ? 2817 HOH A O     1 
HETATM 740 O O     . HOH C 3 .  ? 0.280   12.734  4.200   1.00 22.10 ? 2818 HOH A O     1 
HETATM 741 O O     . HOH C 3 .  ? 17.683  -8.110  -16.646 1.00 24.97 ? 2819 HOH A O     1 
HETATM 742 O O     . HOH C 3 .  ? 8.016   -5.242  1.331   1.00 26.09 ? 2820 HOH A O     1 
HETATM 743 O O     . HOH C 3 .  ? 11.463  -9.291  -3.295  1.00 23.40 ? 2821 HOH A O     1 
HETATM 744 O O     . HOH C 3 .  ? 17.579  -1.830  -16.764 1.00 30.27 ? 2822 HOH A O     1 
HETATM 745 O O     . HOH C 3 .  ? 6.781   8.690   -16.593 1.00 24.27 ? 2823 HOH A O     1 
HETATM 746 O O     . HOH C 3 .  ? 1.541   5.842   -16.258 1.00 31.78 ? 2824 HOH A O     1 
HETATM 747 O O     . HOH C 3 .  ? 2.743   -7.274  -14.493 1.00 31.00 ? 2825 HOH A O     1 
HETATM 748 O O     . HOH C 3 .  ? -17.729 2.805   16.546  1.00 33.06 ? 2826 HOH A O     1 
HETATM 749 O O     . HOH C 3 .  ? 2.331   -7.936  10.923  1.00 27.30 ? 2827 HOH A O     1 
HETATM 750 O O     . HOH C 3 .  ? 4.066   -7.115  -1.170  1.00 31.60 ? 2828 HOH A O     1 
HETATM 751 O O     . HOH C 3 .  ? -2.571  7.976   -13.727 1.00 35.62 ? 2829 HOH A O     1 
HETATM 752 O O     . HOH C 3 .  ? -3.459  11.142  9.713   1.00 33.74 ? 2830 HOH A O     1 
HETATM 753 O O     . HOH C 3 .  ? -8.285  5.397   -5.243  1.00 29.95 ? 2831 HOH A O     1 
HETATM 754 O O     . HOH C 3 .  ? 11.208  -9.977  -7.481  1.00 32.04 ? 2832 HOH A O     1 
HETATM 755 O O     . HOH C 3 .  ? -1.989  -6.459  3.792   1.00 35.17 ? 2833 HOH A O     1 
HETATM 756 O O     . HOH C 3 .  ? 5.763   -0.149  -13.480 1.00 33.79 ? 2834 HOH A O     1 
HETATM 757 O O     . HOH C 3 .  ? 12.243  -11.177 -10.439 1.00 34.61 ? 2835 HOH A O     1 
HETATM 758 O O     . HOH C 3 .  ? -1.109  -4.709  -8.452  1.00 35.48 ? 2836 HOH A O     1 
HETATM 759 O O     . HOH C 3 .  ? 0.840   -14.057 -22.070 1.00 35.27 ? 2837 HOH A O     1 
HETATM 760 O O     . HOH C 3 .  ? -3.781  -3.157  -10.593 1.00 37.12 ? 2838 HOH A O     1 
HETATM 761 O O     . HOH C 3 .  ? 15.114  5.769   -12.303 1.00 40.02 ? 2839 HOH A O     1 
HETATM 762 O O     . HOH C 3 .  ? 2.910   -1.654  -10.297 1.00 41.29 ? 2840 HOH A O     1 
HETATM 763 O O     . HOH C 3 .  ? -3.264  8.950   12.448  1.00 41.55 ? 2841 HOH A O     1 
HETATM 764 O O     . HOH C 3 .  ? 3.989   -2.272  -12.691 1.00 43.57 ? 2842 HOH A O     1 
HETATM 765 O O     . HOH C 3 .  ? -7.290  -5.370  -5.614  1.00 44.09 ? 2843 HOH A O     1 
HETATM 766 O O     . HOH C 3 .  ? -3.104  3.849   -16.047 1.00 44.27 ? 2844 HOH A O     1 
HETATM 767 O O     . HOH C 3 .  ? -7.450  -6.040  1.986   1.00 48.11 ? 2845 HOH A O     1 
HETATM 768 O O     . HOH C 3 .  ? 9.232   8.509   -8.879  1.00 30.69 ? 2846 HOH A O     1 
HETATM 769 O O     . HOH C 3 .  ? 1.419   -6.497  4.473   1.00 32.88 ? 2847 HOH A O     1 
HETATM 770 O O     . HOH C 3 .  ? 8.734   9.152   2.727   1.00 33.08 ? 2848 HOH A O     1 
HETATM 771 O O     . HOH C 3 .  ? -9.385  4.774   0.647   1.00 25.66 ? 2849 HOH A O     1 
HETATM 772 O O     . HOH C 3 .  ? -4.853  6.979   -6.137  1.00 29.99 ? 2850 HOH A O     1 
HETATM 773 O O     . HOH C 3 .  ? -0.985  -2.908  18.742  1.00 30.05 ? 2851 HOH A O     1 
# 
loop_
_atom_site_anisotrop.id 
_atom_site_anisotrop.type_symbol 
_atom_site_anisotrop.pdbx_label_atom_id 
_atom_site_anisotrop.pdbx_label_alt_id 
_atom_site_anisotrop.pdbx_label_comp_id 
_atom_site_anisotrop.pdbx_label_asym_id 
_atom_site_anisotrop.pdbx_label_seq_id 
_atom_site_anisotrop.pdbx_PDB_ins_code 
_atom_site_anisotrop.U[1][1] 
_atom_site_anisotrop.U[2][2] 
_atom_site_anisotrop.U[3][3] 
_atom_site_anisotrop.U[1][2] 
_atom_site_anisotrop.U[1][3] 
_atom_site_anisotrop.U[2][3] 
_atom_site_anisotrop.pdbx_auth_seq_id 
_atom_site_anisotrop.pdbx_auth_comp_id 
_atom_site_anisotrop.pdbx_auth_asym_id 
_atom_site_anisotrop.pdbx_auth_atom_id 
1   O "O5'" . U   A 1  ? 0.1709 0.3207 0.2442 -0.0141 -0.0652 0.0195  2647 U   A "O5'" 
2   C "C5'" . U   A 1  ? 0.1618 0.3156 0.2300 -0.0142 -0.0641 0.0154  2647 U   A "C5'" 
3   C "C4'" . U   A 1  ? 0.1518 0.3013 0.2163 -0.0171 -0.0655 0.0125  2647 U   A "C4'" 
4   O "O4'" . U   A 1  ? 0.1403 0.3019 0.2122 -0.0093 -0.0597 0.0062  2647 U   A "O4'" 
5   C "C3'" . U   A 1  ? 0.1613 0.2677 0.2078 -0.0369 -0.0755 0.0104  2647 U   A "C3'" 
6   O "O3'" . U   A 1  ? 0.1743 0.2652 0.2078 -0.0624 -0.0822 0.0073  2647 U   A "O3'" 
7   C "C2'" . U   A 1  ? 0.1421 0.2546 0.1964 -0.0174 -0.0634 0.0102  2647 U   A "C2'" 
8   O "O2'" . U   A 1  ? 0.1446 0.2283 0.1865 -0.0118 -0.0601 0.0106  2647 U   A "O2'" 
9   C "C1'" . U   A 1  ? 0.1303 0.2873 0.1905 -0.0154 -0.0493 0.0001  2647 U   A "C1'" 
10  N N1    . U   A 1  ? 0.1064 0.3016 0.1816 -0.0173 -0.0266 -0.0172 2647 U   A N1    
11  C C2    . U   A 1  ? 0.0955 0.3057 0.1632 -0.0252 -0.0136 -0.0311 2647 U   A C2    
12  O O2    . U   A 1  ? 0.1030 0.3195 0.1695 -0.0369 -0.0185 -0.0313 2647 U   A O2    
13  N N3    . U   A 1  ? 0.0965 0.3061 0.1633 -0.0212 -0.0119 -0.0268 2647 U   A N3    
14  C C4    . U   A 1  ? 0.1000 0.2963 0.1624 -0.0184 -0.0152 -0.0240 2647 U   A C4    
15  O O4    . U   A 1  ? 0.1162 0.2987 0.1643 -0.0154 -0.0264 -0.0196 2647 U   A O4    
16  C C5    . U   A 1  ? 0.1062 0.3063 0.1897 -0.0110 -0.0235 -0.0212 2647 U   A C5    
17  C C6    . U   A 1  ? 0.1076 0.3094 0.1905 -0.0087 -0.0266 -0.0192 2647 U   A C6    
18  P P     . G   A 2  ? 0.1806 0.2555 0.2056 -0.0830 -0.0862 0.0072  2648 G   A P     
19  O OP1   . G   A 2  ? 0.1862 0.2769 0.2159 -0.0956 -0.0838 0.0075  2648 G   A OP1   
20  O OP2   . G   A 2  ? 0.1841 0.2508 0.2320 -0.0755 -0.0877 0.0130  2648 G   A OP2   
21  O "O5'" . G   A 2  ? 0.1908 0.2044 0.2261 -0.0867 -0.0911 0.0077  2648 G   A "O5'" 
22  C "C5'" . G   A 2  ? 0.1977 0.1829 0.2189 -0.0768 -0.0902 0.0109  2648 G   A "C5'" 
23  C "C4'" . G   A 2  ? 0.2020 0.1640 0.2007 -0.0680 -0.0818 0.0020  2648 G   A "C4'" 
24  O "O4'" . G   A 2  ? 0.2072 0.1558 0.1980 -0.0511 -0.0757 -0.0103 2648 G   A "O4'" 
25  C "C3'" . G   A 2  ? 0.1988 0.1601 0.1910 -0.0691 -0.0798 -0.0006 2648 G   A "C3'" 
26  O "O3'" . G   A 2  ? 0.1935 0.1838 0.1826 -0.0702 -0.0771 0.0101  2648 G   A "O3'" 
27  C "C2'" . G   A 2  ? 0.2003 0.1541 0.2041 -0.0555 -0.0768 -0.0104 2648 G   A "C2'" 
28  O "O2'" . G   A 2  ? 0.2055 0.1533 0.2277 -0.0453 -0.0873 -0.0075 2648 G   A "O2'" 
29  C "C1'" . G   A 2  ? 0.2001 0.1450 0.1919 -0.0437 -0.0666 -0.0184 2648 G   A "C1'" 
30  N N9    . G   A 2  ? 0.1762 0.1518 0.1617 -0.0258 -0.0339 -0.0321 2648 G   A N9    
31  C C8    . G   A 2  ? 0.1671 0.1651 0.1477 -0.0289 -0.0259 -0.0337 2648 G   A C8    
32  N N7    . G   A 2  ? 0.1610 0.1632 0.1508 -0.0279 -0.0224 -0.0361 2648 G   A N7    
33  C C5    . G   A 2  ? 0.1565 0.1470 0.1384 -0.0200 -0.0146 -0.0396 2648 G   A C5    
34  C C6    . G   A 2  ? 0.1466 0.1554 0.1342 -0.0068 -0.0023 -0.0391 2648 G   A C6    
35  O O6    . G   A 2  ? 0.1444 0.1512 0.1350 -0.0125 -0.0022 -0.0266 2648 G   A O6    
36  N N1    . G   A 2  ? 0.1483 0.1545 0.1288 -0.0008 -0.0013 -0.0397 2648 G   A N1    
37  C C2    . G   A 2  ? 0.1599 0.1545 0.1431 -0.0057 -0.0133 -0.0345 2648 G   A C2    
38  N N2    . G   A 2  ? 0.1595 0.1522 0.1545 -0.0067 -0.0156 -0.0277 2648 G   A N2    
39  N N3    . G   A 2  ? 0.1644 0.1494 0.1513 -0.0172 -0.0177 -0.0393 2648 G   A N3    
40  C C4    . G   A 2  ? 0.1670 0.1566 0.1414 -0.0200 -0.0199 -0.0395 2648 G   A C4    
41  P P     . C   A 3  ? 0.1931 0.2160 0.1630 -0.0653 -0.0733 0.0064  2649 C   A P     
42  O OP1   . C   A 3  ? 0.1981 0.2417 0.1746 -0.0672 -0.0682 0.0115  2649 C   A OP1   
43  O OP2   . C   A 3  ? 0.1977 0.2372 0.1876 -0.0423 -0.0736 0.0129  2649 C   A OP2   
44  O "O5'" . C   A 3  ? 0.1890 0.1811 0.1852 -0.0583 -0.0926 0.0107  2649 C   A "O5'" 
45  C "C5'" . C   A 3  ? 0.1759 0.1639 0.2021 -0.0533 -0.0954 0.0072  2649 C   A "C5'" 
46  C "C4'" . C   A 3  ? 0.1577 0.1520 0.2098 -0.0429 -0.0897 -0.0036 2649 C   A "C4'" 
47  O "O4'" . C   A 3  ? 0.1495 0.1398 0.2078 -0.0326 -0.0839 -0.0191 2649 C   A "O4'" 
48  C "C3'" . C   A 3  ? 0.1441 0.1340 0.1933 -0.0402 -0.0854 -0.0009 2649 C   A "C3'" 
49  O "O3'" . C   A 3  ? 0.1322 0.1460 0.1688 -0.0390 -0.0771 0.0046  2649 C   A "O3'" 
50  C "C2'" . C   A 3  ? 0.1344 0.1458 0.2006 -0.0197 -0.0815 -0.0116 2649 C   A "C2'" 
51  O "O2'" . C   A 3  ? 0.1290 0.1658 0.2263 -0.0103 -0.0841 -0.0120 2649 C   A "O2'" 
52  C "C1'" . C   A 3  ? 0.1380 0.1283 0.1891 -0.0185 -0.0754 -0.0210 2649 C   A "C1'" 
53  N N1    . C   A 3  ? 0.1237 0.1350 0.1495 -0.0034 -0.0544 -0.0235 2649 C   A N1    
54  C C2    . C   A 3  ? 0.1140 0.1456 0.1309 0.0056  -0.0374 -0.0345 2649 C   A C2    
55  O O2    . C   A 3  ? 0.1154 0.1579 0.1531 0.0029  -0.0432 -0.0322 2649 C   A O2    
56  N N3    . C   A 3  ? 0.1134 0.1564 0.1142 0.0050  -0.0294 -0.0330 2649 C   A N3    
57  C C4    . C   A 3  ? 0.1143 0.1531 0.1271 0.0038  -0.0330 -0.0288 2649 C   A C4    
58  N N4    . C   A 3  ? 0.1197 0.1700 0.1289 0.0041  -0.0334 -0.0189 2649 C   A N4    
59  C C5    . C   A 3  ? 0.1195 0.1434 0.1431 -0.0099 -0.0439 -0.0211 2649 C   A C5    
60  C C6    . C   A 3  ? 0.1204 0.1503 0.1467 -0.0071 -0.0477 -0.0235 2649 C   A C6    
61  N N1    . OMU A 4  ? 0.0724 0.1442 0.1195 -0.0344 -0.0262 -0.0216 2650 OMU A N1    
62  C C2    . OMU A 4  ? 0.0761 0.1281 0.1224 -0.0224 -0.0308 -0.0135 2650 OMU A C2    
63  N N3    . OMU A 4  ? 0.0749 0.1414 0.1184 -0.0250 -0.0248 -0.0238 2650 OMU A N3    
64  C C4    . OMU A 4  ? 0.0834 0.1291 0.1171 -0.0200 -0.0242 -0.0204 2650 OMU A C4    
65  C C5    . OMU A 4  ? 0.0737 0.1498 0.1232 -0.0192 -0.0234 -0.0180 2650 OMU A C5    
66  C C6    . OMU A 4  ? 0.0745 0.1715 0.1248 -0.0326 -0.0240 -0.0255 2650 OMU A C6    
67  O O2    . OMU A 4  ? 0.0879 0.1550 0.1184 -0.0124 -0.0332 -0.0216 2650 OMU A O2    
68  O O4    . OMU A 4  ? 0.1182 0.1395 0.1261 -0.0250 -0.0380 -0.0239 2650 OMU A O4    
69  C "C1'" . OMU A 4  ? 0.0820 0.1372 0.1284 -0.0233 -0.0310 -0.0183 2650 OMU A "C1'" 
70  C "C2'" . OMU A 4  ? 0.0744 0.1377 0.1211 -0.0277 -0.0222 -0.0150 2650 OMU A "C2'" 
71  O "O2'" . OMU A 4  ? 0.0963 0.1488 0.1239 -0.0234 -0.0211 -0.0108 2650 OMU A "O2'" 
73  C "C3'" . OMU A 4  ? 0.0826 0.1463 0.1207 -0.0224 -0.0344 -0.0122 2650 OMU A "C3'" 
74  C "C4'" . OMU A 4  ? 0.0846 0.1471 0.1394 -0.0223 -0.0414 -0.0058 2650 OMU A "C4'" 
75  O "O3'" . OMU A 4  ? 0.0837 0.1611 0.1230 -0.0204 -0.0296 -0.0057 2650 OMU A "O3'" 
76  O "O4'" . OMU A 4  ? 0.0897 0.1433 0.1277 -0.0213 -0.0366 -0.0181 2650 OMU A "O4'" 
77  C "C5'" . OMU A 4  ? 0.0953 0.1512 0.1617 -0.0299 -0.0583 0.0124  2650 OMU A "C5'" 
78  O "O5'" . OMU A 4  ? 0.0976 0.1595 0.1404 -0.0388 -0.0542 0.0198  2650 OMU A "O5'" 
79  P P     . OMU A 4  ? 0.1057 0.1827 0.1555 -0.0423 -0.0595 0.0391  2650 OMU A P     
80  O OP1   . OMU A 4  ? 0.1262 0.2105 0.1905 -0.0442 -0.0729 0.0449  2650 OMU A OP1   
81  O OP2   . OMU A 4  ? 0.0994 0.1961 0.1756 -0.0489 -0.0585 0.0371  2650 OMU A OP2   
82  P P     . C   A 5  ? 0.0945 0.1660 0.1172 -0.0285 -0.0310 -0.0018 2651 C   A P     
83  O OP1   . C   A 5  ? 0.1111 0.1782 0.1213 -0.0218 -0.0318 -0.0017 2651 C   A OP1   
84  O OP2   . C   A 5  ? 0.0933 0.1893 0.1378 -0.0326 -0.0168 -0.0083 2651 C   A OP2   
85  O "O5'" . C   A 5  ? 0.0817 0.1488 0.1166 -0.0172 -0.0395 0.0032  2651 C   A "O5'" 
86  C "C5'" . C   A 5  ? 0.0793 0.1434 0.1305 -0.0115 -0.0516 0.0019  2651 C   A "C5'" 
87  C "C4'" . C   A 5  ? 0.0694 0.1528 0.1163 -0.0064 -0.0432 -0.0003 2651 C   A "C4'" 
88  O "O4'" . C   A 5  ? 0.0672 0.1610 0.1135 0.0020  -0.0396 -0.0042 2651 C   A "O4'" 
89  C "C3'" . C   A 5  ? 0.0720 0.1445 0.1090 -0.0091 -0.0414 -0.0080 2651 C   A "C3'" 
90  O "O3'" . C   A 5  ? 0.0815 0.1552 0.1022 -0.0068 -0.0401 -0.0090 2651 C   A "O3'" 
91  C "C2'" . C   A 5  ? 0.0729 0.1560 0.1003 -0.0089 -0.0376 -0.0018 2651 C   A "C2'" 
92  O "O2'" . C   A 5  ? 0.0857 0.1578 0.1077 -0.0184 -0.0435 0.0064  2651 C   A "O2'" 
93  C "C1'" . C   A 5  ? 0.0653 0.1604 0.0999 -0.0005 -0.0320 -0.0054 2651 C   A "C1'" 
94  N N1    . C   A 5  ? 0.0688 0.1501 0.0984 -0.0014 -0.0317 -0.0175 2651 C   A N1    
95  C C2    . C   A 5  ? 0.0712 0.1515 0.0955 0.0058  -0.0359 -0.0179 2651 C   A C2    
96  O O2    . C   A 5  ? 0.0762 0.1507 0.1107 -0.0066 -0.0444 -0.0083 2651 C   A O2    
97  N N3    . C   A 5  ? 0.0741 0.1454 0.1035 0.0025  -0.0396 -0.0227 2651 C   A N3    
98  C C4    . C   A 5  ? 0.0740 0.1440 0.1080 0.0097  -0.0369 -0.0242 2651 C   A C4    
99  N N4    . C   A 5  ? 0.0769 0.1556 0.1226 0.0099  -0.0392 -0.0283 2651 C   A N4    
100 C C5    . C   A 5  ? 0.0739 0.1581 0.1123 0.0033  -0.0298 -0.0264 2651 C   A C5    
101 C C6    . C   A 5  ? 0.0670 0.1606 0.1117 0.0038  -0.0264 -0.0235 2651 C   A C6    
102 P P     . C   A 6  ? 0.0907 0.1493 0.1001 -0.0081 -0.0379 0.0019  2652 C   A P     
103 O OP1   . C   A 6  ? 0.1129 0.1627 0.1097 -0.0053 -0.0481 -0.0081 2652 C   A OP1   
104 O OP2   . C   A 6  ? 0.1019 0.1641 0.1233 -0.0116 -0.0249 0.0085  2652 C   A OP2   
105 O "O5'" . C   A 6  ? 0.0688 0.1441 0.1021 -0.0149 -0.0361 -0.0003 2652 C   A "O5'" 
106 C "C5'" . C   A 6  ? 0.0616 0.1384 0.1194 -0.0210 -0.0400 0.0006  2652 C   A "C5'" 
107 C "C4'" . C   A 6  ? 0.0564 0.1459 0.1120 -0.0202 -0.0380 -0.0035 2652 C   A "C4'" 
108 O "O4'" . C   A 6  ? 0.0542 0.1592 0.0976 -0.0145 -0.0368 -0.0065 2652 C   A "O4'" 
109 C "C3'" . C   A 6  ? 0.0567 0.1362 0.1103 -0.0194 -0.0370 -0.0035 2652 C   A "C3'" 
110 O "O3'" . C   A 6  ? 0.0565 0.1392 0.1078 -0.0198 -0.0348 -0.0085 2652 C   A "O3'" 
111 C "C2'" . C   A 6  ? 0.0564 0.1403 0.1004 -0.0141 -0.0311 0.0038  2652 C   A "C2'" 
112 O "O2'" . C   A 6  ? 0.0798 0.1492 0.1093 -0.0187 -0.0391 0.0071  2652 C   A "O2'" 
113 C "C1'" . C   A 6  ? 0.0526 0.1470 0.0978 -0.0116 -0.0320 -0.0008 2652 C   A "C1'" 
114 N N1    . C   A 6  ? 0.0572 0.1402 0.0911 -0.0069 -0.0355 -0.0017 2652 C   A N1    
115 C C2    . C   A 6  ? 0.0597 0.1456 0.0872 -0.0075 -0.0345 -0.0073 2652 C   A C2    
116 O O2    . C   A 6  ? 0.0696 0.1384 0.0979 -0.0117 -0.0431 -0.0030 2652 C   A O2    
117 N N3    . C   A 6  ? 0.0581 0.1411 0.0882 -0.0130 -0.0320 -0.0049 2652 C   A N3    
118 C C4    . C   A 6  ? 0.0596 0.1369 0.0880 -0.0001 -0.0306 -0.0170 2652 C   A C4    
119 N N4    . C   A 6  ? 0.0733 0.1425 0.1194 -0.0118 -0.0427 -0.0106 2652 C   A N4    
120 C C5    . C   A 6  ? 0.0575 0.1428 0.1038 0.0054  -0.0323 -0.0107 2652 C   A C5    
121 C C6    . C   A 6  ? 0.0595 0.1403 0.1019 -0.0048 -0.0346 -0.0051 2652 C   A C6    
122 P P     . U   A 7  ? 0.0693 0.1484 0.1046 -0.0177 -0.0388 -0.0138 2653 U   A P     
123 O OP1   . U   A 7  ? 0.0924 0.1659 0.1347 -0.0211 -0.0477 -0.0368 2653 U   A OP1   
124 O OP2   . U   A 7  ? 0.0753 0.1708 0.1075 -0.0130 -0.0338 -0.0079 2653 U   A OP2   
125 O "O5'" . U   A 7  ? 0.0739 0.1236 0.1114 -0.0116 -0.0355 -0.0033 2653 U   A "O5'" 
126 C "C5'" . U   A 7  ? 0.0725 0.1242 0.1163 -0.0166 -0.0354 0.0025  2653 U   A "C5'" 
127 C "C4'" . U   A 7  ? 0.0617 0.1317 0.1009 -0.0137 -0.0224 -0.0065 2653 U   A "C4'" 
128 O "O4'" . U   A 7  ? 0.0606 0.1317 0.1042 -0.0192 -0.0234 0.0039  2653 U   A "O4'" 
129 C "C3'" . U   A 7  ? 0.0641 0.1219 0.1093 -0.0134 -0.0176 0.0022  2653 U   A "C3'" 
130 O "O3'" . U   A 7  ? 0.0830 0.1313 0.1082 -0.0084 -0.0122 -0.0024 2653 U   A "O3'" 
131 C "C2'" . U   A 7  ? 0.0631 0.1270 0.1041 -0.0157 -0.0238 0.0085  2653 U   A "C2'" 
132 O "O2'" . U   A 7  ? 0.0566 0.1461 0.1210 -0.0107 -0.0242 0.0186  2653 U   A "O2'" 
133 C "C1'" . U   A 7  ? 0.0635 0.1295 0.0967 -0.0162 -0.0229 0.0045  2653 U   A "C1'" 
134 N N1    . U   A 7  ? 0.0680 0.1267 0.0949 -0.0135 -0.0229 -0.0023 2653 U   A N1    
135 C C2    . U   A 7  ? 0.0844 0.1359 0.0868 -0.0221 -0.0227 -0.0046 2653 U   A C2    
136 O O2    . U   A 7  ? 0.0938 0.1424 0.1061 -0.0315 -0.0343 -0.0039 2653 U   A O2    
137 N N3    . U   A 7  ? 0.0956 0.1401 0.0923 -0.0169 -0.0189 -0.0021 2653 U   A N3    
138 C C4    . U   A 7  ? 0.0944 0.1279 0.1004 -0.0140 -0.0138 0.0074  2653 U   A C4    
139 O O4    . U   A 7  ? 0.1134 0.1377 0.1171 -0.0126 -0.0178 0.0048  2653 U   A O4    
140 C C5    . U   A 7  ? 0.0874 0.1324 0.0995 -0.0081 -0.0252 -0.0003 2653 U   A C5    
141 C C6    . U   A 7  ? 0.0720 0.1330 0.0888 -0.0164 -0.0217 0.0051  2653 U   A C6    
142 P P     . A   A 8  ? 0.0875 0.1426 0.1192 -0.0104 -0.0087 0.0028  2654 A   A P     
143 O OP1   . A   A 8  ? 0.0794 0.1540 0.1292 -0.0120 -0.0059 0.0056  2654 A   A OP1   
144 O OP2   . A   A 8  ? 0.1069 0.1324 0.1394 0.0038  -0.0146 -0.0099 2654 A   A OP2   
145 O "O5'" . A   A 8  ? 0.0923 0.1310 0.1109 -0.0141 -0.0162 0.0020  2654 A   A "O5'" 
146 C "C5'" . A   A 8  ? 0.1003 0.1482 0.1118 -0.0181 -0.0270 -0.0016 2654 A   A "C5'" 
147 C "C4'" . A   A 8  ? 0.1009 0.1380 0.1124 -0.0308 -0.0352 -0.0069 2654 A   A "C4'" 
148 O "O4'" . A   A 8  ? 0.0932 0.1386 0.1096 -0.0366 -0.0277 -0.0017 2654 A   A "O4'" 
149 C "C3'" . A   A 8  ? 0.1074 0.1499 0.1253 -0.0312 -0.0539 0.0018  2654 A   A "C3'" 
150 O "O3'" . A   A 8  ? 0.1205 0.1814 0.1427 -0.0321 -0.0681 -0.0088 2654 A   A "O3'" 
151 C "C2'" . A   A 8  ? 0.0930 0.1362 0.1160 -0.0319 -0.0431 0.0032  2654 A   A "C2'" 
152 O "O2'" . A   A 8  ? 0.0904 0.1486 0.1401 -0.0110 -0.0484 0.0045  2654 A   A "O2'" 
153 C "C1'" . A   A 8  ? 0.0932 0.1390 0.1108 -0.0332 -0.0345 0.0008  2654 A   A "C1'" 
154 N N9    . A   A 8  ? 0.0892 0.1393 0.0900 -0.0293 -0.0253 -0.0031 2654 A   A N9    
155 C C8    . A   A 8  ? 0.0864 0.1394 0.0925 -0.0268 -0.0235 -0.0052 2654 A   A C8    
156 N N7    . A   A 8  ? 0.0825 0.1404 0.0958 -0.0233 -0.0182 -0.0091 2654 A   A N7    
157 C C5    . A   A 8  ? 0.0891 0.1369 0.0890 -0.0278 -0.0149 -0.0093 2654 A   A C5    
158 C C6    . A   A 8  ? 0.0888 0.1453 0.0945 -0.0335 -0.0038 -0.0120 2654 A   A C6    
159 N N6    . A   A 8  ? 0.0953 0.1427 0.1158 -0.0412 -0.0100 -0.0225 2654 A   A N6    
160 N N1    . A   A 8  ? 0.1013 0.1404 0.1048 -0.0338 -0.0119 0.0033  2654 A   A N1    
161 C C2    . A   A 8  ? 0.1044 0.1420 0.1085 -0.0295 -0.0172 0.0065  2654 A   A C2    
162 N N3    . A   A 8  ? 0.1018 0.1393 0.0989 -0.0284 -0.0204 0.0116  2654 A   A N3    
163 C C4    . A   A 8  ? 0.0944 0.1321 0.0869 -0.0274 -0.0202 0.0049  2654 A   A C4    
164 P P     . G   A 9  ? 0.1011 0.2062 0.1307 -0.0520 -0.0448 -0.0192 2655 G   A P     
165 O OP1   . G   A 9  ? 0.1346 0.2393 0.1838 -0.0436 -0.0673 -0.0231 2655 G   A OP1   
166 O OP2   . G   A 9  ? 0.0941 0.2355 0.1966 -0.0537 -0.0362 -0.0050 2655 G   A OP2   
167 O "O5'" . G   A 9  ? 0.1258 0.2354 0.1554 -0.0648 -0.0490 -0.0005 2655 G   A "O5'" 
168 C "C5'" . G   A 9  ? 0.1261 0.2158 0.1721 -0.0669 -0.0557 0.0291  2655 G   A "C5'" 
169 C "C4'" . G   A 9  ? 0.1237 0.1816 0.1642 -0.0617 -0.0609 0.0350  2655 G   A "C4'" 
170 O "O4'" . G   A 9  ? 0.1036 0.2195 0.1410 -0.0466 -0.0402 0.0284  2655 G   A "O4'" 
171 C "C3'" . G   A 9  ? 0.1420 0.1589 0.1428 -0.0568 -0.0666 0.0172  2655 G   A "C3'" 
172 O "O3'" . G   A 9  ? 0.1461 0.1475 0.1223 -0.0555 -0.0497 -0.0012 2655 G   A "O3'" 
173 C "C2'" . G   A 9  ? 0.1390 0.1749 0.1343 -0.0512 -0.0579 0.0127  2655 G   A "C2'" 
174 O "O2'" . G   A 9  ? 0.1597 0.1903 0.1353 -0.0397 -0.0532 0.0121  2655 G   A "O2'" 
175 C "C1'" . G   A 9  ? 0.1111 0.1953 0.1188 -0.0479 -0.0409 0.0135  2655 G   A "C1'" 
176 N N9    . G   A 9  ? 0.1075 0.1885 0.1334 -0.0425 -0.0442 0.0057  2655 G   A N9    
177 C C8    . G   A 9  ? 0.1160 0.1938 0.1539 -0.0341 -0.0523 0.0037  2655 G   A C8    
178 N N7    . G   A 9  ? 0.1197 0.2085 0.1622 -0.0293 -0.0560 0.0052  2655 G   A N7    
179 C C5    . G   A 9  ? 0.1128 0.1931 0.1547 -0.0295 -0.0512 0.0135  2655 G   A C5    
180 C C6    . G   A 9  ? 0.1167 0.1948 0.1668 -0.0201 -0.0545 0.0183  2655 G   A C6    
181 O O6    . G   A 9  ? 0.1388 0.2076 0.2042 -0.0181 -0.0730 0.0203  2655 G   A O6    
182 N N1    . G   A 9  ? 0.0981 0.1868 0.1359 -0.0236 -0.0359 0.0192  2655 G   A N1    
183 C C2    . G   A 9  ? 0.0874 0.1704 0.1288 -0.0279 -0.0262 0.0117  2655 G   A C2    
184 N N2    . G   A 9  ? 0.0886 0.1694 0.1346 -0.0258 -0.0308 0.0014  2655 G   A N2    
185 N N3    . G   A 9  ? 0.0915 0.1663 0.1249 -0.0358 -0.0287 0.0095  2655 G   A N3    
186 C C4    . G   A 9  ? 0.1043 0.1799 0.1307 -0.0375 -0.0413 0.0098  2655 G   A C4    
187 P P     . U   A 10 ? 0.1509 0.1516 0.1258 -0.0534 -0.0343 -0.0115 2656 U   A P     
188 O OP1   . U   A 10 ? 0.1718 0.1653 0.1392 -0.0455 -0.0418 -0.0126 2656 U   A OP1   
189 O OP2   . U   A 10 ? 0.1425 0.1452 0.1374 -0.0530 -0.0246 -0.0079 2656 U   A OP2   
190 O "O5'" . U   A 10 ? 0.1354 0.1457 0.1385 -0.0548 -0.0320 -0.0072 2656 U   A "O5'" 
191 C "C5'" . U   A 10 ? 0.1259 0.1341 0.1466 -0.0527 -0.0315 -0.0127 2656 U   A "C5'" 
192 C "C4'" . U   A 10 ? 0.1104 0.1454 0.1423 -0.0431 -0.0205 -0.0142 2656 U   A "C4'" 
193 O "O4'" . U   A 10 ? 0.1022 0.1479 0.1455 -0.0438 -0.0174 -0.0043 2656 U   A "O4'" 
194 C "C3'" . U   A 10 ? 0.1012 0.1479 0.1391 -0.0420 -0.0109 -0.0148 2656 U   A "C3'" 
195 O "O3'" . U   A 10 ? 0.1086 0.1584 0.1462 -0.0413 -0.0149 -0.0170 2656 U   A "O3'" 
196 C "C2'" . U   A 10 ? 0.1021 0.1346 0.1407 -0.0308 -0.0197 0.0015  2656 U   A "C2'" 
197 O "O2'" . U   A 10 ? 0.1100 0.1456 0.1486 -0.0189 -0.0240 0.0095  2656 U   A "O2'" 
198 C "C1'" . U   A 10 ? 0.0952 0.1440 0.1375 -0.0351 -0.0200 -0.0003 2656 U   A "C1'" 
199 N N1    . U   A 10 ? 0.0825 0.1541 0.1250 -0.0337 -0.0175 0.0005  2656 U   A N1    
200 C C2    . U   A 10 ? 0.0764 0.1522 0.1135 -0.0265 -0.0172 -0.0056 2656 U   A C2    
201 O O2    . U   A 10 ? 0.0783 0.1588 0.1167 -0.0180 -0.0232 0.0010  2656 U   A O2    
202 N N3    . U   A 10 ? 0.0708 0.1558 0.1194 -0.0228 -0.0204 -0.0041 2656 U   A N3    
203 C C4    . U   A 10 ? 0.0816 0.1523 0.1222 -0.0300 -0.0254 0.0039  2656 U   A C4    
204 O O4    . U   A 10 ? 0.0855 0.1525 0.1364 -0.0251 -0.0285 -0.0030 2656 U   A O4    
205 C C5    . U   A 10 ? 0.0794 0.1625 0.1175 -0.0366 -0.0195 0.0057  2656 U   A C5    
206 C C6    . U   A 10 ? 0.0809 0.1613 0.1205 -0.0367 -0.0177 0.0037  2656 U   A C6    
207 P P     . A   A 11 ? 0.1121 0.1662 0.1421 -0.0383 -0.0140 -0.0231 2657 A   A P     
208 O OP1   . A   A 11 ? 0.1169 0.1602 0.1773 -0.0230 -0.0152 -0.0237 2657 A   A OP1   
209 O OP2   . A   A 11 ? 0.1105 0.1867 0.1445 -0.0390 -0.0125 -0.0172 2657 A   A OP2   
210 O "O5'" . A   A 11 ? 0.1132 0.1450 0.1329 -0.0250 -0.0204 -0.0150 2657 A   A "O5'" 
211 C "C5'" . A   A 11 ? 0.1143 0.1360 0.1465 -0.0180 -0.0326 0.0065  2657 A   A "C5'" 
212 C "C4'" . A   A 11 ? 0.1052 0.1221 0.1418 -0.0088 -0.0326 0.0087  2657 A   A "C4'" 
213 O "O4'" . A   A 11 ? 0.1064 0.1322 0.1281 -0.0121 -0.0281 0.0049  2657 A   A "O4'" 
214 C "C3'" . A   A 11 ? 0.1018 0.1267 0.1433 0.0021  -0.0386 -0.0006 2657 A   A "C3'" 
215 O "O3'" . A   A 11 ? 0.0964 0.1352 0.1708 0.0139  -0.0434 -0.0074 2657 A   A "O3'" 
216 C "C2'" . A   A 11 ? 0.1171 0.1366 0.1231 -0.0029 -0.0452 0.0025  2657 A   A "C2'" 
217 O "O2'" . A   A 11 ? 0.1392 0.1683 0.1303 0.0043  -0.0608 -0.0021 2657 A   A "O2'" 
218 C "C1'" . A   A 11 ? 0.1059 0.1331 0.1051 -0.0092 -0.0294 0.0030  2657 A   A "C1'" 
219 N N9    . A   A 11 ? 0.0925 0.1196 0.1068 -0.0114 -0.0212 0.0026  2657 A   A N9    
220 C C8    . A   A 11 ? 0.0874 0.1285 0.1115 -0.0119 -0.0189 0.0018  2657 A   A C8    
221 N N7    . A   A 11 ? 0.0830 0.1392 0.1104 -0.0147 -0.0188 0.0026  2657 A   A N7    
222 C C5    . A   A 11 ? 0.0793 0.1254 0.1028 -0.0112 -0.0122 0.0003  2657 A   A C5    
223 C C6    . A   A 11 ? 0.0863 0.1302 0.1050 -0.0092 -0.0168 -0.0041 2657 A   A C6    
224 N N6    . A   A 11 ? 0.1005 0.1210 0.1272 -0.0073 -0.0290 -0.0001 2657 A   A N6    
225 N N1    . A   A 11 ? 0.0912 0.1348 0.1134 -0.0133 -0.0227 -0.0073 2657 A   A N1    
226 C C2    . A   A 11 ? 0.0900 0.1365 0.1067 -0.0209 -0.0220 -0.0054 2657 A   A C2    
227 N N3    . A   A 11 ? 0.0846 0.1301 0.1084 -0.0135 -0.0190 -0.0043 2657 A   A N3    
228 C C4    . A   A 11 ? 0.0817 0.1201 0.1031 -0.0099 -0.0144 0.0001  2657 A   A C4    
229 P P     . C   A 12 ? 0.0889 0.1495 0.1868 0.0122  -0.0311 -0.0232 2658 C   A P     
230 O OP1   . C   A 12 ? 0.0963 0.1579 0.2271 0.0261  -0.0438 -0.0164 2658 C   A OP1   
231 O OP2   . C   A 12 ? 0.1004 0.1825 0.1815 0.0097  -0.0231 -0.0462 2658 C   A OP2   
232 O "O5'" . C   A 12 ? 0.0793 0.1525 0.1424 0.0085  -0.0372 -0.0126 2658 C   A "O5'" 
233 C "C5'" . C   A 12 ? 0.0718 0.1392 0.1293 0.0119  -0.0372 -0.0040 2658 C   A "C5'" 
234 C "C4'" . C   A 12 ? 0.0650 0.1517 0.1031 0.0174  -0.0316 0.0110  2658 C   A "C4'" 
235 O "O4'" . C   A 12 ? 0.0616 0.1568 0.1104 0.0206  -0.0304 0.0177  2658 C   A "O4'" 
236 C "C3'" . C   A 12 ? 0.0544 0.1591 0.1001 0.0136  -0.0221 0.0008  2658 C   A "C3'" 
237 O "O3'" . C   A 12 ? 0.0593 0.1669 0.1006 0.0075  -0.0291 -0.0058 2658 C   A "O3'" 
238 C "C2'" . C   A 12 ? 0.0593 0.1515 0.1049 0.0031  -0.0271 -0.0007 2658 C   A "C2'" 
239 O "O2'" . C   A 12 ? 0.0693 0.1588 0.1179 0.0011  -0.0371 -0.0052 2658 C   A "O2'" 
240 C "C1'" . C   A 12 ? 0.0624 0.1565 0.1018 0.0081  -0.0294 0.0110  2658 C   A "C1'" 
241 N N1    . C   A 12 ? 0.0584 0.1501 0.1063 0.0036  -0.0290 0.0123  2658 C   A N1    
242 C C2    . C   A 12 ? 0.0550 0.1471 0.1057 -0.0005 -0.0243 0.0033  2658 C   A C2    
243 O O2    . C   A 12 ? 0.0636 0.1406 0.1202 0.0087  -0.0396 0.0046  2658 C   A O2    
244 N N3    . C   A 12 ? 0.0490 0.1523 0.1118 -0.0050 -0.0216 0.0079  2658 C   A N3    
245 C C4    . C   A 12 ? 0.0504 0.1535 0.1171 -0.0105 -0.0179 0.0071  2658 C   A C4    
246 N N4    . C   A 12 ? 0.0641 0.1638 0.1321 -0.0167 -0.0327 0.0184  2658 C   A N4    
247 C C5    . C   A 12 ? 0.0553 0.1478 0.1327 -0.0073 -0.0215 0.0115  2658 C   A C5    
248 C C6    . C   A 12 ? 0.0559 0.1390 0.1302 -0.0003 -0.0238 0.0144  2658 C   A C6    
249 P P     . G   A 13 ? 0.0585 0.1711 0.1130 0.0061  -0.0303 -0.0026 2659 G   A P     
250 O OP1   . G   A 13 ? 0.0610 0.1955 0.1255 0.0116  -0.0305 -0.0008 2659 G   A OP1   
251 O OP2   . G   A 13 ? 0.0808 0.1594 0.1137 0.0035  -0.0315 -0.0132 2659 G   A OP2   
252 O "O5'" . G   A 13 ? 0.0751 0.1540 0.1139 -0.0086 -0.0426 -0.0056 2659 G   A "O5'" 
253 C "C5'" . G   A 13 ? 0.0721 0.1602 0.1118 -0.0132 -0.0395 -0.0049 2659 G   A "C5'" 
254 C "C4'" . G   A 13 ? 0.0706 0.1577 0.1072 -0.0147 -0.0377 0.0034  2659 G   A "C4'" 
255 O "O4'" . G   A 13 ? 0.0754 0.1535 0.1012 -0.0185 -0.0363 0.0006  2659 G   A "O4'" 
256 C "C3'" . G   A 13 ? 0.0595 0.1684 0.1034 -0.0185 -0.0283 0.0029  2659 G   A "C3'" 
257 O "O3'" . G   A 13 ? 0.0626 0.1920 0.1107 -0.0202 -0.0324 -0.0011 2659 G   A "O3'" 
258 C "C2'" . G   A 13 ? 0.0630 0.1609 0.1067 -0.0242 -0.0277 0.0020  2659 G   A "C2'" 
259 O "O2'" . G   A 13 ? 0.0773 0.1684 0.1083 -0.0233 -0.0416 0.0054  2659 G   A "O2'" 
260 C "C1'" . G   A 13 ? 0.0705 0.1564 0.1065 -0.0155 -0.0331 0.0004  2659 G   A "C1'" 
261 N N9    . G   A 13 ? 0.0700 0.1489 0.1017 -0.0119 -0.0282 0.0031  2659 G   A N9    
262 C C8    . G   A 13 ? 0.0725 0.1528 0.1025 -0.0072 -0.0282 0.0034  2659 G   A C8    
263 N N7    . G   A 13 ? 0.0756 0.1526 0.1100 -0.0108 -0.0311 -0.0009 2659 G   A N7    
264 C C5    . G   A 13 ? 0.0766 0.1511 0.1059 -0.0161 -0.0296 0.0011  2659 G   A C5    
265 C C6    . G   A 13 ? 0.0843 0.1599 0.1119 -0.0216 -0.0292 -0.0073 2659 G   A C6    
266 O O6    . G   A 13 ? 0.1047 0.1533 0.1374 -0.0302 -0.0461 -0.0015 2659 G   A O6    
267 N N1    . G   A 13 ? 0.0797 0.1415 0.1090 -0.0272 -0.0282 -0.0047 2659 G   A N1    
268 C C2    . G   A 13 ? 0.0757 0.1542 0.0871 -0.0209 -0.0268 0.0011  2659 G   A C2    
269 N N2    . G   A 13 ? 0.0726 0.1431 0.0977 -0.0230 -0.0293 0.0053  2659 G   A N2    
270 N N3    . G   A 13 ? 0.0731 0.1457 0.1085 -0.0209 -0.0338 0.0043  2659 G   A N3    
271 C C4    . G   A 13 ? 0.0753 0.1474 0.1016 -0.0167 -0.0313 -0.0016 2659 G   A C4    
272 P P     . A   A 14 ? 0.0671 0.2126 0.1124 -0.0144 -0.0315 -0.0090 2660 A   A P     
273 O OP1   . A   A 14 ? 0.0754 0.2400 0.1326 -0.0222 -0.0263 -0.0077 2660 A   A OP1   
274 O OP2   . A   A 14 ? 0.0738 0.2316 0.1224 -0.0028 -0.0329 -0.0250 2660 A   A OP2   
275 O "O5'" . A   A 14 ? 0.0783 0.2008 0.1134 -0.0144 -0.0331 -0.0156 2660 A   A "O5'" 
276 C "C5'" . A   A 14 ? 0.0884 0.2057 0.1156 -0.0122 -0.0342 -0.0164 2660 A   A "C5'" 
277 C "C4'" . A   A 14 ? 0.0827 0.2012 0.1168 -0.0099 -0.0267 -0.0128 2660 A   A "C4'" 
278 O "O4'" . A   A 14 ? 0.0714 0.2157 0.1254 -0.0077 -0.0241 -0.0170 2660 A   A "O4'" 
279 C "C3'" . A   A 14 ? 0.0801 0.1815 0.1203 -0.0084 -0.0221 -0.0248 2660 A   A "C3'" 
280 O "O3'" . A   A 14 ? 0.0861 0.1759 0.1385 -0.0121 -0.0242 -0.0279 2660 A   A "O3'" 
281 C "C2'" . A   A 14 ? 0.0753 0.2005 0.1206 -0.0056 -0.0223 -0.0226 2660 A   A "C2'" 
282 O "O2'" . A   A 14 ? 0.0815 0.2119 0.1256 0.0000  -0.0244 -0.0408 2660 A   A "O2'" 
283 C "C1'" . A   A 14 ? 0.0650 0.2111 0.1273 -0.0087 -0.0177 -0.0171 2660 A   A "C1'" 
284 N N9    . A   A 14 ? 0.0693 0.2202 0.1337 -0.0224 -0.0134 -0.0267 2660 A   A N9    
285 C C8    . A   A 14 ? 0.0776 0.2167 0.1480 -0.0331 -0.0116 -0.0255 2660 A   A C8    
286 N N7    . A   A 14 ? 0.0786 0.2298 0.1517 -0.0362 -0.0059 -0.0322 2660 A   A N7    
287 C C5    . A   A 14 ? 0.0709 0.2324 0.1524 -0.0229 -0.0048 -0.0340 2660 A   A C5    
288 C C6    . A   A 14 ? 0.0758 0.2245 0.1705 -0.0164 -0.0052 -0.0414 2660 A   A C6    
289 N N6    . A   A 14 ? 0.0919 0.2300 0.1850 -0.0256 -0.0103 -0.0379 2660 A   A N6    
290 N N1    . A   A 14 ? 0.0827 0.2082 0.1780 -0.0100 -0.0217 -0.0392 2660 A   A N1    
291 C C2    . A   A 14 ? 0.0868 0.1986 0.1912 -0.0025 -0.0334 -0.0353 2660 A   A C2    
292 N N3    . A   A 14 ? 0.0894 0.2093 0.1717 -0.0053 -0.0374 -0.0262 2660 A   A N3    
293 C C4    . A   A 14 ? 0.0703 0.2180 0.1466 -0.0131 -0.0127 -0.0303 2660 A   A C4    
294 P P     . G   A 15 ? 0.0852 0.1576 0.1232 -0.0119 -0.0208 -0.0126 2661 G   A P     
295 O OP1   . G   A 15 ? 0.1053 0.1618 0.1513 -0.0134 -0.0331 -0.0124 2661 G   A OP1   
296 O OP2   . G   A 15 ? 0.0908 0.1776 0.1232 -0.0084 -0.0174 -0.0070 2661 G   A OP2   
297 O "O5'" . G   A 15 ? 0.0871 0.1492 0.1135 -0.0110 -0.0215 -0.0219 2661 G   A "O5'" 
298 C "C5'" . G   A 15 ? 0.0875 0.1605 0.1188 -0.0070 -0.0286 -0.0261 2661 G   A "C5'" 
299 C "C4'" . G   A 15 ? 0.0724 0.1572 0.1011 -0.0119 -0.0216 -0.0211 2661 G   A "C4'" 
300 O "O4'" . G   A 15 ? 0.0672 0.1674 0.1015 -0.0088 -0.0226 -0.0197 2661 G   A "O4'" 
301 C "C3'" . G   A 15 ? 0.0690 0.1588 0.0941 -0.0198 -0.0254 -0.0144 2661 G   A "C3'" 
302 O "O3'" . G   A 15 ? 0.0632 0.1560 0.0997 -0.0157 -0.0257 -0.0098 2661 G   A "O3'" 
303 C "C2'" . G   A 15 ? 0.0736 0.1668 0.0915 -0.0182 -0.0268 -0.0124 2661 G   A "C2'" 
304 O "O2'" . G   A 15 ? 0.0811 0.1718 0.0911 -0.0194 -0.0342 -0.0123 2661 G   A "O2'" 
305 C "C1'" . G   A 15 ? 0.0698 0.1667 0.0969 -0.0138 -0.0253 -0.0158 2661 G   A "C1'" 
306 N N9    . G   A 15 ? 0.0626 0.1614 0.0965 -0.0150 -0.0234 -0.0051 2661 G   A N9    
307 C C8    . G   A 15 ? 0.0705 0.1577 0.1038 -0.0115 -0.0290 -0.0002 2661 G   A C8    
308 N N7    . G   A 15 ? 0.0709 0.1658 0.0960 -0.0183 -0.0267 0.0003  2661 G   A N7    
309 C C5    . G   A 15 ? 0.0620 0.1544 0.0934 -0.0176 -0.0269 -0.0022 2661 G   A C5    
310 C C6    . G   A 15 ? 0.0682 0.1618 0.1048 -0.0209 -0.0329 0.0007  2661 G   A C6    
311 O O6    . G   A 15 ? 0.0995 0.1783 0.1039 -0.0252 -0.0470 -0.0060 2661 G   A O6    
312 N N1    . G   A 15 ? 0.0610 0.1550 0.0981 -0.0143 -0.0293 -0.0024 2661 G   A N1    
313 C C2    . G   A 15 ? 0.0598 0.1568 0.0965 -0.0140 -0.0240 -0.0007 2661 G   A C2    
314 N N2    . G   A 15 ? 0.0766 0.1491 0.1205 -0.0055 -0.0373 -0.0026 2661 G   A N2    
315 N N3    . G   A 15 ? 0.0543 0.1541 0.0967 -0.0123 -0.0239 -0.0068 2661 G   A N3    
316 C C4    . G   A 15 ? 0.0534 0.1572 0.0954 -0.0124 -0.0219 -0.0070 2661 G   A C4    
317 P P     . A   A 16 ? 0.0660 0.1525 0.1061 -0.0214 -0.0320 -0.0056 2662 A   A P     
318 O OP1   . A   A 16 ? 0.0805 0.1741 0.1139 -0.0293 -0.0369 -0.0015 2662 A   A OP1   
319 O OP2   . A   A 16 ? 0.0709 0.1583 0.1015 -0.0236 -0.0330 0.0003  2662 A   A OP2   
320 O "O5'" . A   A 16 ? 0.0727 0.1527 0.0969 -0.0146 -0.0357 -0.0067 2662 A   A "O5'" 
321 C "C5'" . A   A 16 ? 0.0743 0.1578 0.1003 -0.0107 -0.0338 -0.0029 2662 A   A "C5'" 
322 C "C4'" . A   A 16 ? 0.0694 0.1473 0.1035 -0.0190 -0.0272 -0.0072 2662 A   A "C4'" 
323 O "O4'" . A   A 16 ? 0.0695 0.1519 0.0913 -0.0195 -0.0239 -0.0042 2662 A   A "O4'" 
324 C "C3'" . A   A 16 ? 0.0675 0.1424 0.1054 -0.0082 -0.0314 0.0065  2662 A   A "C3'" 
325 O "O3'" . A   A 16 ? 0.0614 0.1629 0.1150 -0.0061 -0.0347 0.0129  2662 A   A "O3'" 
326 C "C2'" . A   A 16 ? 0.0783 0.1448 0.1036 -0.0068 -0.0332 -0.0008 2662 A   A "C2'" 
327 O "O2'" . A   A 16 ? 0.0965 0.1409 0.1173 -0.0137 -0.0450 0.0073  2662 A   A "O2'" 
328 C "C1'" . A   A 16 ? 0.0712 0.1464 0.0964 -0.0095 -0.0296 -0.0048 2662 A   A "C1'" 
329 N N9    . A   A 16 ? 0.0582 0.1465 0.0933 -0.0066 -0.0257 -0.0011 2662 A   A N9    
330 C C8    . A   A 16 ? 0.0561 0.1457 0.0984 -0.0056 -0.0209 0.0006  2662 A   A C8    
331 N N7    . A   A 16 ? 0.0505 0.1551 0.1052 -0.0078 -0.0240 0.0079  2662 A   A N7    
332 C C5    . A   A 16 ? 0.0582 0.1628 0.1020 -0.0123 -0.0272 0.0018  2662 A   A C5    
333 C C6    . A   A 16 ? 0.0719 0.1776 0.1036 -0.0256 -0.0326 0.0066  2662 A   A C6    
334 N N6    . A   A 16 ? 0.0877 0.1766 0.1371 -0.0295 -0.0553 0.0226  2662 A   A N6    
335 N N1    . A   A 16 ? 0.0751 0.1728 0.1140 -0.0227 -0.0331 -0.0008 2662 A   A N1    
336 C C2    . A   A 16 ? 0.0731 0.1622 0.1108 -0.0160 -0.0303 -0.0064 2662 A   A C2    
337 N N3    . A   A 16 ? 0.0665 0.1478 0.1003 -0.0098 -0.0308 -0.0035 2662 A   A N3    
338 C C4    . A   A 16 ? 0.0558 0.1501 0.0966 -0.0082 -0.0286 -0.0043 2662 A   A C4    
339 P P     . G   A 17 ? 0.0604 0.1718 0.1200 -0.0041 -0.0335 0.0163  2663 G   A P     
340 O OP1   . G   A 17 ? 0.0737 0.1969 0.1655 -0.0087 -0.0466 0.0304  2663 G   A OP1   
341 O OP2   . G   A 17 ? 0.0726 0.1602 0.1409 -0.0086 -0.0284 0.0234  2663 G   A OP2   
342 O "O5'" . G   A 17 ? 0.0675 0.1606 0.1196 0.0129  -0.0255 0.0218  2663 G   A "O5'" 
343 C "C5'" . G   A 17 ? 0.0659 0.1816 0.1164 0.0103  -0.0229 0.0294  2663 G   A "C5'" 
344 C "C4'" . G   A 17 ? 0.0582 0.1744 0.1096 0.0149  -0.0165 0.0326  2663 G   A "C4'" 
345 O "O4'" . G   A 17 ? 0.0636 0.1774 0.1087 0.0146  -0.0196 0.0322  2663 G   A "O4'" 
346 C "C3'" . G   A 17 ? 0.0630 0.1710 0.1122 0.0097  -0.0139 0.0314  2663 G   A "C3'" 
347 O "O3'" . G   A 17 ? 0.0682 0.1673 0.1170 0.0081  -0.0053 0.0331  2663 G   A "O3'" 
348 C "C2'" . G   A 17 ? 0.0674 0.1633 0.1109 0.0049  -0.0196 0.0322  2663 G   A "C2'" 
349 O "O2'" . G   A 17 ? 0.0786 0.1684 0.1234 0.0031  -0.0186 0.0273  2663 G   A "O2'" 
350 C "C1'" . G   A 17 ? 0.0646 0.1657 0.1124 0.0032  -0.0229 0.0317  2663 G   A "C1'" 
351 N N9    . G   A 17 ? 0.0574 0.1631 0.1119 -0.0006 -0.0225 0.0250  2663 G   A N9    
352 C C8    . G   A 17 ? 0.0598 0.1719 0.1120 -0.0043 -0.0239 0.0168  2663 G   A C8    
353 N N7    . G   A 17 ? 0.0654 0.1685 0.1152 -0.0091 -0.0348 0.0228  2663 G   A N7    
354 C C5    . G   A 17 ? 0.0569 0.1579 0.1052 -0.0090 -0.0264 0.0199  2663 G   A C5    
355 C C6    . G   A 17 ? 0.0541 0.1534 0.1154 -0.0092 -0.0226 0.0130  2663 G   A C6    
356 O O6    . G   A 17 ? 0.0596 0.1604 0.1222 -0.0118 -0.0286 0.0169  2663 G   A O6    
357 N N1    . G   A 17 ? 0.0519 0.1495 0.1188 -0.0037 -0.0247 0.0085  2663 G   A N1    
358 C C2    . G   A 17 ? 0.0536 0.1615 0.1012 -0.0030 -0.0295 0.0140  2663 G   A C2    
359 N N2    . G   A 17 ? 0.0732 0.1566 0.1240 -0.0043 -0.0537 0.0190  2663 G   A N2    
360 N N3    . G   A 17 ? 0.0563 0.1586 0.1085 -0.0016 -0.0305 0.0178  2663 G   A N3    
361 C C4    . G   A 17 ? 0.0480 0.1609 0.1047 -0.0012 -0.0216 0.0230  2663 G   A C4    
362 P P     . G   A 18 ? 0.0696 0.1743 0.1308 0.0073  -0.0029 0.0317  2664 G   A P     
363 O OP1   . G   A 18 ? 0.0847 0.1922 0.1534 0.0095  0.0008  0.0301  2664 G   A OP1   
364 O OP2   . G   A 18 ? 0.0662 0.1919 0.1530 0.0044  -0.0161 0.0312  2664 G   A OP2   
365 O "O5'" . G   A 18 ? 0.0872 0.1473 0.1211 -0.0070 -0.0162 0.0292  2664 G   A "O5'" 
366 C "C5'" . G   A 18 ? 0.0879 0.1469 0.1229 -0.0108 -0.0141 0.0197  2664 G   A "C5'" 
367 C "C4'" . G   A 18 ? 0.0878 0.1419 0.1063 -0.0120 -0.0156 0.0128  2664 G   A "C4'" 
368 O "O4'" . G   A 18 ? 0.0834 0.1367 0.1061 -0.0125 -0.0146 0.0100  2664 G   A "O4'" 
369 C "C3'" . G   A 18 ? 0.0915 0.1361 0.0958 -0.0107 -0.0175 0.0073  2664 G   A "C3'" 
370 O "O3'" . G   A 18 ? 0.0933 0.1332 0.1070 -0.0075 -0.0218 0.0044  2664 G   A "O3'" 
371 C "C2'" . G   A 18 ? 0.0921 0.1295 0.1034 -0.0132 -0.0243 0.0106  2664 G   A "C2'" 
372 O "O2'" . G   A 18 ? 0.0991 0.1313 0.1060 -0.0115 -0.0292 0.0058  2664 G   A "O2'" 
373 C "C1'" . G   A 18 ? 0.0839 0.1299 0.1048 -0.0182 -0.0169 0.0138  2664 G   A "C1'" 
374 N N9    . G   A 18 ? 0.0812 0.1433 0.0930 -0.0203 -0.0169 0.0099  2664 G   A N9    
375 C C8    . G   A 18 ? 0.0793 0.1535 0.0987 -0.0192 -0.0226 0.0099  2664 G   A C8    
376 N N7    . G   A 18 ? 0.0792 0.1705 0.1035 -0.0228 -0.0278 0.0102  2664 G   A N7    
377 C C5    . G   A 18 ? 0.0751 0.1606 0.1039 -0.0251 -0.0188 0.0039  2664 G   A C5    
378 C C6    . G   A 18 ? 0.0807 0.1677 0.1205 -0.0361 -0.0205 -0.0090 2664 G   A C6    
379 O O6    . G   A 18 ? 0.0896 0.1890 0.1401 -0.0413 -0.0331 -0.0083 2664 G   A O6    
380 N N1    . G   A 18 ? 0.0903 0.1398 0.1172 -0.0257 -0.0227 -0.0009 2664 G   A N1    
381 C C2    . G   A 18 ? 0.0912 0.1409 0.1018 -0.0332 -0.0151 -0.0037 2664 G   A C2    
382 N N2    . G   A 18 ? 0.1007 0.1376 0.1130 -0.0311 -0.0216 0.0044  2664 G   A N2    
383 N N3    . G   A 18 ? 0.0849 0.1357 0.0995 -0.0322 -0.0145 0.0002  2664 G   A N3    
384 C C4    . G   A 18 ? 0.0777 0.1405 0.1014 -0.0305 -0.0180 0.0051  2664 G   A C4    
385 P P     . A   A 19 ? 0.0873 0.1501 0.1066 -0.0007 -0.0193 0.0121  2665 A   A P     
386 O OP1   . A   A 19 ? 0.1036 0.1766 0.1092 0.0055  -0.0183 0.0030  2665 A   A OP1   
387 O OP2   . A   A 19 ? 0.0888 0.1768 0.1158 -0.0063 -0.0209 0.0097  2665 A   A OP2   
388 O "O5'" . A   A 19 ? 0.0966 0.1474 0.0984 -0.0142 -0.0263 0.0102  2665 A   A "O5'" 
389 C "C5'" . A   A 19 ? 0.1055 0.1550 0.0950 -0.0206 -0.0288 0.0108  2665 A   A "C5'" 
390 C "C4'" . A   A 19 ? 0.0997 0.1483 0.1024 -0.0291 -0.0246 0.0023  2665 A   A "C4'" 
391 O "O4'" . A   A 19 ? 0.0910 0.1640 0.1040 -0.0325 -0.0274 0.0027  2665 A   A "O4'" 
392 C "C3'" . A   A 19 ? 0.1059 0.1458 0.1124 -0.0266 -0.0287 0.0008  2665 A   A "C3'" 
393 O "O3'" . A   A 19 ? 0.1120 0.1521 0.0977 -0.0191 -0.0270 -0.0008 2665 A   A "O3'" 
394 C "C2'" . A   A 19 ? 0.1056 0.1483 0.1295 -0.0401 -0.0291 0.0055  2665 A   A "C2'" 
395 O "O2'" . A   A 19 ? 0.1273 0.1533 0.1504 -0.0471 -0.0365 0.0019  2665 A   A "O2'" 
396 C "C1'" . A   A 19 ? 0.0880 0.1648 0.1042 -0.0343 -0.0223 -0.0034 2665 A   A "C1'" 
397 N N9    . A   A 19 ? 0.0743 0.1643 0.1063 -0.0231 -0.0231 -0.0055 2665 A   A N9    
398 C C8    . A   A 19 ? 0.0725 0.1669 0.1082 -0.0186 -0.0255 -0.0033 2665 A   A C8    
399 N N7    . A   A 19 ? 0.0687 0.1726 0.1125 -0.0129 -0.0201 -0.0028 2665 A   A N7    
400 C C5    . A   A 19 ? 0.0745 0.1717 0.1059 -0.0178 -0.0231 0.0007  2665 A   A C5    
401 C C6    . A   A 19 ? 0.0772 0.1808 0.1108 -0.0128 -0.0217 0.0074  2665 A   A C6    
402 N N6    . A   A 19 ? 0.0796 0.1982 0.1289 -0.0073 -0.0242 0.0121  2665 A   A N6    
403 N N1    . A   A 19 ? 0.0799 0.2092 0.1210 -0.0117 -0.0288 0.0127  2665 A   A N1    
404 C C2    . A   A 19 ? 0.0816 0.2141 0.1195 -0.0211 -0.0334 0.0071  2665 A   A C2    
405 N N3    . A   A 19 ? 0.0696 0.2042 0.1078 -0.0219 -0.0287 0.0076  2665 A   A N3    
406 C C4    . A   A 19 ? 0.0718 0.1815 0.1068 -0.0195 -0.0241 -0.0014 2665 A   A C4    
407 P P     . C   A 20 ? 0.1139 0.1585 0.1030 -0.0317 -0.0247 -0.0157 2666 C   A P     
408 O OP1   . C   A 20 ? 0.1242 0.1823 0.1276 -0.0180 -0.0251 -0.0189 2666 C   A OP1   
409 O OP2   . C   A 20 ? 0.1104 0.1608 0.0994 -0.0462 -0.0184 -0.0163 2666 C   A OP2   
410 O "O5'" . C   A 20 ? 0.1284 0.1493 0.1075 -0.0420 -0.0357 -0.0028 2666 C   A "O5'" 
411 C "C5'" . C   A 20 ? 0.1457 0.1525 0.1281 -0.0520 -0.0523 0.0078  2666 C   A "C5'" 
412 C "C4'" . C   A 20 ? 0.1591 0.1654 0.1380 -0.0636 -0.0624 0.0180  2666 C   A "C4'" 
413 O "O4'" . C   A 20 ? 0.1461 0.1806 0.1320 -0.0647 -0.0595 0.0213  2666 C   A "O4'" 
414 C "C3'" . C   A 20 ? 0.1805 0.1642 0.1338 -0.0709 -0.0701 0.0090  2666 C   A "C3'" 
415 O "O3'" . C   A 20 ? 0.2115 0.1601 0.1329 -0.0692 -0.0702 -0.0008 2666 C   A "O3'" 
416 C "C2'" . C   A 20 ? 0.1691 0.1682 0.1584 -0.0787 -0.0805 0.0200  2666 C   A "C2'" 
417 O "O2'" . C   A 20 ? 0.1829 0.1741 0.1923 -0.0856 -0.1025 0.0238  2666 C   A "O2'" 
418 C "C1'" . C   A 20 ? 0.1402 0.1738 0.1447 -0.0702 -0.0641 0.0235  2666 C   A "C1'" 
419 N N1    . C   A 20 ? 0.1178 0.1704 0.1300 -0.0598 -0.0558 0.0279  2666 C   A N1    
420 C C2    . C   A 20 ? 0.1165 0.1795 0.1394 -0.0581 -0.0617 0.0308  2666 C   A C2    
421 O O2    . C   A 20 ? 0.1224 0.1889 0.1759 -0.0615 -0.0801 0.0338  2666 C   A O2    
422 N N3    . C   A 20 ? 0.1083 0.1741 0.1362 -0.0412 -0.0576 0.0275  2666 C   A N3    
423 C C4    . C   A 20 ? 0.1084 0.1726 0.1119 -0.0386 -0.0482 0.0204  2666 C   A C4    
424 N N4    . C   A 20 ? 0.1140 0.1626 0.1247 -0.0296 -0.0472 0.0176  2666 C   A N4    
425 C C5    . C   A 20 ? 0.0988 0.1747 0.1075 -0.0482 -0.0423 0.0146  2666 C   A C5    
426 C C6    . C   A 20 ? 0.0995 0.1711 0.1133 -0.0546 -0.0420 0.0195  2666 C   A C6    
427 P P     . C   A 21 ? 0.2337 0.1627 0.1298 -0.0555 -0.0663 -0.0082 2667 C   A P     
428 O OP1   . C   A 21 ? 0.2471 0.1848 0.1520 -0.0501 -0.0669 -0.0166 2667 C   A OP1   
429 O OP2   . C   A 21 ? 0.2282 0.1640 0.1439 -0.0381 -0.0616 -0.0055 2667 C   A OP2   
430 O "O5'" . C   A 21 ? 0.2251 0.1718 0.1218 -0.0663 -0.0741 -0.0007 2667 C   A "O5'" 
431 C "C5'" . C   A 21 ? 0.2137 0.1835 0.1318 -0.0752 -0.0766 -0.0013 2667 C   A "C5'" 
432 C "C4'" . C   A 21 ? 0.2046 0.1889 0.1324 -0.0763 -0.0825 0.0137  2667 C   A "C4'" 
433 O "O4'" . C   A 21 ? 0.2003 0.1881 0.1426 -0.0724 -0.0853 0.0236  2667 C   A "O4'" 
434 C "C3'" . C   A 21 ? 0.1970 0.1893 0.1313 -0.0747 -0.0838 0.0182  2667 C   A "C3'" 
435 O "O3'" . C   A 21 ? 0.1869 0.1961 0.1310 -0.0697 -0.0825 0.0053  2667 C   A "O3'" 
436 C "C2'" . C   A 21 ? 0.2004 0.2063 0.1374 -0.0699 -0.0897 0.0183  2667 C   A "C2'" 
437 O "O2'" . C   A 21 ? 0.2060 0.2278 0.1493 -0.0617 -0.0998 0.0194  2667 C   A "O2'" 
438 C "C1'" . C   A 21 ? 0.1980 0.1968 0.1367 -0.0715 -0.0800 0.0207  2667 C   A "C1'" 
439 N N1    . C   A 21 ? 0.1961 0.1909 0.1221 -0.0760 -0.0644 0.0147  2667 C   A N1    
440 C C2    . C   A 21 ? 0.2054 0.1985 0.1225 -0.0765 -0.0627 0.0131  2667 C   A C2    
441 O O2    . C   A 21 ? 0.2118 0.2179 0.1537 -0.0574 -0.0664 0.0112  2667 C   A O2    
442 N N3    . C   A 21 ? 0.2066 0.1921 0.1118 -0.0868 -0.0566 0.0062  2667 C   A N3    
443 C C4    . C   A 21 ? 0.1970 0.2002 0.0949 -0.1000 -0.0450 0.0036  2667 C   A C4    
444 N N4    . C   A 21 ? 0.1995 0.2313 0.0946 -0.1059 -0.0388 -0.0081 2667 C   A N4    
445 C C5    . C   A 21 ? 0.1877 0.1964 0.0982 -0.0943 -0.0452 0.0045  2667 C   A C5    
446 C C6    . C   A 21 ? 0.1870 0.2036 0.0964 -0.0806 -0.0498 0.0009  2667 C   A C6    
447 P P     . G   A 22 ? 0.1741 0.1909 0.1531 -0.0495 -0.0824 -0.0059 2668 G   A P     
448 O OP1   . G   A 22 ? 0.1748 0.2030 0.1556 -0.0506 -0.0802 -0.0121 2668 G   A OP1   
449 O OP2   . G   A 22 ? 0.1783 0.2285 0.1680 -0.0427 -0.0786 -0.0238 2668 G   A OP2   
450 O "O5'" . G   A 22 ? 0.1544 0.1838 0.1362 -0.0450 -0.0803 0.0056  2668 G   A "O5'" 
451 C "C5'" . G   A 22 ? 0.1381 0.1852 0.1439 -0.0444 -0.0800 0.0123  2668 G   A "C5'" 
452 C "C4'" . G   A 22 ? 0.1304 0.1838 0.1421 -0.0430 -0.0860 0.0119  2668 G   A "C4'" 
453 O "O4'" . G   A 22 ? 0.1117 0.1693 0.1436 -0.0338 -0.0882 0.0056  2668 G   A "O4'" 
454 C "C3'" . G   A 22 ? 0.1373 0.2006 0.1255 -0.0443 -0.0850 0.0143  2668 G   A "C3'" 
455 O "O3'" . G   A 22 ? 0.1482 0.2252 0.1324 -0.0452 -0.0821 0.0104  2668 G   A "O3'" 
456 C "C2'" . G   A 22 ? 0.1315 0.1825 0.1395 -0.0396 -0.0883 0.0209  2668 G   A "C2'" 
457 O "O2'" . G   A 22 ? 0.1511 0.1747 0.1766 -0.0352 -0.1021 0.0373  2668 G   A "O2'" 
458 C "C1'" . G   A 22 ? 0.1042 0.1699 0.1290 -0.0297 -0.0767 0.0133  2668 G   A "C1'" 
459 N N9    . G   A 22 ? 0.0899 0.1585 0.1183 -0.0275 -0.0634 -0.0012 2668 G   A N9    
460 C C8    . G   A 22 ? 0.0913 0.1508 0.1213 -0.0257 -0.0647 -0.0007 2668 G   A C8    
461 N N7    . G   A 22 ? 0.0925 0.1472 0.1183 -0.0279 -0.0576 -0.0073 2668 G   A N7    
462 C C5    . G   A 22 ? 0.0824 0.1447 0.1014 -0.0188 -0.0510 -0.0108 2668 G   A C5    
463 C C6    . G   A 22 ? 0.0814 0.1403 0.1052 -0.0100 -0.0509 -0.0132 2668 G   A C6    
464 O O6    . G   A 22 ? 0.0941 0.1375 0.1196 -0.0100 -0.0606 -0.0084 2668 G   A O6    
465 N N1    . G   A 22 ? 0.0710 0.1416 0.1016 -0.0079 -0.0479 -0.0092 2668 G   A N1    
466 C C2    . G   A 22 ? 0.0645 0.1415 0.1092 -0.0098 -0.0437 -0.0043 2668 G   A C2    
467 N N2    . G   A 22 ? 0.0666 0.1480 0.1114 -0.0160 -0.0445 -0.0014 2668 G   A N2    
468 N N3    . G   A 22 ? 0.0667 0.1446 0.1098 -0.0142 -0.0495 -0.0022 2668 G   A N3    
469 C C4    . G   A 22 ? 0.0794 0.1442 0.1131 -0.0232 -0.0511 -0.0030 2668 G   A C4    
470 P P     . G   A 23 ? 0.1510 0.2457 0.1313 -0.0387 -0.0596 -0.0109 2669 G   A P     
471 O OP1   . G   A 23 ? 0.1616 0.2833 0.1219 -0.0359 -0.0587 -0.0101 2669 G   A OP1   
472 O OP2   . G   A 23 ? 0.1560 0.2474 0.1673 -0.0422 -0.0567 -0.0144 2669 G   A OP2   
473 O "O5'" . G   A 23 ? 0.1384 0.2306 0.1292 -0.0339 -0.0603 0.0031  2669 G   A "O5'" 
474 C "C5'" . G   A 23 ? 0.1244 0.2192 0.1251 -0.0299 -0.0572 0.0107  2669 G   A "C5'" 
475 C "C4'" . G   A 23 ? 0.1042 0.2004 0.1061 -0.0210 -0.0438 0.0149  2669 G   A "C4'" 
476 O "O4'" . G   A 23 ? 0.0882 0.1741 0.1118 -0.0134 -0.0448 0.0120  2669 G   A "O4'" 
477 C "C3'" . G   A 23 ? 0.1041 0.2149 0.1052 -0.0250 -0.0331 0.0026  2669 G   A "C3'" 
478 O "O3'" . G   A 23 ? 0.1208 0.2647 0.1033 -0.0342 -0.0247 -0.0056 2669 G   A "O3'" 
479 C "C2'" . G   A 23 ? 0.0941 0.1822 0.0953 -0.0222 -0.0321 -0.0017 2669 G   A "C2'" 
480 O "O2'" . G   A 23 ? 0.1015 0.1695 0.1038 -0.0252 -0.0377 0.0027  2669 G   A "O2'" 
481 C "C1'" . G   A 23 ? 0.0874 0.1600 0.1121 -0.0132 -0.0440 0.0041  2669 G   A "C1'" 
482 N N9    . G   A 23 ? 0.0824 0.1496 0.1148 -0.0086 -0.0473 0.0039  2669 G   A N9    
483 C C8    . G   A 23 ? 0.0909 0.1605 0.1246 -0.0120 -0.0533 0.0007  2669 G   A C8    
484 N N7    . G   A 23 ? 0.0871 0.1699 0.1191 -0.0130 -0.0510 -0.0090 2669 G   A N7    
485 C C5    . G   A 23 ? 0.0818 0.1582 0.0997 -0.0107 -0.0429 -0.0138 2669 G   A C5    
486 C C6    . G   A 23 ? 0.0812 0.1500 0.1122 -0.0067 -0.0403 -0.0159 2669 G   A C6    
487 O O6    . G   A 23 ? 0.0917 0.1434 0.1330 -0.0059 -0.0492 -0.0160 2669 G   A O6    
488 N N1    . G   A 23 ? 0.0766 0.1546 0.1004 -0.0057 -0.0291 -0.0168 2669 G   A N1    
489 C C2    . G   A 23 ? 0.0764 0.1467 0.0969 -0.0067 -0.0307 -0.0158 2669 G   A C2    
490 N N2    . G   A 23 ? 0.0798 0.1517 0.1074 0.0020  -0.0347 -0.0166 2669 G   A N2    
491 N N3    . G   A 23 ? 0.0786 0.1415 0.1071 -0.0154 -0.0380 -0.0100 2669 G   A N3    
492 C C4    . G   A 23 ? 0.0812 0.1521 0.1023 -0.0152 -0.0426 -0.0114 2669 G   A C4    
493 P P     . A   A 24 ? 0.1420 0.3263 0.1062 -0.0332 -0.0188 -0.0219 2670 A   A P     
494 O OP1   . A   A 24 ? 0.1500 0.3435 0.1153 -0.0308 -0.0203 0.0116  2670 A   A OP1   
495 O OP2   . A   A 24 ? 0.1531 0.3424 0.1332 -0.0304 -0.0257 -0.0494 2670 A   A OP2   
496 O "O5'" . A   A 24 ? 0.1329 0.2572 0.1302 -0.0301 -0.0075 -0.0232 2670 A   A "O5'" 
497 C "C5'" . A   A 24 ? 0.1195 0.2171 0.1384 -0.0162 -0.0014 -0.0136 2670 A   A "C5'" 
498 C "C4'" . A   A 24 ? 0.1172 0.1846 0.1371 -0.0035 0.0040  -0.0116 2670 A   A "C4'" 
499 O "O4'" . A   A 24 ? 0.1140 0.1457 0.1300 0.0011  -0.0033 -0.0103 2670 A   A "O4'" 
500 C "C3'" . A   A 24 ? 0.1242 0.2084 0.1492 0.0037  0.0099  -0.0154 2670 A   A "C3'" 
501 O "O3'" . A   A 24 ? 0.1364 0.2863 0.1693 0.0181  0.0284  -0.0212 2670 A   A "O3'" 
502 C "C2'" . A   A 24 ? 0.1137 0.1601 0.1648 -0.0034 -0.0029 -0.0146 2670 A   A "C2'" 
503 O "O2'" . A   A 24 ? 0.1088 0.1570 0.1835 -0.0143 -0.0052 -0.0120 2670 A   A "O2'" 
504 C "C1'" . A   A 24 ? 0.1115 0.1408 0.1472 -0.0020 -0.0136 -0.0081 2670 A   A "C1'" 
505 N N9    . A   A 24 ? 0.1019 0.1384 0.1396 -0.0050 -0.0180 -0.0076 2670 A   A N9    
506 C C8    . A   A 24 ? 0.0976 0.1491 0.1475 -0.0065 -0.0186 -0.0146 2670 A   A C8    
507 N N7    . A   A 24 ? 0.0951 0.1485 0.1409 -0.0064 -0.0213 -0.0192 2670 A   A N7    
508 C C5    . A   A 24 ? 0.0896 0.1330 0.1322 -0.0062 -0.0188 -0.0210 2670 A   A C5    
509 C C6    . A   A 24 ? 0.0778 0.1448 0.1311 -0.0036 -0.0159 -0.0292 2670 A   A C6    
510 N N6    . A   A 24 ? 0.0809 0.1425 0.1491 -0.0099 -0.0226 -0.0336 2670 A   A N6    
511 N N1    . A   A 24 ? 0.0828 0.1331 0.1270 -0.0052 -0.0190 -0.0267 2670 A   A N1    
512 C C2    . A   A 24 ? 0.0870 0.1407 0.1180 -0.0087 -0.0167 -0.0251 2670 A   A C2    
513 N N3    . A   A 24 ? 0.0926 0.1479 0.1233 -0.0101 -0.0134 -0.0210 2670 A   A N3    
514 C C4    . A   A 24 ? 0.0910 0.1487 0.1200 -0.0075 -0.0106 -0.0187 2670 A   A C4    
515 P P     . G   A 25 ? 0.1633 0.3444 0.1867 0.0415  0.0285  -0.0203 2671 G   A P     
516 O OP1   . G   A 25 ? 0.1656 0.3820 0.1912 0.0308  0.0386  -0.0185 2671 G   A OP1   
517 O OP2   . G   A 25 ? 0.1896 0.3575 0.2165 0.0309  0.0056  -0.0263 2671 G   A OP2   
518 O "O5'" . G   A 25 ? 0.1637 0.3522 0.2025 0.0326  0.0238  -0.0090 2671 G   A "O5'" 
519 C "C5'" . G   A 25 ? 0.1651 0.2930 0.2308 0.0264  0.0053  0.0109  2671 G   A "C5'" 
520 C "C4'" . G   A 25 ? 0.1425 0.2304 0.2187 0.0226  0.0130  0.0120  2671 G   A "C4'" 
521 O "O4'" . G   A 25 ? 0.1343 0.1904 0.2147 0.0168  0.0149  0.0100  2671 G   A "O4'" 
522 C "C3'" . G   A 25 ? 0.1332 0.2037 0.1917 0.0190  0.0164  0.0064  2671 G   A "C3'" 
523 O "O3'" . G   A 25 ? 0.1218 0.2160 0.1737 0.0190  0.0253  -0.0002 2671 G   A "O3'" 
524 C "C2'" . G   A 25 ? 0.1333 0.1823 0.1898 0.0121  0.0119  -0.0009 2671 G   A "C2'" 
525 O "O2'" . G   A 25 ? 0.1390 0.1791 0.1932 0.0067  0.0101  -0.0137 2671 G   A "O2'" 
526 C "C1'" . G   A 25 ? 0.1316 0.1831 0.1870 0.0152  0.0102  -0.0023 2671 G   A "C1'" 
527 N N9    . G   A 25 ? 0.1217 0.1863 0.1539 0.0129  0.0096  -0.0042 2671 G   A N9    
528 C C8    . G   A 25 ? 0.1221 0.1991 0.1496 0.0162  0.0037  -0.0066 2671 G   A C8    
529 N N7    . G   A 25 ? 0.1236 0.1930 0.1530 0.0162  -0.0051 0.0033  2671 G   A N7    
530 C C5    . G   A 25 ? 0.1169 0.1903 0.1410 0.0147  -0.0024 -0.0080 2671 G   A C5    
531 C C6    . G   A 25 ? 0.1108 0.1759 0.1239 0.0149  -0.0010 -0.0177 2671 G   A C6    
532 O O6    . G   A 25 ? 0.1109 0.1889 0.1311 0.0111  -0.0070 -0.0208 2671 G   A O6    
533 N N1    . G   A 25 ? 0.1107 0.1706 0.1180 0.0110  -0.0004 -0.0179 2671 G   A N1    
534 C C2    . G   A 25 ? 0.1099 0.1656 0.1173 0.0088  0.0062  -0.0178 2671 G   A C2    
535 N N2    . G   A 25 ? 0.1165 0.1633 0.1256 0.0079  -0.0021 -0.0240 2671 G   A N2    
536 N N3    . G   A 25 ? 0.1118 0.1702 0.1309 0.0093  0.0067  -0.0142 2671 G   A N3    
537 C C4    . G   A 25 ? 0.1199 0.1691 0.1383 0.0128  0.0022  -0.0098 2671 G   A C4    
538 P P     . U   A 26 ? 0.1292 0.2259 0.1646 0.0118  0.0122  0.0070  2672 U   A P     
539 O OP1   . U   A 26 ? 0.1261 0.2415 0.1854 0.0027  0.0204  0.0076  2672 U   A OP1   
540 O OP2   . U   A 26 ? 0.1523 0.2586 0.1771 0.0064  -0.0095 0.0142  2672 U   A OP2   
541 O "O5'" . U   A 26 ? 0.1277 0.2021 0.1417 0.0127  -0.0012 -0.0104 2672 U   A "O5'" 
542 C "C5'" . U   A 26 ? 0.1324 0.1789 0.1409 0.0011  -0.0195 -0.0163 2672 U   A "C5'" 
543 C "C4'" . U   A 26 ? 0.1265 0.1628 0.1404 -0.0026 -0.0255 -0.0233 2672 U   A "C4'" 
544 O "O4'" . U   A 26 ? 0.1232 0.1709 0.1324 0.0009  -0.0183 -0.0298 2672 U   A "O4'" 
545 C "C3'" . U   A 26 ? 0.1114 0.1695 0.1403 0.0027  -0.0224 -0.0280 2672 U   A "C3'" 
546 O "O3'" . U   A 26 ? 0.1006 0.1697 0.1385 0.0051  -0.0252 -0.0217 2672 U   A "O3'" 
547 C "C2'" . U   A 26 ? 0.1142 0.1729 0.1392 -0.0003 -0.0203 -0.0241 2672 U   A "C2'" 
548 O "O2'" . U   A 26 ? 0.1144 0.1852 0.1553 -0.0012 -0.0280 -0.0151 2672 U   A "O2'" 
549 C "C1'" . U   A 26 ? 0.1154 0.1741 0.1378 0.0013  -0.0135 -0.0265 2672 U   A "C1'" 
550 N N1    . U   A 26 ? 0.1151 0.1794 0.1302 0.0095  -0.0070 -0.0213 2672 U   A N1    
551 C C2    . U   A 26 ? 0.1144 0.1700 0.1240 0.0105  -0.0009 -0.0269 2672 U   A C2    
552 O O2    . U   A 26 ? 0.1256 0.1516 0.1526 0.0137  -0.0131 -0.0160 2672 U   A O2    
553 N N3    . U   A 26 ? 0.1081 0.1708 0.1446 0.0163  -0.0006 -0.0250 2672 U   A N3    
554 C C4    . U   A 26 ? 0.1090 0.1858 0.1466 0.0132  -0.0053 -0.0226 2672 U   A C4    
555 O O4    . U   A 26 ? 0.1165 0.2070 0.1528 0.0097  -0.0129 -0.0230 2672 U   A O4    
556 C C5    . U   A 26 ? 0.1106 0.1839 0.1473 0.0129  -0.0073 -0.0104 2672 U   A C5    
557 C C6    . U   A 26 ? 0.1103 0.1940 0.1409 0.0131  -0.0042 -0.0139 2672 U   A C6    
558 P P     . G   A 27 ? 0.0974 0.1769 0.1389 0.0041  -0.0223 -0.0195 2673 G   A P     
559 O OP1   . G   A 27 ? 0.0944 0.1876 0.1635 0.0046  -0.0159 -0.0214 2673 G   A OP1   
560 O OP2   . G   A 27 ? 0.1089 0.2135 0.1436 0.0054  -0.0264 -0.0116 2673 G   A OP2   
561 O "O5'" . G   A 27 ? 0.0987 0.1781 0.1380 0.0021  -0.0349 -0.0250 2673 G   A "O5'" 
562 C "C5'" . G   A 27 ? 0.0960 0.1690 0.1513 0.0033  -0.0421 -0.0280 2673 G   A "C5'" 
563 C "C4'" . G   A 27 ? 0.0918 0.1759 0.1369 -0.0003 -0.0362 -0.0408 2673 G   A "C4'" 
564 O "O4'" . G   A 27 ? 0.0894 0.1568 0.1340 -0.0072 -0.0397 -0.0341 2673 G   A "O4'" 
565 C "C3'" . G   A 27 ? 0.0987 0.1871 0.1383 -0.0007 -0.0325 -0.0473 2673 G   A "C3'" 
566 O "O3'" . G   A 27 ? 0.1063 0.2227 0.1555 -0.0115 -0.0261 -0.0581 2673 G   A "O3'" 
567 C "C2'" . G   A 27 ? 0.1070 0.1654 0.1500 -0.0013 -0.0454 -0.0382 2673 G   A "C2'" 
568 O "O2'" . G   A 27 ? 0.1153 0.1657 0.1968 -0.0005 -0.0548 -0.0266 2673 G   A "O2'" 
569 C "C1'" . G   A 27 ? 0.0969 0.1622 0.1286 -0.0075 -0.0393 -0.0319 2673 G   A "C1'" 
570 N N9    . G   A 27 ? 0.0878 0.1547 0.1153 -0.0072 -0.0310 -0.0237 2673 G   A N9    
571 C C8    . G   A 27 ? 0.0808 0.1502 0.1119 -0.0071 -0.0253 -0.0220 2673 G   A C8    
572 N N7    . G   A 27 ? 0.0784 0.1519 0.1118 -0.0051 -0.0250 -0.0286 2673 G   A N7    
573 C C5    . G   A 27 ? 0.0840 0.1589 0.1083 -0.0039 -0.0261 -0.0326 2673 G   A C5    
574 C C6    . G   A 27 ? 0.0856 0.1645 0.1104 -0.0011 -0.0258 -0.0262 2673 G   A C6    
575 O O6    . G   A 27 ? 0.0907 0.1724 0.1299 0.0026  -0.0355 -0.0157 2673 G   A O6    
576 N N1    . G   A 27 ? 0.0844 0.1713 0.1106 -0.0098 -0.0179 -0.0293 2673 G   A N1    
577 C C2    . G   A 27 ? 0.0899 0.1574 0.0973 -0.0172 -0.0158 -0.0310 2673 G   A C2    
578 N N2    . G   A 27 ? 0.0972 0.1582 0.1272 -0.0187 -0.0223 -0.0297 2673 G   A N2    
579 N N3    . G   A 27 ? 0.0940 0.1494 0.1166 -0.0176 -0.0248 -0.0310 2673 G   A N3    
580 C C4    . G   A 27 ? 0.0880 0.1592 0.1097 -0.0093 -0.0257 -0.0365 2673 G   A C4    
581 C C1    . GOL B .  ? 0.1683 0.2144 0.3642 0.0149  0.0550  0.0336  1    GOL A C1    
582 O O1    . GOL B .  ? 0.1746 0.2106 0.3620 0.0066  0.0505  0.0314  1    GOL A O1    
583 C C2    . GOL B .  ? 0.1497 0.2256 0.3535 0.0224  0.0714  0.0337  1    GOL A C2    
584 O O2    . GOL B .  ? 0.1254 0.2435 0.3370 0.0315  0.0927  0.0330  1    GOL A O2    
585 C C3    . GOL B .  ? 0.1560 0.2267 0.3556 0.0246  0.0660  0.0334  1    GOL A C3    
586 O O3    . GOL B .  ? 0.1536 0.2390 0.3437 0.0289  0.0691  0.0303  1    GOL A O3    
# 
loop_
_pdbx_poly_seq_scheme.asym_id 
_pdbx_poly_seq_scheme.entity_id 
_pdbx_poly_seq_scheme.seq_id 
_pdbx_poly_seq_scheme.mon_id 
_pdbx_poly_seq_scheme.ndb_seq_num 
_pdbx_poly_seq_scheme.pdb_seq_num 
_pdbx_poly_seq_scheme.auth_seq_num 
_pdbx_poly_seq_scheme.pdb_mon_id 
_pdbx_poly_seq_scheme.auth_mon_id 
_pdbx_poly_seq_scheme.pdb_strand_id 
_pdbx_poly_seq_scheme.pdb_ins_code 
_pdbx_poly_seq_scheme.hetero 
A 1 1  U   1  2647 2647 U   U   A . n 
A 1 2  G   2  2648 2648 G   G   A . n 
A 1 3  C   3  2649 2649 C   C   A . n 
A 1 4  OMU 4  2650 2650 OMU OMU A . n 
A 1 5  C   5  2651 2651 C   C   A . n 
A 1 6  C   6  2652 2652 C   C   A . n 
A 1 7  U   7  2653 2653 U   U   A . n 
A 1 8  A   8  2654 2654 A   A   A . n 
A 1 9  G   9  2655 2655 G   G   A . n 
A 1 10 U   10 2656 2656 U   U   A . n 
A 1 11 A   11 2657 2657 A   A   A . n 
A 1 12 C   12 2658 2658 C   C   A . n 
A 1 13 G   13 2659 2659 G   G   A . n 
A 1 14 A   14 2660 2660 A   A   A . n 
A 1 15 G   15 2661 2661 G   G   A . n 
A 1 16 A   16 2662 2662 A   A   A . n 
A 1 17 G   17 2663 2663 G   G   A . n 
A 1 18 G   18 2664 2664 G   G   A . n 
A 1 19 A   19 2665 2665 A   A   A . n 
A 1 20 C   20 2666 2666 C   C   A . n 
A 1 21 C   21 2667 2667 C   C   A . n 
A 1 22 G   22 2668 2668 G   G   A . n 
A 1 23 G   23 2669 2669 G   G   A . n 
A 1 24 A   24 2670 2670 A   A   A . n 
A 1 25 G   25 2671 2671 G   G   A . n 
A 1 26 U   26 2672 2672 U   U   A . n 
A 1 27 G   27 2673 2673 G   G   A . n 
# 
loop_
_pdbx_nonpoly_scheme.asym_id 
_pdbx_nonpoly_scheme.entity_id 
_pdbx_nonpoly_scheme.mon_id 
_pdbx_nonpoly_scheme.ndb_seq_num 
_pdbx_nonpoly_scheme.pdb_seq_num 
_pdbx_nonpoly_scheme.auth_seq_num 
_pdbx_nonpoly_scheme.pdb_mon_id 
_pdbx_nonpoly_scheme.auth_mon_id 
_pdbx_nonpoly_scheme.pdb_strand_id 
_pdbx_nonpoly_scheme.pdb_ins_code 
B 2 GOL 1   1    1    GOL GOL A . 
C 3 HOH 1   2674 2674 HOH HOH A . 
C 3 HOH 2   2675 2675 HOH HOH A . 
C 3 HOH 3   2676 2676 HOH HOH A . 
C 3 HOH 4   2677 2677 HOH HOH A . 
C 3 HOH 5   2678 2678 HOH HOH A . 
C 3 HOH 6   2679 2679 HOH HOH A . 
C 3 HOH 7   2680 2680 HOH HOH A . 
C 3 HOH 8   2681 2681 HOH HOH A . 
C 3 HOH 9   2682 2682 HOH HOH A . 
C 3 HOH 10  2683 2683 HOH HOH A . 
C 3 HOH 11  2684 2684 HOH HOH A . 
C 3 HOH 12  2685 2685 HOH HOH A . 
C 3 HOH 13  2686 2686 HOH HOH A . 
C 3 HOH 14  2687 2687 HOH HOH A . 
C 3 HOH 15  2688 2688 HOH HOH A . 
C 3 HOH 16  2689 2689 HOH HOH A . 
C 3 HOH 17  2690 2690 HOH HOH A . 
C 3 HOH 18  2691 2691 HOH HOH A . 
C 3 HOH 19  2692 2692 HOH HOH A . 
C 3 HOH 20  2693 2693 HOH HOH A . 
C 3 HOH 21  2694 2694 HOH HOH A . 
C 3 HOH 22  2695 2695 HOH HOH A . 
C 3 HOH 23  2696 2696 HOH HOH A . 
C 3 HOH 24  2697 2697 HOH HOH A . 
C 3 HOH 25  2698 2698 HOH HOH A . 
C 3 HOH 26  2699 2699 HOH HOH A . 
C 3 HOH 27  2700 2700 HOH HOH A . 
C 3 HOH 28  2701 2701 HOH HOH A . 
C 3 HOH 29  2702 2702 HOH HOH A . 
C 3 HOH 30  2703 2703 HOH HOH A . 
C 3 HOH 31  2704 2704 HOH HOH A . 
C 3 HOH 32  2705 2705 HOH HOH A . 
C 3 HOH 33  2706 2706 HOH HOH A . 
C 3 HOH 34  2707 2707 HOH HOH A . 
C 3 HOH 35  2708 2708 HOH HOH A . 
C 3 HOH 36  2709 2709 HOH HOH A . 
C 3 HOH 37  2710 2710 HOH HOH A . 
C 3 HOH 38  2711 2711 HOH HOH A . 
C 3 HOH 39  2712 2712 HOH HOH A . 
C 3 HOH 40  2713 2713 HOH HOH A . 
C 3 HOH 41  2714 2714 HOH HOH A . 
C 3 HOH 42  2715 2715 HOH HOH A . 
C 3 HOH 43  2716 2716 HOH HOH A . 
C 3 HOH 44  2717 2717 HOH HOH A . 
C 3 HOH 45  2718 2718 HOH HOH A . 
C 3 HOH 46  2719 2719 HOH HOH A . 
C 3 HOH 47  2720 2720 HOH HOH A . 
C 3 HOH 48  2721 2721 HOH HOH A . 
C 3 HOH 49  2722 2722 HOH HOH A . 
C 3 HOH 50  2723 2723 HOH HOH A . 
C 3 HOH 51  2724 2724 HOH HOH A . 
C 3 HOH 52  2725 2725 HOH HOH A . 
C 3 HOH 53  2726 2726 HOH HOH A . 
C 3 HOH 54  2727 2727 HOH HOH A . 
C 3 HOH 55  2728 2728 HOH HOH A . 
C 3 HOH 56  2729 2729 HOH HOH A . 
C 3 HOH 57  2730 2730 HOH HOH A . 
C 3 HOH 58  2731 2731 HOH HOH A . 
C 3 HOH 59  2732 2732 HOH HOH A . 
C 3 HOH 60  2733 2733 HOH HOH A . 
C 3 HOH 61  2734 2734 HOH HOH A . 
C 3 HOH 62  2735 2735 HOH HOH A . 
C 3 HOH 63  2736 2736 HOH HOH A . 
C 3 HOH 64  2737 2737 HOH HOH A . 
C 3 HOH 65  2738 2738 HOH HOH A . 
C 3 HOH 66  2739 2739 HOH HOH A . 
C 3 HOH 67  2740 2740 HOH HOH A . 
C 3 HOH 68  2741 2741 HOH HOH A . 
C 3 HOH 69  2742 2742 HOH HOH A . 
C 3 HOH 70  2743 2743 HOH HOH A . 
C 3 HOH 71  2744 2744 HOH HOH A . 
C 3 HOH 72  2745 2745 HOH HOH A . 
C 3 HOH 73  2746 2746 HOH HOH A . 
C 3 HOH 74  2747 2747 HOH HOH A . 
C 3 HOH 75  2748 2748 HOH HOH A . 
C 3 HOH 76  2749 2749 HOH HOH A . 
C 3 HOH 77  2750 2750 HOH HOH A . 
C 3 HOH 78  2751 2751 HOH HOH A . 
C 3 HOH 79  2752 2752 HOH HOH A . 
C 3 HOH 80  2753 2753 HOH HOH A . 
C 3 HOH 81  2754 2754 HOH HOH A . 
C 3 HOH 82  2755 2755 HOH HOH A . 
C 3 HOH 83  2756 2756 HOH HOH A . 
C 3 HOH 84  2757 2757 HOH HOH A . 
C 3 HOH 85  2758 2758 HOH HOH A . 
C 3 HOH 86  2759 2759 HOH HOH A . 
C 3 HOH 87  2760 2760 HOH HOH A . 
C 3 HOH 88  2761 2761 HOH HOH A . 
C 3 HOH 89  2762 2762 HOH HOH A . 
C 3 HOH 90  2763 2763 HOH HOH A . 
C 3 HOH 91  2764 2764 HOH HOH A . 
C 3 HOH 92  2765 2765 HOH HOH A . 
C 3 HOH 93  2766 2766 HOH HOH A . 
C 3 HOH 94  2767 2767 HOH HOH A . 
C 3 HOH 95  2768 2768 HOH HOH A . 
C 3 HOH 96  2769 2769 HOH HOH A . 
C 3 HOH 97  2770 2770 HOH HOH A . 
C 3 HOH 98  2771 2771 HOH HOH A . 
C 3 HOH 99  2772 2772 HOH HOH A . 
C 3 HOH 100 2773 2773 HOH HOH A . 
C 3 HOH 101 2774 2774 HOH HOH A . 
C 3 HOH 102 2775 2775 HOH HOH A . 
C 3 HOH 103 2776 2776 HOH HOH A . 
C 3 HOH 104 2777 2777 HOH HOH A . 
C 3 HOH 105 2778 2778 HOH HOH A . 
C 3 HOH 106 2779 2779 HOH HOH A . 
C 3 HOH 107 2780 2780 HOH HOH A . 
C 3 HOH 108 2781 2781 HOH HOH A . 
C 3 HOH 109 2782 2782 HOH HOH A . 
C 3 HOH 110 2783 2783 HOH HOH A . 
C 3 HOH 111 2784 2784 HOH HOH A . 
C 3 HOH 112 2785 2785 HOH HOH A . 
C 3 HOH 113 2786 2786 HOH HOH A . 
C 3 HOH 114 2787 2787 HOH HOH A . 
C 3 HOH 115 2788 2788 HOH HOH A . 
C 3 HOH 116 2789 2789 HOH HOH A . 
C 3 HOH 117 2790 2790 HOH HOH A . 
C 3 HOH 118 2791 2791 HOH HOH A . 
C 3 HOH 119 2792 2792 HOH HOH A . 
C 3 HOH 120 2793 2793 HOH HOH A . 
C 3 HOH 121 2794 2794 HOH HOH A . 
C 3 HOH 122 2795 2795 HOH HOH A . 
C 3 HOH 123 2796 2796 HOH HOH A . 
C 3 HOH 124 2797 2797 HOH HOH A . 
C 3 HOH 125 2798 2798 HOH HOH A . 
C 3 HOH 126 2799 2799 HOH HOH A . 
C 3 HOH 127 2800 2800 HOH HOH A . 
C 3 HOH 128 2801 2801 HOH HOH A . 
C 3 HOH 129 2802 2802 HOH HOH A . 
C 3 HOH 130 2803 2803 HOH HOH A . 
C 3 HOH 131 2804 2804 HOH HOH A . 
C 3 HOH 132 2805 2805 HOH HOH A . 
C 3 HOH 133 2806 2806 HOH HOH A . 
C 3 HOH 134 2807 2807 HOH HOH A . 
C 3 HOH 135 2808 2808 HOH HOH A . 
C 3 HOH 136 2809 2809 HOH HOH A . 
C 3 HOH 137 2810 2810 HOH HOH A . 
C 3 HOH 138 2811 2811 HOH HOH A . 
C 3 HOH 139 2812 2812 HOH HOH A . 
C 3 HOH 140 2813 2813 HOH HOH A . 
C 3 HOH 141 2814 2814 HOH HOH A . 
C 3 HOH 142 2815 2815 HOH HOH A . 
C 3 HOH 143 2816 2816 HOH HOH A . 
C 3 HOH 144 2817 2817 HOH HOH A . 
C 3 HOH 145 2818 2818 HOH HOH A . 
C 3 HOH 146 2819 2819 HOH HOH A . 
C 3 HOH 147 2820 2820 HOH HOH A . 
C 3 HOH 148 2821 2821 HOH HOH A . 
C 3 HOH 149 2822 2822 HOH HOH A . 
C 3 HOH 150 2823 2823 HOH HOH A . 
C 3 HOH 151 2824 2824 HOH HOH A . 
C 3 HOH 152 2825 2825 HOH HOH A . 
C 3 HOH 153 2826 2826 HOH HOH A . 
C 3 HOH 154 2827 2827 HOH HOH A . 
C 3 HOH 155 2828 2828 HOH HOH A . 
C 3 HOH 156 2829 2829 HOH HOH A . 
C 3 HOH 157 2830 2830 HOH HOH A . 
C 3 HOH 158 2831 2831 HOH HOH A . 
C 3 HOH 159 2832 2832 HOH HOH A . 
C 3 HOH 160 2833 2833 HOH HOH A . 
C 3 HOH 161 2834 2834 HOH HOH A . 
C 3 HOH 162 2835 2835 HOH HOH A . 
C 3 HOH 163 2836 2836 HOH HOH A . 
C 3 HOH 164 2837 2837 HOH HOH A . 
C 3 HOH 165 2838 2838 HOH HOH A . 
C 3 HOH 166 2839 2839 HOH HOH A . 
C 3 HOH 167 2840 2840 HOH HOH A . 
C 3 HOH 168 2841 2841 HOH HOH A . 
C 3 HOH 169 2842 2842 HOH HOH A . 
C 3 HOH 170 2843 2843 HOH HOH A . 
C 3 HOH 171 2844 2844 HOH HOH A . 
C 3 HOH 172 2845 2845 HOH HOH A . 
C 3 HOH 173 2846 2846 HOH HOH A . 
C 3 HOH 174 2847 2847 HOH HOH A . 
C 3 HOH 175 2848 2848 HOH HOH A . 
C 3 HOH 176 2849 2849 HOH HOH A . 
C 3 HOH 177 2850 2850 HOH HOH A . 
C 3 HOH 178 2851 2851 HOH HOH A . 
# 
_pdbx_struct_mod_residue.id               1 
_pdbx_struct_mod_residue.label_asym_id    A 
_pdbx_struct_mod_residue.label_comp_id    OMU 
_pdbx_struct_mod_residue.label_seq_id     4 
_pdbx_struct_mod_residue.auth_asym_id     A 
_pdbx_struct_mod_residue.auth_comp_id     OMU 
_pdbx_struct_mod_residue.auth_seq_id      2650 
_pdbx_struct_mod_residue.PDB_ins_code     ? 
_pdbx_struct_mod_residue.parent_comp_id   U 
_pdbx_struct_mod_residue.details          
;O2'-METHYLURIDINE 5'-MONOPHOSPHATE
;
# 
_pdbx_struct_assembly.id                   1 
_pdbx_struct_assembly.details              author_and_software_defined_assembly 
_pdbx_struct_assembly.method_details       PISA 
_pdbx_struct_assembly.oligomeric_details   monomeric 
_pdbx_struct_assembly.oligomeric_count     1 
# 
_pdbx_struct_assembly_gen.assembly_id       1 
_pdbx_struct_assembly_gen.oper_expression   1 
_pdbx_struct_assembly_gen.asym_id_list      A,B,C 
# 
_pdbx_struct_oper_list.id                   1 
_pdbx_struct_oper_list.type                 'identity operation' 
_pdbx_struct_oper_list.name                 1_555 
_pdbx_struct_oper_list.symmetry_operation   x,y,z 
_pdbx_struct_oper_list.matrix[1][1]         1.0000000000 
_pdbx_struct_oper_list.matrix[1][2]         0.0000000000 
_pdbx_struct_oper_list.matrix[1][3]         0.0000000000 
_pdbx_struct_oper_list.vector[1]            0.0000000000 
_pdbx_struct_oper_list.matrix[2][1]         0.0000000000 
_pdbx_struct_oper_list.matrix[2][2]         1.0000000000 
_pdbx_struct_oper_list.matrix[2][3]         0.0000000000 
_pdbx_struct_oper_list.vector[2]            0.0000000000 
_pdbx_struct_oper_list.matrix[3][1]         0.0000000000 
_pdbx_struct_oper_list.matrix[3][2]         0.0000000000 
_pdbx_struct_oper_list.matrix[3][3]         1.0000000000 
_pdbx_struct_oper_list.vector[3]            0.0000000000 
# 
loop_
_pdbx_audit_revision_history.ordinal 
_pdbx_audit_revision_history.data_content_type 
_pdbx_audit_revision_history.major_revision 
_pdbx_audit_revision_history.minor_revision 
_pdbx_audit_revision_history.revision_date 
1 'Structure model' 1 0 2009-03-24 
2 'Structure model' 1 1 2011-07-13 
3 'Structure model' 1 2 2017-10-25 
4 'Structure model' 1 3 2023-08-30 
# 
_pdbx_audit_revision_details.ordinal             1 
_pdbx_audit_revision_details.revision_ordinal    1 
_pdbx_audit_revision_details.data_content_type   'Structure model' 
_pdbx_audit_revision_details.provider            repository 
_pdbx_audit_revision_details.type                'Initial release' 
_pdbx_audit_revision_details.description         ? 
_pdbx_audit_revision_details.details             ? 
# 
loop_
_pdbx_audit_revision_group.ordinal 
_pdbx_audit_revision_group.revision_ordinal 
_pdbx_audit_revision_group.data_content_type 
_pdbx_audit_revision_group.group 
1 2 'Structure model' 'Non-polymer description'   
2 2 'Structure model' 'Version format compliance' 
3 3 'Structure model' Advisory                    
4 3 'Structure model' 'Refinement description'    
5 4 'Structure model' Advisory                    
6 4 'Structure model' 'Data collection'           
7 4 'Structure model' 'Database references'       
8 4 'Structure model' 'Derived calculations'      
9 4 'Structure model' 'Refinement description'    
# 
loop_
_pdbx_audit_revision_category.ordinal 
_pdbx_audit_revision_category.revision_ordinal 
_pdbx_audit_revision_category.data_content_type 
_pdbx_audit_revision_category.category 
1 3 'Structure model' pdbx_unobs_or_zero_occ_atoms  
2 3 'Structure model' software                      
3 4 'Structure model' chem_comp_atom                
4 4 'Structure model' chem_comp_bond                
5 4 'Structure model' database_2                    
6 4 'Structure model' pdbx_initial_refinement_model 
7 4 'Structure model' pdbx_unobs_or_zero_occ_atoms  
8 4 'Structure model' struct_conn                   
9 4 'Structure model' struct_site                   
# 
loop_
_pdbx_audit_revision_item.ordinal 
_pdbx_audit_revision_item.revision_ordinal 
_pdbx_audit_revision_item.data_content_type 
_pdbx_audit_revision_item.item 
1 4 'Structure model' '_database_2.pdbx_DOI'                
2 4 'Structure model' '_database_2.pdbx_database_accession' 
3 4 'Structure model' '_struct_conn.pdbx_leaving_atom_flag' 
4 4 'Structure model' '_struct_site.pdbx_auth_asym_id'      
5 4 'Structure model' '_struct_site.pdbx_auth_comp_id'      
6 4 'Structure model' '_struct_site.pdbx_auth_seq_id'       
# 
loop_
_software.name 
_software.version 
_software.date 
_software.type 
_software.contact_author 
_software.contact_author_email 
_software.classification 
_software.location 
_software.language 
_software.citation_id 
_software.pdbx_ordinal 
XSCALE      .     ?               package 'Wolfgang Kabsch' ?                     'data scaling'    
http://www.mpimf-heidelberg.mpg.de/~kabsch/xds/html_doc/xscale_program.html ?   ? 1 
PHENIX      .     ?               package 'Paul D. Adams'   PDAdams@lbl.gov       refinement        http://www.phenix-online.org/ 
C++ ? 2 
PDB_EXTRACT 3.006 'June 11, 2008' package PDB               help@deposit.rcsb.org 'data extraction' 
http://sw-tools.pdb.org/apps/PDB_EXTRACT/                                   C++ ? 3 
RemDAq      .     ?               ?       ?                 ?                     'data collection' ? ?   ? 4 
XDS         .     ?               ?       ?                 ?                     'data reduction'  ? ?   ? 5 
MOLREP      .     ?               ?       ?                 ?                     phasing           ? ?   ? 6 
# 
_pdbx_unobs_or_zero_occ_atoms.id               1 
_pdbx_unobs_or_zero_occ_atoms.PDB_model_num    1 
_pdbx_unobs_or_zero_occ_atoms.polymer_flag     N 
_pdbx_unobs_or_zero_occ_atoms.occupancy_flag   0 
_pdbx_unobs_or_zero_occ_atoms.auth_asym_id     A 
_pdbx_unobs_or_zero_occ_atoms.auth_comp_id     HOH 
_pdbx_unobs_or_zero_occ_atoms.auth_seq_id      2801 
_pdbx_unobs_or_zero_occ_atoms.PDB_ins_code     ? 
_pdbx_unobs_or_zero_occ_atoms.auth_atom_id     O 
_pdbx_unobs_or_zero_occ_atoms.label_alt_id     A 
_pdbx_unobs_or_zero_occ_atoms.label_asym_id    C 
_pdbx_unobs_or_zero_occ_atoms.label_comp_id    HOH 
_pdbx_unobs_or_zero_occ_atoms.label_seq_id     ? 
_pdbx_unobs_or_zero_occ_atoms.label_atom_id    O 
# 
loop_
_chem_comp_atom.comp_id 
_chem_comp_atom.atom_id 
_chem_comp_atom.type_symbol 
_chem_comp_atom.pdbx_aromatic_flag 
_chem_comp_atom.pdbx_stereo_config 
_chem_comp_atom.pdbx_ordinal 
A   OP3    O N N 1   
A   P      P N N 2   
A   OP1    O N N 3   
A   OP2    O N N 4   
A   "O5'"  O N N 5   
A   "C5'"  C N N 6   
A   "C4'"  C N R 7   
A   "O4'"  O N N 8   
A   "C3'"  C N S 9   
A   "O3'"  O N N 10  
A   "C2'"  C N R 11  
A   "O2'"  O N N 12  
A   "C1'"  C N R 13  
A   N9     N Y N 14  
A   C8     C Y N 15  
A   N7     N Y N 16  
A   C5     C Y N 17  
A   C6     C Y N 18  
A   N6     N N N 19  
A   N1     N Y N 20  
A   C2     C Y N 21  
A   N3     N Y N 22  
A   C4     C Y N 23  
A   HOP3   H N N 24  
A   HOP2   H N N 25  
A   "H5'"  H N N 26  
A   "H5''" H N N 27  
A   "H4'"  H N N 28  
A   "H3'"  H N N 29  
A   "HO3'" H N N 30  
A   "H2'"  H N N 31  
A   "HO2'" H N N 32  
A   "H1'"  H N N 33  
A   H8     H N N 34  
A   H61    H N N 35  
A   H62    H N N 36  
A   H2     H N N 37  
C   OP3    O N N 38  
C   P      P N N 39  
C   OP1    O N N 40  
C   OP2    O N N 41  
C   "O5'"  O N N 42  
C   "C5'"  C N N 43  
C   "C4'"  C N R 44  
C   "O4'"  O N N 45  
C   "C3'"  C N S 46  
C   "O3'"  O N N 47  
C   "C2'"  C N R 48  
C   "O2'"  O N N 49  
C   "C1'"  C N R 50  
C   N1     N N N 51  
C   C2     C N N 52  
C   O2     O N N 53  
C   N3     N N N 54  
C   C4     C N N 55  
C   N4     N N N 56  
C   C5     C N N 57  
C   C6     C N N 58  
C   HOP3   H N N 59  
C   HOP2   H N N 60  
C   "H5'"  H N N 61  
C   "H5''" H N N 62  
C   "H4'"  H N N 63  
C   "H3'"  H N N 64  
C   "HO3'" H N N 65  
C   "H2'"  H N N 66  
C   "HO2'" H N N 67  
C   "H1'"  H N N 68  
C   H41    H N N 69  
C   H42    H N N 70  
C   H5     H N N 71  
C   H6     H N N 72  
G   OP3    O N N 73  
G   P      P N N 74  
G   OP1    O N N 75  
G   OP2    O N N 76  
G   "O5'"  O N N 77  
G   "C5'"  C N N 78  
G   "C4'"  C N R 79  
G   "O4'"  O N N 80  
G   "C3'"  C N S 81  
G   "O3'"  O N N 82  
G   "C2'"  C N R 83  
G   "O2'"  O N N 84  
G   "C1'"  C N R 85  
G   N9     N Y N 86  
G   C8     C Y N 87  
G   N7     N Y N 88  
G   C5     C Y N 89  
G   C6     C N N 90  
G   O6     O N N 91  
G   N1     N N N 92  
G   C2     C N N 93  
G   N2     N N N 94  
G   N3     N N N 95  
G   C4     C Y N 96  
G   HOP3   H N N 97  
G   HOP2   H N N 98  
G   "H5'"  H N N 99  
G   "H5''" H N N 100 
G   "H4'"  H N N 101 
G   "H3'"  H N N 102 
G   "HO3'" H N N 103 
G   "H2'"  H N N 104 
G   "HO2'" H N N 105 
G   "H1'"  H N N 106 
G   H8     H N N 107 
G   H1     H N N 108 
G   H21    H N N 109 
G   H22    H N N 110 
GOL C1     C N N 111 
GOL O1     O N N 112 
GOL C2     C N N 113 
GOL O2     O N N 114 
GOL C3     C N N 115 
GOL O3     O N N 116 
GOL H11    H N N 117 
GOL H12    H N N 118 
GOL HO1    H N N 119 
GOL H2     H N N 120 
GOL HO2    H N N 121 
GOL H31    H N N 122 
GOL H32    H N N 123 
GOL HO3    H N N 124 
HOH O      O N N 125 
HOH H1     H N N 126 
HOH H2     H N N 127 
OMU N1     N N N 128 
OMU C2     C N N 129 
OMU N3     N N N 130 
OMU C4     C N N 131 
OMU C5     C N N 132 
OMU C6     C N N 133 
OMU O2     O N N 134 
OMU O4     O N N 135 
OMU "C1'"  C N R 136 
OMU "C2'"  C N R 137 
OMU "O2'"  O N N 138 
OMU CM2    C N N 139 
OMU "C3'"  C N R 140 
OMU "C4'"  C N R 141 
OMU "O3'"  O N N 142 
OMU "O4'"  O N N 143 
OMU "C5'"  C N N 144 
OMU "O5'"  O N N 145 
OMU P      P N N 146 
OMU OP1    O N N 147 
OMU OP2    O N N 148 
OMU OP3    O N N 149 
OMU HN3    H N N 150 
OMU H5     H N N 151 
OMU H6     H N N 152 
OMU "H1'"  H N N 153 
OMU "H2'"  H N N 154 
OMU HM21   H N N 155 
OMU HM22   H N N 156 
OMU HM23   H N N 157 
OMU "H3'"  H N N 158 
OMU "H4'"  H N N 159 
OMU "HO3'" H N N 160 
OMU "H5'"  H N N 161 
OMU "H5''" H N N 162 
OMU HOP2   H N N 163 
OMU HOP3   H N N 164 
U   OP3    O N N 165 
U   P      P N N 166 
U   OP1    O N N 167 
U   OP2    O N N 168 
U   "O5'"  O N N 169 
U   "C5'"  C N N 170 
U   "C4'"  C N R 171 
U   "O4'"  O N N 172 
U   "C3'"  C N S 173 
U   "O3'"  O N N 174 
U   "C2'"  C N R 175 
U   "O2'"  O N N 176 
U   "C1'"  C N R 177 
U   N1     N N N 178 
U   C2     C N N 179 
U   O2     O N N 180 
U   N3     N N N 181 
U   C4     C N N 182 
U   O4     O N N 183 
U   C5     C N N 184 
U   C6     C N N 185 
U   HOP3   H N N 186 
U   HOP2   H N N 187 
U   "H5'"  H N N 188 
U   "H5''" H N N 189 
U   "H4'"  H N N 190 
U   "H3'"  H N N 191 
U   "HO3'" H N N 192 
U   "H2'"  H N N 193 
U   "HO2'" H N N 194 
U   "H1'"  H N N 195 
U   H3     H N N 196 
U   H5     H N N 197 
U   H6     H N N 198 
# 
loop_
_chem_comp_bond.comp_id 
_chem_comp_bond.atom_id_1 
_chem_comp_bond.atom_id_2 
_chem_comp_bond.value_order 
_chem_comp_bond.pdbx_aromatic_flag 
_chem_comp_bond.pdbx_stereo_config 
_chem_comp_bond.pdbx_ordinal 
A   OP3   P      sing N N 1   
A   OP3   HOP3   sing N N 2   
A   P     OP1    doub N N 3   
A   P     OP2    sing N N 4   
A   P     "O5'"  sing N N 5   
A   OP2   HOP2   sing N N 6   
A   "O5'" "C5'"  sing N N 7   
A   "C5'" "C4'"  sing N N 8   
A   "C5'" "H5'"  sing N N 9   
A   "C5'" "H5''" sing N N 10  
A   "C4'" "O4'"  sing N N 11  
A   "C4'" "C3'"  sing N N 12  
A   "C4'" "H4'"  sing N N 13  
A   "O4'" "C1'"  sing N N 14  
A   "C3'" "O3'"  sing N N 15  
A   "C3'" "C2'"  sing N N 16  
A   "C3'" "H3'"  sing N N 17  
A   "O3'" "HO3'" sing N N 18  
A   "C2'" "O2'"  sing N N 19  
A   "C2'" "C1'"  sing N N 20  
A   "C2'" "H2'"  sing N N 21  
A   "O2'" "HO2'" sing N N 22  
A   "C1'" N9     sing N N 23  
A   "C1'" "H1'"  sing N N 24  
A   N9    C8     sing Y N 25  
A   N9    C4     sing Y N 26  
A   C8    N7     doub Y N 27  
A   C8    H8     sing N N 28  
A   N7    C5     sing Y N 29  
A   C5    C6     sing Y N 30  
A   C5    C4     doub Y N 31  
A   C6    N6     sing N N 32  
A   C6    N1     doub Y N 33  
A   N6    H61    sing N N 34  
A   N6    H62    sing N N 35  
A   N1    C2     sing Y N 36  
A   C2    N3     doub Y N 37  
A   C2    H2     sing N N 38  
A   N3    C4     sing Y N 39  
C   OP3   P      sing N N 40  
C   OP3   HOP3   sing N N 41  
C   P     OP1    doub N N 42  
C   P     OP2    sing N N 43  
C   P     "O5'"  sing N N 44  
C   OP2   HOP2   sing N N 45  
C   "O5'" "C5'"  sing N N 46  
C   "C5'" "C4'"  sing N N 47  
C   "C5'" "H5'"  sing N N 48  
C   "C5'" "H5''" sing N N 49  
C   "C4'" "O4'"  sing N N 50  
C   "C4'" "C3'"  sing N N 51  
C   "C4'" "H4'"  sing N N 52  
C   "O4'" "C1'"  sing N N 53  
C   "C3'" "O3'"  sing N N 54  
C   "C3'" "C2'"  sing N N 55  
C   "C3'" "H3'"  sing N N 56  
C   "O3'" "HO3'" sing N N 57  
C   "C2'" "O2'"  sing N N 58  
C   "C2'" "C1'"  sing N N 59  
C   "C2'" "H2'"  sing N N 60  
C   "O2'" "HO2'" sing N N 61  
C   "C1'" N1     sing N N 62  
C   "C1'" "H1'"  sing N N 63  
C   N1    C2     sing N N 64  
C   N1    C6     sing N N 65  
C   C2    O2     doub N N 66  
C   C2    N3     sing N N 67  
C   N3    C4     doub N N 68  
C   C4    N4     sing N N 69  
C   C4    C5     sing N N 70  
C   N4    H41    sing N N 71  
C   N4    H42    sing N N 72  
C   C5    C6     doub N N 73  
C   C5    H5     sing N N 74  
C   C6    H6     sing N N 75  
G   OP3   P      sing N N 76  
G   OP3   HOP3   sing N N 77  
G   P     OP1    doub N N 78  
G   P     OP2    sing N N 79  
G   P     "O5'"  sing N N 80  
G   OP2   HOP2   sing N N 81  
G   "O5'" "C5'"  sing N N 82  
G   "C5'" "C4'"  sing N N 83  
G   "C5'" "H5'"  sing N N 84  
G   "C5'" "H5''" sing N N 85  
G   "C4'" "O4'"  sing N N 86  
G   "C4'" "C3'"  sing N N 87  
G   "C4'" "H4'"  sing N N 88  
G   "O4'" "C1'"  sing N N 89  
G   "C3'" "O3'"  sing N N 90  
G   "C3'" "C2'"  sing N N 91  
G   "C3'" "H3'"  sing N N 92  
G   "O3'" "HO3'" sing N N 93  
G   "C2'" "O2'"  sing N N 94  
G   "C2'" "C1'"  sing N N 95  
G   "C2'" "H2'"  sing N N 96  
G   "O2'" "HO2'" sing N N 97  
G   "C1'" N9     sing N N 98  
G   "C1'" "H1'"  sing N N 99  
G   N9    C8     sing Y N 100 
G   N9    C4     sing Y N 101 
G   C8    N7     doub Y N 102 
G   C8    H8     sing N N 103 
G   N7    C5     sing Y N 104 
G   C5    C6     sing N N 105 
G   C5    C4     doub Y N 106 
G   C6    O6     doub N N 107 
G   C6    N1     sing N N 108 
G   N1    C2     sing N N 109 
G   N1    H1     sing N N 110 
G   C2    N2     sing N N 111 
G   C2    N3     doub N N 112 
G   N2    H21    sing N N 113 
G   N2    H22    sing N N 114 
G   N3    C4     sing N N 115 
GOL C1    O1     sing N N 116 
GOL C1    C2     sing N N 117 
GOL C1    H11    sing N N 118 
GOL C1    H12    sing N N 119 
GOL O1    HO1    sing N N 120 
GOL C2    O2     sing N N 121 
GOL C2    C3     sing N N 122 
GOL C2    H2     sing N N 123 
GOL O2    HO2    sing N N 124 
GOL C3    O3     sing N N 125 
GOL C3    H31    sing N N 126 
GOL C3    H32    sing N N 127 
GOL O3    HO3    sing N N 128 
HOH O     H1     sing N N 129 
HOH O     H2     sing N N 130 
OMU N1    C2     sing N N 131 
OMU N1    C6     sing N N 132 
OMU N1    "C1'"  sing N N 133 
OMU C2    N3     sing N N 134 
OMU C2    O2     doub N N 135 
OMU N3    C4     sing N N 136 
OMU N3    HN3    sing N N 137 
OMU C4    C5     sing N N 138 
OMU C4    O4     doub N N 139 
OMU C5    C6     doub N N 140 
OMU C5    H5     sing N N 141 
OMU C6    H6     sing N N 142 
OMU "C1'" "C2'"  sing N N 143 
OMU "C1'" "O4'"  sing N N 144 
OMU "C1'" "H1'"  sing N N 145 
OMU "C2'" "O2'"  sing N N 146 
OMU "C2'" "C3'"  sing N N 147 
OMU "C2'" "H2'"  sing N N 148 
OMU "O2'" CM2    sing N N 149 
OMU CM2   HM21   sing N N 150 
OMU CM2   HM22   sing N N 151 
OMU CM2   HM23   sing N N 152 
OMU "C3'" "C4'"  sing N N 153 
OMU "C3'" "O3'"  sing N N 154 
OMU "C3'" "H3'"  sing N N 155 
OMU "C4'" "O4'"  sing N N 156 
OMU "C4'" "C5'"  sing N N 157 
OMU "C4'" "H4'"  sing N N 158 
OMU "O3'" "HO3'" sing N N 159 
OMU "C5'" "O5'"  sing N N 160 
OMU "C5'" "H5'"  sing N N 161 
OMU "C5'" "H5''" sing N N 162 
OMU "O5'" P      sing N N 163 
OMU P     OP1    doub N N 164 
OMU P     OP2    sing N N 165 
OMU P     OP3    sing N N 166 
OMU OP2   HOP2   sing N N 167 
OMU OP3   HOP3   sing N N 168 
U   OP3   P      sing N N 169 
U   OP3   HOP3   sing N N 170 
U   P     OP1    doub N N 171 
U   P     OP2    sing N N 172 
U   P     "O5'"  sing N N 173 
U   OP2   HOP2   sing N N 174 
U   "O5'" "C5'"  sing N N 175 
U   "C5'" "C4'"  sing N N 176 
U   "C5'" "H5'"  sing N N 177 
U   "C5'" "H5''" sing N N 178 
U   "C4'" "O4'"  sing N N 179 
U   "C4'" "C3'"  sing N N 180 
U   "C4'" "H4'"  sing N N 181 
U   "O4'" "C1'"  sing N N 182 
U   "C3'" "O3'"  sing N N 183 
U   "C3'" "C2'"  sing N N 184 
U   "C3'" "H3'"  sing N N 185 
U   "O3'" "HO3'" sing N N 186 
U   "C2'" "O2'"  sing N N 187 
U   "C2'" "C1'"  sing N N 188 
U   "C2'" "H2'"  sing N N 189 
U   "O2'" "HO2'" sing N N 190 
U   "C1'" N1     sing N N 191 
U   "C1'" "H1'"  sing N N 192 
U   N1    C2     sing N N 193 
U   N1    C6     sing N N 194 
U   C2    O2     doub N N 195 
U   C2    N3     sing N N 196 
U   N3    C4     sing N N 197 
U   N3    H3     sing N N 198 
U   C4    O4     doub N N 199 
U   C4    C5     sing N N 200 
U   C5    C6     doub N N 201 
U   C5    H5     sing N N 202 
U   C6    H6     sing N N 203 
# 
loop_
_ndb_struct_conf_na.entry_id 
_ndb_struct_conf_na.feature 
3DW4 'double helix'         
3DW4 'a-form double helix'  
3DW4 'mismatched base pair' 
3DW4 'triple helix'         
# 
loop_
_ndb_struct_na_base_pair.model_number 
_ndb_struct_na_base_pair.i_label_asym_id 
_ndb_struct_na_base_pair.i_label_comp_id 
_ndb_struct_na_base_pair.i_label_seq_id 
_ndb_struct_na_base_pair.i_symmetry 
_ndb_struct_na_base_pair.j_label_asym_id 
_ndb_struct_na_base_pair.j_label_comp_id 
_ndb_struct_na_base_pair.j_label_seq_id 
_ndb_struct_na_base_pair.j_symmetry 
_ndb_struct_na_base_pair.shear 
_ndb_struct_na_base_pair.stretch 
_ndb_struct_na_base_pair.stagger 
_ndb_struct_na_base_pair.buckle 
_ndb_struct_na_base_pair.propeller 
_ndb_struct_na_base_pair.opening 
_ndb_struct_na_base_pair.pair_number 
_ndb_struct_na_base_pair.pair_name 
_ndb_struct_na_base_pair.i_auth_asym_id 
_ndb_struct_na_base_pair.i_auth_seq_id 
_ndb_struct_na_base_pair.i_PDB_ins_code 
_ndb_struct_na_base_pair.j_auth_asym_id 
_ndb_struct_na_base_pair.j_auth_seq_id 
_ndb_struct_na_base_pair.j_PDB_ins_code 
_ndb_struct_na_base_pair.hbond_type_28 
_ndb_struct_na_base_pair.hbond_type_12 
1 A G   2  1_555 A U 26 1_555 -2.394 -0.528 0.246  5.383  -12.727 2.044    1  A_G2648:U2672_A   A 2648 ? A 2672 ? 28 ?  
1 A C   3  1_555 A G 25 1_555 0.263  -0.235 0.152  6.936  -20.110 -0.811   2  A_C2649:G2671_A   A 2649 ? A 2671 ? 19 1  
1 A OMU 4  1_555 A A 24 1_555 -0.174 -0.047 0.191  3.322  -13.788 1.207    3  A_OMU2650:A2670_A A 2650 ? A 2670 ? 20 1  
1 A C   5  1_555 A G 23 1_555 0.281  -0.150 0.018  6.215  -17.306 2.044    4  A_C2651:G2669_A   A 2651 ? A 2669 ? 19 1  
1 A C   6  1_555 A G 22 1_555 0.298  -0.158 0.050  -2.551 -12.345 -2.249   5  A_C2652:G2668_A   A 2652 ? A 2668 ? 19 1  
1 A U   7  1_555 A C 21 1_555 5.708  -2.179 -0.184 -2.998 -11.763 -13.033  6  A_U2653:C2667_A   A 2653 ? A 2667 ? ?  ?  
1 A U   10 1_555 A A 19 1_555 4.103  -1.743 -0.789 7.342  -20.945 -104.208 7  A_U2656:A2665_A   A 2656 ? A 2665 ? 24 4  
1 A A   11 1_555 A G 18 1_555 -6.842 -4.310 -0.069 -2.369 3.197   -3.389   8  A_A2657:G2664_A   A 2657 ? A 2664 ? 11 10 
1 A C   12 1_555 A G 17 1_555 0.154  -0.087 -0.222 6.926  -1.395  0.901    9  A_C2658:G2663_A   A 2658 ? A 2663 ? 19 1  
1 A G   13 1_555 A A 16 1_555 7.203  -5.271 0.784  18.711 -4.001  -18.999  10 A_G2659:A2662_A   A 2659 ? A 2662 ? ?  ?  
# 
loop_
_ndb_struct_na_base_pair_step.model_number 
_ndb_struct_na_base_pair_step.i_label_asym_id_1 
_ndb_struct_na_base_pair_step.i_label_comp_id_1 
_ndb_struct_na_base_pair_step.i_label_seq_id_1 
_ndb_struct_na_base_pair_step.i_symmetry_1 
_ndb_struct_na_base_pair_step.j_label_asym_id_1 
_ndb_struct_na_base_pair_step.j_label_comp_id_1 
_ndb_struct_na_base_pair_step.j_label_seq_id_1 
_ndb_struct_na_base_pair_step.j_symmetry_1 
_ndb_struct_na_base_pair_step.i_label_asym_id_2 
_ndb_struct_na_base_pair_step.i_label_comp_id_2 
_ndb_struct_na_base_pair_step.i_label_seq_id_2 
_ndb_struct_na_base_pair_step.i_symmetry_2 
_ndb_struct_na_base_pair_step.j_label_asym_id_2 
_ndb_struct_na_base_pair_step.j_label_comp_id_2 
_ndb_struct_na_base_pair_step.j_label_seq_id_2 
_ndb_struct_na_base_pair_step.j_symmetry_2 
_ndb_struct_na_base_pair_step.shift 
_ndb_struct_na_base_pair_step.slide 
_ndb_struct_na_base_pair_step.rise 
_ndb_struct_na_base_pair_step.tilt 
_ndb_struct_na_base_pair_step.roll 
_ndb_struct_na_base_pair_step.twist 
_ndb_struct_na_base_pair_step.x_displacement 
_ndb_struct_na_base_pair_step.y_displacement 
_ndb_struct_na_base_pair_step.helical_rise 
_ndb_struct_na_base_pair_step.inclination 
_ndb_struct_na_base_pair_step.tip 
_ndb_struct_na_base_pair_step.helical_twist 
_ndb_struct_na_base_pair_step.step_number 
_ndb_struct_na_base_pair_step.step_name 
_ndb_struct_na_base_pair_step.i_auth_asym_id_1 
_ndb_struct_na_base_pair_step.i_auth_seq_id_1 
_ndb_struct_na_base_pair_step.i_PDB_ins_code_1 
_ndb_struct_na_base_pair_step.j_auth_asym_id_1 
_ndb_struct_na_base_pair_step.j_auth_seq_id_1 
_ndb_struct_na_base_pair_step.j_PDB_ins_code_1 
_ndb_struct_na_base_pair_step.i_auth_asym_id_2 
_ndb_struct_na_base_pair_step.i_auth_seq_id_2 
_ndb_struct_na_base_pair_step.i_PDB_ins_code_2 
_ndb_struct_na_base_pair_step.j_auth_asym_id_2 
_ndb_struct_na_base_pair_step.j_auth_seq_id_2 
_ndb_struct_na_base_pair_step.j_PDB_ins_code_2 
1 A G   2  1_555 A U 26 1_555 A C   3  1_555 A G 25 1_555 0.006  -1.123 3.135 -0.491 3.426  44.479  -1.776 -0.051 3.044 4.517  
0.647   44.607  1 AA_G2648C2649:G2671U2672_AA   A 2648 ? A 2672 ? A 2649 ? A 2671 ? 
1 A C   3  1_555 A G 25 1_555 A OMU 4  1_555 A A 24 1_555 -0.665 -1.797 3.204 -4.338 8.893  27.909  -5.241 0.464  2.593 17.748 
8.657   29.578  2 AA_C2649OMU2650:A2670G2671_AA A 2649 ? A 2671 ? A 2650 ? A 2670 ? 
1 A OMU 4  1_555 A A 24 1_555 A C   5  1_555 A G 23 1_555 0.341  -1.100 3.086 0.472  4.471  35.269  -2.404 -0.495 2.933 7.343  
-0.775  35.545  3 AA_OMU2650C2651:G2669A2670_AA A 2650 ? A 2670 ? A 2651 ? A 2669 ? 
1 A C   5  1_555 A G 23 1_555 A C   6  1_555 A G 22 1_555 -0.632 -1.909 3.379 -0.268 7.727  32.173  -4.617 1.066  2.861 13.698 
0.474   33.065  4 AA_C2651C2652:G2668G2669_AA   A 2651 ? A 2669 ? A 2652 ? A 2668 ? 
1 A C   6  1_555 A G 22 1_555 A U   7  1_555 A C 21 1_555 -0.443 -0.963 3.470 7.301  8.741  54.513  -1.557 0.913  3.214 9.427  
-7.875  55.600  5 AA_C2652U2653:C2667G2668_AA   A 2652 ? A 2668 ? A 2653 ? A 2667 ? 
1 A U   7  1_555 A C 21 1_555 A U   10 1_555 A A 19 1_555 0.393  -0.883 6.301 4.752  -3.486 32.696  -0.407 0.864  6.351 -6.129 
-8.356  33.209  6 AA_U2653U2656:A2665C2667_AA   A 2653 ? A 2667 ? A 2656 ? A 2665 ? 
1 A U   10 1_555 A A 19 1_555 A A   11 1_555 A G 18 1_555 5.240  -1.335 3.576 -2.146 -2.620 -11.955 9.948  21.119 4.063 12.261 
-10.045 -12.424 7 AA_U2656A2657:G2664A2665_AA   A 2656 ? A 2665 ? A 2657 ? A 2664 ? 
1 A A   11 1_555 A G 18 1_555 A C   12 1_555 A G 17 1_555 0.208  -1.204 3.153 -1.474 4.052  59.951  -1.392 -0.277 3.068 4.050  
1.473   60.091  8 AA_A2657C2658:G2663G2664_AA   A 2657 ? A 2664 ? A 2658 ? A 2663 ? 
1 A C   12 1_555 A G 17 1_555 A G   13 1_555 A A 16 1_555 -2.822 -1.387 2.917 -7.654 6.642  49.513  -2.065 2.804  3.095 7.836  
9.029   50.475  9 AA_C2658G2659:A2662G2663_AA   A 2658 ? A 2663 ? A 2659 ? A 2662 ? 
# 
loop_
_pdbx_entity_nonpoly.entity_id 
_pdbx_entity_nonpoly.name 
_pdbx_entity_nonpoly.comp_id 
2 GLYCEROL GOL 
3 water    HOH 
# 
_pdbx_initial_refinement_model.id               1 
_pdbx_initial_refinement_model.entity_id_list   ? 
_pdbx_initial_refinement_model.type             'experimental model' 
_pdbx_initial_refinement_model.source_name      PDB 
_pdbx_initial_refinement_model.accession_code   1Q9A 
_pdbx_initial_refinement_model.details          ? 
# 
